data_9DS0
#
_entry.id   9DS0
#
_cell.length_a   72.348
_cell.length_b   88.752
_cell.length_c   91.596
_cell.angle_alpha   64.224
_cell.angle_beta   86.930
_cell.angle_gamma   90.009
#
_symmetry.space_group_name_H-M   'P 1'
#
loop_
_entity.id
_entity.type
_entity.pdbx_description
1 polymer '8-amino-7-oxononanoate synthase'
2 non-polymer '(2E,3E)-2-{[(Z)-{3-hydroxy-2-methyl-5-[(phosphonooxy)methyl]pyridin-4(1H)-ylidene}methyl]imino}pent-3-enoic acid'
3 non-polymer 'ACETIC ACID'
4 non-polymer 2-AMINO-2-HYDROXYMETHYL-PROPANE-1,3-DIOL
5 non-polymer DI(HYDROXYETHYL)ETHER
6 non-polymer 1,2-ETHANEDIOL
7 non-polymer 'SODIUM ION'
8 non-polymer 'CHLORIDE ION'
9 non-polymer 'POTASSIUM ION'
10 water water
#
_entity_poly.entity_id   1
_entity_poly.type   'polypeptide(L)'
_entity_poly.pdbx_seq_one_letter_code
;MGSSHHHHHHENLYFQSNAANGKVVSEMIAWIKSQKLIAPRMKDAPTFYRNLEEALDVRRSTQSLMTRGQSTWKTGDAID
FCSNDLLSLGLTGELRREFLAELARHPDFSLHSGGSRVMGGNYDYIEAVEQEIADFLGAETALMFNSGSNGNIAIYTAIP
RPGDAIVYDELVHFSTHTGMAASLATTKVAFRHNDLDAFREAMSSTMDSHPMLQDGSRSILVSVESVYSMDGDVCPLVEM
LEIAREICPKGNFAFIADEAHATGVVGPRGVGLVKLLGLENEVAIRLNTCGKALACTGSVVLGNATVRNMLLNYAGSLVN
TTAPSFPSVAVIRAAYNLMRTGATQKAQDNIQHLVKYFFESITSSNIWDKATDLGILSIPVAEDYESLDFVTHIVPIWTR
QKYNWWLFFHLQLAKIAVVPIDYPQVPKGKSRVRVMIHAGNTEEQVDYLVATLCDFANEMIDIEEGGEKGKIPKAAQEIY
ALMAAHA
;
_entity_poly.pdbx_strand_id   A,B,C,D
#
loop_
_chem_comp.id
_chem_comp.type
_chem_comp.name
_chem_comp.formula
A1BDC non-polymer '(2E,3E)-2-{[(Z)-{3-hydroxy-2-methyl-5-[(phosphonooxy)methyl]pyridin-4(1H)-ylidene}methyl]imino}pent-3-enoic acid' 'C13 H17 N2 O7 P'
ACY non-polymer 'ACETIC ACID' 'C2 H4 O2'
CL non-polymer 'CHLORIDE ION' 'Cl -1'
EDO non-polymer 1,2-ETHANEDIOL 'C2 H6 O2'
K non-polymer 'POTASSIUM ION' 'K 1'
NA non-polymer 'SODIUM ION' 'Na 1'
PEG non-polymer DI(HYDROXYETHYL)ETHER 'C4 H10 O3'
TRS non-polymer 2-AMINO-2-HYDROXYMETHYL-PROPANE-1,3-DIOL 'C4 H12 N O3 1'
#
# COMPACT_ATOMS: atom_id res chain seq x y z
N GLY A 22 8.48 6.25 -40.61
CA GLY A 22 7.48 7.30 -40.71
C GLY A 22 6.46 7.31 -39.57
N LYS A 23 5.38 6.56 -39.73
CA LYS A 23 4.28 6.55 -38.77
C LYS A 23 4.64 5.77 -37.51
N VAL A 24 5.31 4.63 -37.66
CA VAL A 24 5.84 3.90 -36.51
C VAL A 24 6.71 4.80 -35.65
N VAL A 25 7.59 5.58 -36.28
CA VAL A 25 8.48 6.44 -35.50
C VAL A 25 7.68 7.48 -34.75
N SER A 26 6.65 8.04 -35.39
CA SER A 26 5.84 9.09 -34.77
C SER A 26 5.23 8.59 -33.48
N GLU A 27 4.59 7.41 -33.51
CA GLU A 27 3.94 6.91 -32.30
C GLU A 27 4.95 6.53 -31.24
N MET A 28 6.15 6.13 -31.64
CA MET A 28 7.19 5.83 -30.67
C MET A 28 7.66 7.11 -29.96
N ILE A 29 7.79 8.21 -30.70
CA ILE A 29 8.12 9.50 -30.08
C ILE A 29 7.02 9.90 -29.10
N ALA A 30 5.76 9.91 -29.57
CA ALA A 30 4.65 10.24 -28.69
C ALA A 30 4.63 9.34 -27.44
N TRP A 31 4.95 8.06 -27.62
CA TRP A 31 5.01 7.16 -26.47
C TRP A 31 6.13 7.55 -25.52
N ILE A 32 7.32 7.87 -26.06
CA ILE A 32 8.44 8.29 -25.21
C ILE A 32 8.09 9.54 -24.43
N LYS A 33 7.50 10.52 -25.09
CA LYS A 33 7.17 11.78 -24.42
C LYS A 33 6.19 11.55 -23.28
N SER A 34 5.25 10.61 -23.45
CA SER A 34 4.26 10.38 -22.40
C SER A 34 4.87 9.73 -21.15
N GLN A 35 6.09 9.21 -21.23
CA GLN A 35 6.70 8.62 -20.04
C GLN A 35 7.50 9.63 -19.22
N LYS A 36 7.69 10.85 -19.73
CA LYS A 36 8.37 11.90 -18.97
C LYS A 36 7.60 12.22 -17.70
N LEU A 37 8.33 12.34 -16.59
CA LEU A 37 7.68 12.55 -15.30
C LEU A 37 6.93 13.88 -15.31
N ILE A 38 5.74 13.91 -14.69
CA ILE A 38 4.92 15.11 -14.67
C ILE A 38 4.87 15.76 -13.28
N ALA A 39 5.02 14.98 -12.21
CA ALA A 39 4.94 15.55 -10.86
C ALA A 39 5.77 16.80 -10.64
N PRO A 40 7.02 16.91 -11.13
CA PRO A 40 7.80 18.15 -10.85
C PRO A 40 7.15 19.41 -11.39
N ARG A 41 6.30 19.30 -12.41
CA ARG A 41 5.52 20.41 -12.95
C ARG A 41 4.22 20.68 -12.19
N MET A 42 3.91 19.93 -11.14
CA MET A 42 2.60 20.00 -10.51
C MET A 42 2.64 20.64 -9.12
N LYS A 43 3.75 21.28 -8.73
CA LYS A 43 3.93 21.68 -7.34
C LYS A 43 2.85 22.65 -6.89
N ASP A 44 2.40 23.54 -7.76
CA ASP A 44 1.40 24.52 -7.40
C ASP A 44 -0.02 24.11 -7.80
N ALA A 45 -0.23 22.85 -8.13
CA ALA A 45 -1.57 22.42 -8.50
C ALA A 45 -2.32 21.96 -7.26
N PRO A 46 -3.66 21.91 -7.32
CA PRO A 46 -4.43 21.39 -6.18
C PRO A 46 -4.01 19.96 -5.82
N THR A 47 -4.25 19.60 -4.55
CA THR A 47 -3.85 18.29 -4.04
C THR A 47 -4.37 17.16 -4.92
N PHE A 48 -5.67 17.16 -5.20
CA PHE A 48 -6.27 16.12 -6.02
C PHE A 48 -5.45 15.89 -7.28
N TYR A 49 -5.13 16.96 -8.01
CA TYR A 49 -4.47 16.76 -9.30
C TYR A 49 -2.99 16.38 -9.14
N ARG A 50 -2.29 16.95 -8.15
CA ARG A 50 -0.91 16.50 -7.92
C ARG A 50 -0.84 15.00 -7.64
N ASN A 51 -1.78 14.50 -6.85
CA ASN A 51 -1.65 13.11 -6.42
C ASN A 51 -1.98 12.13 -7.55
N LEU A 52 -2.87 12.50 -8.47
CA LEU A 52 -3.06 11.68 -9.66
C LEU A 52 -1.82 11.68 -10.56
N GLU A 53 -1.15 12.82 -10.75
CA GLU A 53 0.02 12.75 -11.62
C GLU A 53 1.16 11.96 -10.97
N GLU A 54 1.32 12.05 -9.63
CA GLU A 54 2.28 11.17 -8.94
C GLU A 54 1.96 9.71 -9.18
N ALA A 55 0.69 9.34 -9.01
CA ALA A 55 0.23 8.00 -9.38
C ALA A 55 0.59 7.67 -10.83
N LEU A 56 0.34 8.62 -11.76
CA LEU A 56 0.72 8.34 -13.14
C LEU A 56 2.24 8.28 -13.31
N ASP A 57 2.98 9.13 -12.60
CA ASP A 57 4.44 9.01 -12.67
C ASP A 57 4.92 7.63 -12.23
N VAL A 58 4.20 6.96 -11.31
CA VAL A 58 4.62 5.60 -10.94
C VAL A 58 4.80 4.77 -12.21
N ARG A 59 3.78 4.78 -13.07
CA ARG A 59 3.83 3.97 -14.28
C ARG A 59 4.81 4.52 -15.30
N ARG A 60 4.78 5.84 -15.52
CA ARG A 60 5.76 6.47 -16.41
C ARG A 60 7.18 6.04 -16.04
N SER A 61 7.46 5.89 -14.75
CA SER A 61 8.83 5.66 -14.31
C SER A 61 9.36 4.28 -14.68
N THR A 62 8.48 3.30 -14.94
CA THR A 62 8.90 2.06 -15.58
C THR A 62 8.56 2.02 -17.06
N GLN A 63 8.34 3.19 -17.67
CA GLN A 63 7.93 3.30 -19.07
C GLN A 63 6.71 2.46 -19.35
N SER A 64 5.81 2.38 -18.35
CA SER A 64 4.63 1.55 -18.37
C SER A 64 3.35 2.34 -18.65
N LEU A 65 3.45 3.61 -19.04
CA LEU A 65 2.23 4.39 -19.18
C LEU A 65 1.57 4.10 -20.51
N MET A 66 0.27 3.81 -20.47
CA MET A 66 -0.50 3.56 -21.67
C MET A 66 -1.37 4.77 -21.95
N THR A 67 -1.39 5.23 -23.20
CA THR A 67 -2.27 6.35 -23.53
C THR A 67 -3.20 5.97 -24.67
N ARG A 68 -2.70 5.97 -25.91
CA ARG A 68 -3.51 5.64 -27.05
C ARG A 68 -3.12 4.32 -27.71
N GLY A 69 -2.05 3.67 -27.26
CA GLY A 69 -1.77 2.38 -27.85
C GLY A 69 -1.38 2.50 -29.33
N GLN A 70 -1.25 1.34 -29.97
CA GLN A 70 -0.75 1.25 -31.33
C GLN A 70 -1.91 1.21 -32.33
N SER A 71 -1.76 1.93 -33.43
CA SER A 71 -2.80 2.02 -34.45
C SER A 71 -2.33 1.67 -35.85
N THR A 72 -1.03 1.42 -36.04
CA THR A 72 -0.52 1.17 -37.39
C THR A 72 -1.22 -0.03 -38.06
N TRP A 73 -1.68 -1.00 -37.26
CA TRP A 73 -2.31 -2.18 -37.86
C TRP A 73 -3.64 -1.85 -38.51
N LYS A 74 -4.32 -0.81 -38.01
CA LYS A 74 -5.62 -0.40 -38.53
C LYS A 74 -5.49 0.47 -39.77
N THR A 75 -4.36 1.15 -39.93
CA THR A 75 -4.15 2.10 -41.01
C THR A 75 -3.35 1.52 -42.17
N GLY A 76 -3.01 0.24 -42.15
CA GLY A 76 -2.18 -0.30 -43.21
C GLY A 76 -0.71 0.07 -43.13
N ASP A 77 -0.28 0.77 -42.09
CA ASP A 77 1.12 1.11 -41.95
C ASP A 77 1.95 -0.05 -41.42
N ALA A 78 1.31 -1.04 -40.81
CA ALA A 78 2.00 -2.20 -40.31
C ALA A 78 1.10 -3.40 -40.57
N ILE A 79 1.72 -4.57 -40.75
CA ILE A 79 0.96 -5.80 -40.88
C ILE A 79 0.29 -6.11 -39.54
N ASP A 80 -0.97 -6.58 -39.59
CA ASP A 80 -1.76 -6.85 -38.39
C ASP A 80 -1.45 -8.26 -37.87
N PHE A 81 -0.50 -8.36 -36.94
CA PHE A 81 -0.37 -9.57 -36.12
C PHE A 81 -0.68 -9.29 -34.65
N CYS A 82 -1.53 -8.28 -34.38
CA CYS A 82 -1.75 -7.88 -32.99
C CYS A 82 -3.23 -7.83 -32.59
N SER A 83 -4.13 -7.55 -33.54
CA SER A 83 -5.51 -7.28 -33.15
C SER A 83 -6.27 -8.55 -32.80
N ASN A 84 -7.45 -8.34 -32.22
CA ASN A 84 -8.38 -9.40 -31.87
C ASN A 84 -9.42 -9.67 -32.95
N ASP A 85 -9.26 -9.10 -34.16
CA ASP A 85 -10.21 -9.31 -35.25
C ASP A 85 -9.90 -10.67 -35.90
N LEU A 86 -10.22 -11.73 -35.14
CA LEU A 86 -9.66 -13.05 -35.41
C LEU A 86 -10.10 -13.62 -36.76
N LEU A 87 -11.38 -13.50 -37.09
CA LEU A 87 -11.89 -13.99 -38.36
C LEU A 87 -11.88 -12.93 -39.44
N SER A 88 -11.23 -11.78 -39.19
CA SER A 88 -11.22 -10.63 -40.10
C SER A 88 -12.63 -10.19 -40.52
N LEU A 89 -13.68 -10.58 -39.77
CA LEU A 89 -15.02 -10.05 -40.03
C LEU A 89 -15.05 -8.51 -39.93
N GLY A 90 -14.16 -7.94 -39.14
CA GLY A 90 -14.07 -6.49 -39.08
C GLY A 90 -13.44 -5.93 -40.35
N LEU A 91 -12.24 -6.41 -40.66
CA LEU A 91 -11.49 -5.88 -41.80
C LEU A 91 -12.31 -5.91 -43.08
N THR A 92 -12.96 -7.03 -43.37
CA THR A 92 -13.59 -7.17 -44.67
C THR A 92 -14.94 -6.47 -44.75
N GLY A 93 -15.50 -6.00 -43.64
CA GLY A 93 -16.81 -5.42 -43.63
C GLY A 93 -17.93 -6.43 -43.65
N GLU A 94 -17.61 -7.72 -43.53
CA GLU A 94 -18.63 -8.75 -43.64
C GLU A 94 -19.64 -8.63 -42.50
N LEU A 95 -19.16 -8.30 -41.28
CA LEU A 95 -20.09 -8.11 -40.17
C LEU A 95 -20.87 -6.81 -40.33
N ARG A 96 -20.22 -5.74 -40.80
CA ARG A 96 -20.92 -4.48 -41.06
C ARG A 96 -22.13 -4.71 -41.97
N ARG A 97 -21.91 -5.40 -43.09
CA ARG A 97 -22.99 -5.64 -44.04
C ARG A 97 -24.12 -6.47 -43.41
N GLU A 98 -23.79 -7.58 -42.78
CA GLU A 98 -24.82 -8.41 -42.16
C GLU A 98 -25.55 -7.65 -41.05
N PHE A 99 -24.85 -6.73 -40.37
CA PHE A 99 -25.47 -5.93 -39.32
C PHE A 99 -26.45 -4.90 -39.89
N LEU A 100 -26.08 -4.23 -40.99
CA LEU A 100 -27.00 -3.27 -41.58
C LEU A 100 -28.19 -3.96 -42.24
N ALA A 101 -27.97 -5.15 -42.80
CA ALA A 101 -29.10 -5.97 -43.27
C ALA A 101 -30.00 -6.39 -42.12
N GLU A 102 -29.42 -6.70 -40.95
CA GLU A 102 -30.26 -7.04 -39.81
C GLU A 102 -31.10 -5.85 -39.40
N LEU A 103 -30.51 -4.65 -39.38
CA LEU A 103 -31.30 -3.45 -39.11
C LEU A 103 -32.41 -3.26 -40.14
N ALA A 104 -32.09 -3.43 -41.44
CA ALA A 104 -33.08 -3.18 -42.49
C ALA A 104 -34.28 -4.12 -42.38
N ARG A 105 -34.10 -5.34 -41.87
CA ARG A 105 -35.25 -6.21 -41.70
C ARG A 105 -36.14 -5.80 -40.54
N HIS A 106 -35.73 -4.83 -39.71
CA HIS A 106 -36.58 -4.29 -38.65
C HIS A 106 -36.70 -2.77 -38.80
N PRO A 107 -37.39 -2.30 -39.85
CA PRO A 107 -37.34 -0.87 -40.19
C PRO A 107 -37.96 0.06 -39.17
N ASP A 108 -38.75 -0.44 -38.22
CA ASP A 108 -39.33 0.43 -37.20
C ASP A 108 -38.78 0.14 -35.81
N PHE A 109 -37.57 -0.43 -35.73
CA PHE A 109 -37.13 -1.01 -34.46
C PHE A 109 -37.10 0.06 -33.37
N SER A 110 -37.48 -0.37 -32.17
CA SER A 110 -37.42 0.46 -30.97
C SER A 110 -36.02 0.40 -30.42
N LEU A 111 -35.27 1.50 -30.59
CA LEU A 111 -33.85 1.49 -30.29
C LEU A 111 -33.59 1.27 -28.81
N HIS A 112 -34.34 1.96 -27.96
CA HIS A 112 -34.06 2.06 -26.54
C HIS A 112 -34.70 0.92 -25.75
N SER A 113 -33.94 0.33 -24.82
CA SER A 113 -34.50 -0.73 -23.97
C SER A 113 -35.50 -0.14 -22.98
N GLY A 114 -35.22 1.02 -22.43
CA GLY A 114 -36.13 1.67 -21.51
C GLY A 114 -35.81 1.50 -20.04
N GLY A 115 -34.88 0.61 -19.70
CA GLY A 115 -34.51 0.44 -18.30
C GLY A 115 -33.75 -0.87 -18.11
N SER A 116 -33.61 -1.24 -16.85
CA SER A 116 -33.01 -2.52 -16.48
C SER A 116 -33.74 -3.68 -17.16
N ARG A 117 -32.98 -4.76 -17.37
CA ARG A 117 -33.49 -5.99 -17.94
C ARG A 117 -34.57 -6.63 -17.07
N VAL A 118 -34.62 -6.31 -15.77
CA VAL A 118 -35.63 -6.87 -14.88
C VAL A 118 -36.60 -5.81 -14.39
N MET A 119 -36.58 -4.62 -14.98
CA MET A 119 -37.47 -3.55 -14.50
C MET A 119 -38.14 -2.81 -15.66
N GLY A 120 -38.35 -3.45 -16.80
CA GLY A 120 -38.95 -2.76 -17.92
C GLY A 120 -38.08 -2.60 -19.16
N GLY A 121 -36.83 -3.02 -19.13
CA GLY A 121 -36.02 -3.06 -20.34
C GLY A 121 -36.00 -4.36 -21.10
N ASN A 122 -36.76 -5.38 -20.67
CA ASN A 122 -36.85 -6.62 -21.42
C ASN A 122 -37.76 -6.47 -22.64
N TYR A 123 -37.43 -7.21 -23.68
CA TYR A 123 -38.24 -7.16 -24.90
C TYR A 123 -38.02 -8.43 -25.70
N ASP A 124 -38.93 -8.67 -26.66
CA ASP A 124 -38.96 -9.95 -27.37
C ASP A 124 -37.70 -10.19 -28.19
N TYR A 125 -37.21 -9.15 -28.90
CA TYR A 125 -36.08 -9.33 -29.82
C TYR A 125 -34.83 -9.82 -29.07
N ILE A 126 -34.54 -9.21 -27.94
CA ILE A 126 -33.35 -9.63 -27.22
C ILE A 126 -33.53 -11.04 -26.66
N GLU A 127 -34.74 -11.36 -26.16
CA GLU A 127 -34.96 -12.71 -25.64
C GLU A 127 -34.81 -13.75 -26.73
N ALA A 128 -35.27 -13.44 -27.95
CA ALA A 128 -35.23 -14.39 -29.05
C ALA A 128 -33.83 -14.56 -29.62
N VAL A 129 -33.04 -13.49 -29.64
CA VAL A 129 -31.65 -13.60 -30.07
C VAL A 129 -30.85 -14.42 -29.08
N GLU A 130 -31.06 -14.21 -27.78
CA GLU A 130 -30.41 -15.04 -26.78
C GLU A 130 -30.70 -16.52 -26.99
N GLN A 131 -31.96 -16.84 -27.34
CA GLN A 131 -32.36 -18.24 -27.49
C GLN A 131 -31.74 -18.86 -28.73
N GLU A 132 -31.75 -18.14 -29.87
CA GLU A 132 -31.00 -18.56 -31.05
C GLU A 132 -29.55 -18.90 -30.71
N ILE A 133 -28.85 -17.95 -30.04
CA ILE A 133 -27.47 -18.19 -29.63
C ILE A 133 -27.42 -19.40 -28.71
N ALA A 134 -28.33 -19.49 -27.76
CA ALA A 134 -28.33 -20.65 -26.85
C ALA A 134 -28.45 -21.95 -27.65
N ASP A 135 -29.46 -22.05 -28.51
CA ASP A 135 -29.67 -23.29 -29.26
C ASP A 135 -28.47 -23.62 -30.15
N PHE A 136 -27.87 -22.61 -30.78
CA PHE A 136 -26.75 -22.86 -31.68
C PHE A 136 -25.52 -23.36 -30.92
N LEU A 137 -25.34 -22.92 -29.67
CA LEU A 137 -24.20 -23.30 -28.86
C LEU A 137 -24.52 -24.43 -27.91
N GLY A 138 -25.71 -25.02 -28.03
CA GLY A 138 -26.02 -26.20 -27.24
C GLY A 138 -26.16 -25.95 -25.76
N ALA A 139 -26.91 -24.92 -25.41
CA ALA A 139 -27.15 -24.58 -24.02
C ALA A 139 -28.60 -24.15 -23.88
N GLU A 140 -29.13 -24.33 -22.68
CA GLU A 140 -30.57 -24.21 -22.45
C GLU A 140 -31.05 -22.77 -22.61
N THR A 141 -30.26 -21.80 -22.17
CA THR A 141 -30.61 -20.38 -22.15
C THR A 141 -29.35 -19.55 -22.36
N ALA A 142 -29.55 -18.27 -22.68
CA ALA A 142 -28.46 -17.32 -22.79
C ALA A 142 -28.92 -15.98 -22.21
N LEU A 143 -27.97 -15.27 -21.59
CA LEU A 143 -28.21 -13.98 -20.96
C LEU A 143 -27.13 -13.01 -21.44
N MET A 144 -27.55 -11.87 -21.98
CA MET A 144 -26.62 -11.01 -22.72
C MET A 144 -26.06 -9.90 -21.85
N PHE A 145 -24.75 -9.71 -21.90
CA PHE A 145 -24.07 -8.63 -21.19
C PHE A 145 -23.37 -7.72 -22.20
N ASN A 146 -23.01 -6.51 -21.76
CA ASN A 146 -22.37 -5.58 -22.69
C ASN A 146 -20.89 -5.89 -22.88
N SER A 147 -20.34 -6.86 -22.15
CA SER A 147 -18.97 -7.27 -22.39
C SER A 147 -18.72 -8.63 -21.76
N GLY A 148 -17.66 -9.28 -22.21
CA GLY A 148 -17.18 -10.45 -21.50
C GLY A 148 -16.85 -10.15 -20.06
N SER A 149 -16.17 -9.02 -19.82
CA SER A 149 -15.83 -8.61 -18.46
C SER A 149 -17.04 -8.52 -17.56
N ASN A 150 -18.08 -7.80 -18.00
CA ASN A 150 -19.29 -7.69 -17.20
C ASN A 150 -19.96 -9.05 -17.02
N GLY A 151 -19.80 -9.96 -17.99
CA GLY A 151 -20.27 -11.34 -17.80
C GLY A 151 -19.55 -12.04 -16.65
N ASN A 152 -18.21 -11.95 -16.61
CA ASN A 152 -17.48 -12.56 -15.50
C ASN A 152 -17.82 -11.88 -14.18
N ILE A 153 -17.92 -10.56 -14.16
CA ILE A 153 -18.31 -9.89 -12.92
C ILE A 153 -19.64 -10.45 -12.40
N ALA A 154 -20.61 -10.62 -13.29
CA ALA A 154 -21.94 -11.08 -12.86
C ALA A 154 -21.89 -12.51 -12.37
N ILE A 155 -21.17 -13.39 -13.07
CA ILE A 155 -21.05 -14.78 -12.65
C ILE A 155 -20.51 -14.87 -11.23
N TYR A 156 -19.39 -14.21 -10.95
CA TYR A 156 -18.75 -14.45 -9.68
C TYR A 156 -19.33 -13.61 -8.55
N THR A 157 -20.11 -12.57 -8.85
CA THR A 157 -20.82 -11.97 -7.73
C THR A 157 -22.15 -12.67 -7.43
N ALA A 158 -22.85 -13.19 -8.45
CA ALA A 158 -24.16 -13.75 -8.21
C ALA A 158 -24.11 -15.22 -7.80
N ILE A 159 -23.25 -16.02 -8.42
CA ILE A 159 -23.34 -17.47 -8.34
C ILE A 159 -22.80 -18.04 -7.02
N PRO A 160 -21.54 -17.81 -6.63
CA PRO A 160 -21.02 -18.51 -5.44
C PRO A 160 -21.83 -18.16 -4.20
N ARG A 161 -22.04 -19.18 -3.35
CA ARG A 161 -22.77 -19.02 -2.09
C ARG A 161 -21.79 -18.95 -0.94
N PRO A 162 -22.16 -18.36 0.19
CA PRO A 162 -21.33 -18.50 1.39
C PRO A 162 -21.17 -19.98 1.68
N GLY A 163 -19.92 -20.40 1.88
CA GLY A 163 -19.59 -21.79 2.07
C GLY A 163 -19.03 -22.48 0.85
N ASP A 164 -19.35 -21.99 -0.34
CA ASP A 164 -18.76 -22.52 -1.57
C ASP A 164 -17.28 -22.17 -1.60
N ALA A 165 -16.52 -22.91 -2.40
CA ALA A 165 -15.15 -22.54 -2.70
C ALA A 165 -15.01 -22.35 -4.21
N ILE A 166 -14.04 -21.55 -4.61
CA ILE A 166 -13.70 -21.38 -6.01
C ILE A 166 -12.25 -21.83 -6.19
N VAL A 167 -12.03 -22.78 -7.10
CA VAL A 167 -10.68 -23.17 -7.47
C VAL A 167 -10.47 -22.69 -8.91
N TYR A 168 -9.53 -21.76 -9.10
CA TYR A 168 -9.38 -21.11 -10.38
C TYR A 168 -7.98 -21.31 -10.95
N ASP A 169 -7.90 -21.48 -12.26
CA ASP A 169 -6.62 -21.47 -12.95
C ASP A 169 -5.95 -20.12 -12.73
N GLU A 170 -4.63 -20.14 -12.50
CA GLU A 170 -3.96 -18.89 -12.14
C GLU A 170 -4.13 -17.84 -13.24
N LEU A 171 -4.29 -18.26 -14.49
CA LEU A 171 -4.27 -17.37 -15.65
C LEU A 171 -5.66 -16.89 -16.09
N VAL A 172 -6.70 -17.03 -15.25
CA VAL A 172 -8.02 -16.53 -15.64
C VAL A 172 -7.97 -15.01 -15.87
N HIS A 173 -9.00 -14.51 -16.55
CA HIS A 173 -9.00 -13.11 -16.98
C HIS A 173 -9.12 -12.16 -15.78
N PHE A 174 -8.61 -10.94 -15.98
CA PHE A 174 -8.69 -9.92 -14.94
C PHE A 174 -10.10 -9.77 -14.41
N SER A 175 -11.10 -9.78 -15.29
CA SER A 175 -12.48 -9.61 -14.84
C SER A 175 -12.88 -10.71 -13.86
N THR A 176 -12.36 -11.92 -14.04
CA THR A 176 -12.65 -13.02 -13.14
C THR A 176 -12.04 -12.77 -11.76
N HIS A 177 -10.82 -12.23 -11.72
CA HIS A 177 -10.23 -11.83 -10.45
C HIS A 177 -11.08 -10.75 -9.76
N THR A 178 -11.63 -9.83 -10.54
CA THR A 178 -12.50 -8.81 -9.94
C THR A 178 -13.80 -9.43 -9.44
N GLY A 179 -14.43 -10.30 -10.24
CA GLY A 179 -15.65 -10.95 -9.78
C GLY A 179 -15.43 -11.76 -8.50
N MET A 180 -14.34 -12.53 -8.47
CA MET A 180 -14.06 -13.37 -7.30
C MET A 180 -13.88 -12.54 -6.04
N ALA A 181 -13.11 -11.44 -6.12
CA ALA A 181 -12.87 -10.62 -4.93
C ALA A 181 -14.15 -10.06 -4.35
N ALA A 182 -15.17 -9.82 -5.19
CA ALA A 182 -16.46 -9.35 -4.70
C ALA A 182 -17.44 -10.48 -4.35
N SER A 183 -17.07 -11.73 -4.52
CA SER A 183 -18.03 -12.82 -4.40
C SER A 183 -18.37 -13.12 -2.94
N LEU A 184 -19.40 -13.93 -2.75
CA LEU A 184 -19.76 -14.38 -1.41
C LEU A 184 -18.98 -15.61 -0.95
N ALA A 185 -18.14 -16.20 -1.80
CA ALA A 185 -17.49 -17.46 -1.48
C ALA A 185 -16.39 -17.25 -0.44
N THR A 186 -16.26 -18.21 0.48
CA THR A 186 -15.30 -18.07 1.57
C THR A 186 -13.86 -18.37 1.14
N THR A 187 -13.68 -19.21 0.11
CA THR A 187 -12.35 -19.74 -0.21
C THR A 187 -12.07 -19.61 -1.70
N LYS A 188 -10.96 -18.93 -2.02
CA LYS A 188 -10.48 -18.77 -3.38
C LYS A 188 -9.09 -19.39 -3.45
N VAL A 189 -8.94 -20.44 -4.26
CA VAL A 189 -7.66 -21.15 -4.39
C VAL A 189 -7.27 -21.18 -5.85
N ALA A 190 -6.07 -20.68 -6.16
CA ALA A 190 -5.54 -20.78 -7.51
C ALA A 190 -4.73 -22.06 -7.68
N PHE A 191 -4.53 -22.46 -8.94
CA PHE A 191 -3.68 -23.61 -9.20
C PHE A 191 -2.79 -23.33 -10.40
N ARG A 192 -1.69 -24.08 -10.45
CA ARG A 192 -0.65 -23.85 -11.45
C ARG A 192 -1.23 -24.07 -12.83
N HIS A 193 -0.90 -23.15 -13.75
CA HIS A 193 -1.63 -23.01 -15.01
C HIS A 193 -1.74 -24.33 -15.77
N ASN A 194 -2.97 -24.73 -16.08
CA ASN A 194 -3.23 -25.90 -16.91
C ASN A 194 -2.58 -27.17 -16.37
N ASP A 195 -2.26 -27.22 -15.07
CA ASP A 195 -1.51 -28.32 -14.47
C ASP A 195 -2.48 -29.28 -13.78
N LEU A 196 -2.63 -30.49 -14.34
CA LEU A 196 -3.60 -31.45 -13.80
C LEU A 196 -3.23 -31.92 -12.39
N ASP A 197 -1.93 -32.10 -12.13
CA ASP A 197 -1.52 -32.46 -10.78
C ASP A 197 -1.78 -31.33 -9.80
N ALA A 198 -1.46 -30.10 -10.19
CA ALA A 198 -1.73 -28.94 -9.35
C ALA A 198 -3.22 -28.79 -9.08
N PHE A 199 -4.05 -28.99 -10.10
CA PHE A 199 -5.50 -28.92 -9.91
C PHE A 199 -5.96 -29.96 -8.89
N ARG A 200 -5.46 -31.19 -9.01
CA ARG A 200 -5.87 -32.23 -8.08
C ARG A 200 -5.51 -31.84 -6.65
N GLU A 201 -4.28 -31.35 -6.46
CA GLU A 201 -3.85 -30.90 -5.14
C GLU A 201 -4.77 -29.80 -4.60
N ALA A 202 -5.16 -28.85 -5.44
CA ALA A 202 -6.03 -27.77 -4.99
C ALA A 202 -7.42 -28.28 -4.65
N MET A 203 -8.00 -29.11 -5.53
CA MET A 203 -9.32 -29.70 -5.25
C MET A 203 -9.30 -30.50 -3.94
N SER A 204 -8.32 -31.38 -3.79
CA SER A 204 -8.26 -32.25 -2.62
C SER A 204 -7.97 -31.46 -1.35
N SER A 205 -7.00 -30.53 -1.39
CA SER A 205 -6.73 -29.68 -0.23
C SER A 205 -7.96 -28.89 0.19
N THR A 206 -8.69 -28.32 -0.76
CA THR A 206 -9.90 -27.59 -0.41
C THR A 206 -10.98 -28.54 0.11
N MET A 207 -11.13 -29.71 -0.52
CA MET A 207 -12.11 -30.69 -0.06
C MET A 207 -11.84 -31.11 1.38
N ASP A 208 -10.57 -31.34 1.73
CA ASP A 208 -10.21 -31.88 3.04
C ASP A 208 -10.11 -30.83 4.13
N SER A 209 -10.30 -29.54 3.81
CA SER A 209 -10.27 -28.49 4.82
C SER A 209 -11.64 -27.87 5.08
N HIS A 210 -12.66 -28.21 4.32
CA HIS A 210 -13.99 -27.60 4.46
C HIS A 210 -15.03 -28.68 4.73
N PRO A 211 -15.51 -28.84 5.97
CA PRO A 211 -16.57 -29.84 6.20
C PRO A 211 -17.82 -29.58 5.37
N MET A 212 -18.13 -28.32 5.04
CA MET A 212 -19.32 -28.04 4.25
C MET A 212 -19.21 -28.61 2.85
N LEU A 213 -17.98 -28.79 2.33
CA LEU A 213 -17.83 -29.47 1.05
C LEU A 213 -17.80 -30.99 1.21
N GLN A 214 -17.34 -31.49 2.35
CA GLN A 214 -17.29 -32.93 2.56
C GLN A 214 -18.69 -33.54 2.64
N ASP A 215 -19.63 -32.88 3.31
CA ASP A 215 -20.99 -33.40 3.40
C ASP A 215 -21.86 -33.02 2.20
N GLY A 216 -21.29 -32.32 1.20
CA GLY A 216 -22.07 -31.97 0.03
C GLY A 216 -23.09 -30.88 0.25
N SER A 217 -22.93 -30.06 1.28
CA SER A 217 -23.87 -28.96 1.49
CA SER A 217 -23.86 -28.95 1.52
C SER A 217 -23.49 -27.69 0.74
N ARG A 218 -22.27 -27.62 0.19
CA ARG A 218 -21.83 -26.51 -0.66
C ARG A 218 -21.02 -27.09 -1.80
N SER A 219 -20.53 -26.23 -2.70
CA SER A 219 -19.92 -26.67 -3.94
C SER A 219 -18.53 -26.08 -4.12
N ILE A 220 -17.70 -26.80 -4.87
CA ILE A 220 -16.47 -26.25 -5.42
C ILE A 220 -16.76 -25.75 -6.84
N LEU A 221 -16.51 -24.47 -7.08
CA LEU A 221 -16.65 -23.89 -8.41
C LEU A 221 -15.28 -23.85 -9.07
N VAL A 222 -15.17 -24.39 -10.27
CA VAL A 222 -13.90 -24.48 -10.97
C VAL A 222 -13.92 -23.47 -12.12
N SER A 223 -12.95 -22.57 -12.14
CA SER A 223 -12.92 -21.50 -13.13
C SER A 223 -11.74 -21.68 -14.07
N VAL A 224 -12.01 -21.76 -15.36
CA VAL A 224 -10.98 -21.97 -16.37
C VAL A 224 -11.32 -21.13 -17.59
N GLU A 225 -10.35 -21.00 -18.47
CA GLU A 225 -10.55 -20.48 -19.81
C GLU A 225 -10.43 -21.64 -20.77
N SER A 226 -11.21 -21.59 -21.86
CA SER A 226 -11.10 -22.58 -22.91
C SER A 226 -9.83 -22.36 -23.74
N VAL A 227 -9.61 -21.13 -24.17
CA VAL A 227 -8.35 -20.72 -24.80
C VAL A 227 -7.78 -19.59 -23.96
N TYR A 228 -6.61 -19.81 -23.39
CA TYR A 228 -6.03 -18.84 -22.48
C TYR A 228 -5.46 -17.69 -23.30
N SER A 229 -6.04 -16.51 -23.12
CA SER A 229 -5.62 -15.35 -23.91
C SER A 229 -4.13 -15.10 -23.78
N MET A 230 -3.57 -15.39 -22.60
CA MET A 230 -2.18 -15.05 -22.36
C MET A 230 -1.21 -16.05 -22.98
N ASP A 231 -1.55 -17.34 -22.95
CA ASP A 231 -0.62 -18.38 -23.37
C ASP A 231 -1.00 -19.04 -24.68
N GLY A 232 -2.26 -18.97 -25.10
CA GLY A 232 -2.65 -19.68 -26.29
C GLY A 232 -2.75 -21.19 -26.13
N ASP A 233 -2.73 -21.71 -24.91
CA ASP A 233 -2.97 -23.13 -24.71
C ASP A 233 -4.44 -23.35 -24.34
N VAL A 234 -4.81 -24.63 -24.24
CA VAL A 234 -6.20 -25.06 -24.21
C VAL A 234 -6.43 -25.86 -22.94
N CYS A 235 -7.52 -25.56 -22.25
CA CYS A 235 -7.81 -26.23 -20.99
C CYS A 235 -8.15 -27.70 -21.22
N PRO A 236 -7.49 -28.63 -20.53
CA PRO A 236 -7.82 -30.07 -20.64
C PRO A 236 -9.09 -30.38 -19.87
N LEU A 237 -10.22 -30.02 -20.50
CA LEU A 237 -11.50 -29.99 -19.80
C LEU A 237 -11.98 -31.38 -19.41
N VAL A 238 -11.74 -32.39 -20.26
CA VAL A 238 -12.21 -33.74 -19.93
C VAL A 238 -11.46 -34.27 -18.71
N GLU A 239 -10.13 -34.19 -18.74
CA GLU A 239 -9.33 -34.64 -17.60
C GLU A 239 -9.74 -33.94 -16.32
N MET A 240 -10.01 -32.63 -16.41
CA MET A 240 -10.34 -31.88 -15.19
C MET A 240 -11.69 -32.28 -14.63
N LEU A 241 -12.66 -32.58 -15.49
CA LEU A 241 -13.97 -32.99 -15.00
C LEU A 241 -13.89 -34.34 -14.27
N GLU A 242 -13.09 -35.26 -14.78
CA GLU A 242 -12.95 -36.54 -14.08
C GLU A 242 -12.28 -36.36 -12.74
N ILE A 243 -11.22 -35.54 -12.68
CA ILE A 243 -10.59 -35.26 -11.40
C ILE A 243 -11.62 -34.68 -10.42
N ALA A 244 -12.48 -33.78 -10.90
CA ALA A 244 -13.50 -33.22 -10.01
C ALA A 244 -14.47 -34.30 -9.51
N ARG A 245 -14.83 -35.24 -10.36
CA ARG A 245 -15.79 -36.26 -9.94
C ARG A 245 -15.19 -37.21 -8.90
N GLU A 246 -13.91 -37.58 -9.07
CA GLU A 246 -13.22 -38.39 -8.05
C GLU A 246 -13.14 -37.66 -6.72
N ILE A 247 -12.66 -36.41 -6.74
CA ILE A 247 -12.49 -35.67 -5.48
C ILE A 247 -13.83 -35.27 -4.87
N CYS A 248 -14.88 -35.14 -5.67
CA CYS A 248 -16.18 -34.72 -5.17
C CYS A 248 -17.25 -35.77 -5.47
N PRO A 249 -17.11 -36.99 -4.92
CA PRO A 249 -18.06 -38.05 -5.27
C PRO A 249 -19.50 -37.70 -5.00
N LYS A 250 -19.76 -36.70 -4.17
CA LYS A 250 -21.12 -36.21 -3.96
C LYS A 250 -21.63 -35.36 -5.12
N GLY A 251 -20.81 -35.11 -6.15
CA GLY A 251 -21.21 -34.27 -7.26
C GLY A 251 -21.35 -32.80 -6.95
N ASN A 252 -20.85 -32.33 -5.80
CA ASN A 252 -21.02 -30.92 -5.45
C ASN A 252 -19.86 -30.08 -5.99
N PHE A 253 -19.77 -30.04 -7.32
CA PHE A 253 -18.87 -29.15 -8.03
C PHE A 253 -19.58 -28.60 -9.25
N ALA A 254 -19.03 -27.52 -9.82
CA ALA A 254 -19.59 -26.95 -11.05
C ALA A 254 -18.50 -26.21 -11.81
N PHE A 255 -18.46 -26.40 -13.12
CA PHE A 255 -17.42 -25.81 -13.95
C PHE A 255 -17.94 -24.56 -14.62
N ILE A 256 -17.06 -23.56 -14.71
CA ILE A 256 -17.33 -22.28 -15.37
C ILE A 256 -16.23 -22.03 -16.38
N ALA A 257 -16.58 -22.00 -17.67
CA ALA A 257 -15.59 -21.94 -18.74
C ALA A 257 -15.71 -20.61 -19.48
N ASP A 258 -14.65 -19.81 -19.44
CA ASP A 258 -14.57 -18.57 -20.20
C ASP A 258 -14.05 -18.88 -21.59
N GLU A 259 -14.94 -18.77 -22.58
CA GLU A 259 -14.60 -19.11 -23.96
C GLU A 259 -14.30 -17.89 -24.82
N ALA A 260 -13.85 -16.79 -24.20
CA ALA A 260 -13.60 -15.55 -24.93
C ALA A 260 -12.89 -15.78 -26.25
N HIS A 261 -11.72 -16.44 -26.22
CA HIS A 261 -10.87 -16.68 -27.38
C HIS A 261 -11.11 -18.03 -28.06
N ALA A 262 -12.24 -18.69 -27.80
CA ALA A 262 -12.58 -19.93 -28.47
C ALA A 262 -13.69 -19.78 -29.49
N THR A 263 -14.74 -19.02 -29.15
CA THR A 263 -15.84 -18.79 -30.09
C THR A 263 -15.29 -18.26 -31.41
N GLY A 264 -15.82 -18.79 -32.51
CA GLY A 264 -15.35 -18.44 -33.84
C GLY A 264 -14.06 -19.09 -34.28
N VAL A 265 -13.25 -19.61 -33.37
CA VAL A 265 -11.94 -20.16 -33.72
C VAL A 265 -11.92 -21.68 -33.57
N VAL A 266 -12.61 -22.23 -32.56
CA VAL A 266 -12.58 -23.64 -32.23
C VAL A 266 -13.96 -24.25 -32.42
N GLY A 267 -14.02 -25.45 -32.97
CA GLY A 267 -15.27 -26.16 -33.06
C GLY A 267 -16.04 -25.86 -34.32
N PRO A 268 -16.90 -26.79 -34.74
CA PRO A 268 -17.61 -26.61 -36.01
C PRO A 268 -18.47 -25.36 -36.02
N ARG A 269 -18.30 -24.54 -37.06
CA ARG A 269 -18.99 -23.27 -37.18
C ARG A 269 -18.68 -22.38 -35.97
N GLY A 270 -17.47 -22.50 -35.45
CA GLY A 270 -16.98 -21.63 -34.40
C GLY A 270 -17.73 -21.72 -33.09
N VAL A 271 -18.22 -22.91 -32.74
CA VAL A 271 -19.04 -23.03 -31.54
C VAL A 271 -18.23 -23.00 -30.25
N GLY A 272 -16.92 -23.18 -30.30
CA GLY A 272 -16.08 -23.13 -29.11
C GLY A 272 -15.72 -24.51 -28.60
N LEU A 273 -14.97 -24.53 -27.49
CA LEU A 273 -14.36 -25.76 -27.01
C LEU A 273 -15.35 -26.67 -26.29
N VAL A 274 -16.29 -26.10 -25.54
CA VAL A 274 -17.21 -26.93 -24.76
C VAL A 274 -18.10 -27.75 -25.68
N LYS A 275 -18.68 -27.11 -26.69
CA LYS A 275 -19.50 -27.86 -27.63
C LYS A 275 -18.66 -28.76 -28.53
N LEU A 276 -17.43 -28.33 -28.87
CA LEU A 276 -16.57 -29.22 -29.65
C LEU A 276 -16.32 -30.52 -28.92
N LEU A 277 -16.15 -30.46 -27.60
CA LEU A 277 -15.89 -31.63 -26.80
C LEU A 277 -17.15 -32.38 -26.37
N GLY A 278 -18.34 -31.89 -26.73
CA GLY A 278 -19.57 -32.50 -26.29
C GLY A 278 -19.83 -32.36 -24.80
N LEU A 279 -19.31 -31.29 -24.19
CA LEU A 279 -19.38 -31.12 -22.75
C LEU A 279 -20.50 -30.18 -22.30
N GLU A 280 -21.45 -29.87 -23.19
CA GLU A 280 -22.44 -28.84 -22.85
C GLU A 280 -23.39 -29.27 -21.74
N ASN A 281 -23.44 -30.55 -21.39
CA ASN A 281 -24.22 -31.00 -20.26
C ASN A 281 -23.42 -30.99 -18.97
N GLU A 282 -22.10 -30.99 -19.07
CA GLU A 282 -21.23 -31.16 -17.93
C GLU A 282 -20.55 -29.87 -17.50
N VAL A 283 -20.75 -28.78 -18.21
CA VAL A 283 -20.20 -27.47 -17.84
C VAL A 283 -21.37 -26.57 -17.51
N ALA A 284 -21.51 -26.21 -16.23
CA ALA A 284 -22.72 -25.52 -15.79
C ALA A 284 -22.83 -24.10 -16.35
N ILE A 285 -21.70 -23.41 -16.58
CA ILE A 285 -21.70 -21.99 -16.92
C ILE A 285 -20.59 -21.71 -17.93
N ARG A 286 -20.96 -21.13 -19.08
CA ARG A 286 -20.01 -20.78 -20.12
C ARG A 286 -20.18 -19.33 -20.50
N LEU A 287 -19.05 -18.67 -20.81
CA LEU A 287 -19.03 -17.28 -21.21
C LEU A 287 -18.53 -17.19 -22.65
N ASN A 288 -19.36 -16.64 -23.54
CA ASN A 288 -19.02 -16.44 -24.95
C ASN A 288 -19.08 -14.95 -25.25
N THR A 289 -17.92 -14.36 -25.52
CA THR A 289 -17.78 -12.93 -25.72
C THR A 289 -17.78 -12.60 -27.22
N CYS A 290 -18.18 -11.36 -27.54
CA CYS A 290 -18.24 -10.92 -28.93
C CYS A 290 -17.09 -10.05 -29.37
N GLY A 291 -16.12 -9.78 -28.49
CA GLY A 291 -15.08 -8.81 -28.76
C GLY A 291 -13.87 -9.27 -29.56
N LYS A 292 -13.78 -10.55 -29.91
CA LYS A 292 -12.64 -11.04 -30.69
C LYS A 292 -13.13 -11.53 -32.02
N ALA A 293 -13.30 -12.86 -32.20
CA ALA A 293 -13.67 -13.41 -33.49
C ALA A 293 -14.98 -12.83 -34.01
N LEU A 294 -15.92 -12.47 -33.13
CA LEU A 294 -17.21 -11.96 -33.57
C LEU A 294 -17.20 -10.47 -33.87
N ALA A 295 -16.07 -9.79 -33.61
CA ALA A 295 -15.76 -8.50 -34.19
C ALA A 295 -16.72 -7.39 -33.76
N CYS A 296 -17.26 -7.48 -32.53
CA CYS A 296 -18.01 -6.34 -32.01
C CYS A 296 -17.77 -6.19 -30.51
N THR A 297 -18.83 -6.06 -29.72
CA THR A 297 -18.73 -6.12 -28.27
C THR A 297 -19.93 -6.87 -27.71
N GLY A 298 -19.83 -7.22 -26.43
CA GLY A 298 -20.90 -7.88 -25.71
C GLY A 298 -20.49 -9.28 -25.28
N SER A 299 -21.43 -9.96 -24.61
CA SER A 299 -21.21 -11.37 -24.28
C SER A 299 -22.53 -11.99 -23.89
N VAL A 300 -22.54 -13.32 -23.88
CA VAL A 300 -23.66 -14.09 -23.33
C VAL A 300 -23.10 -15.07 -22.31
N VAL A 301 -23.85 -15.27 -21.23
CA VAL A 301 -23.57 -16.31 -20.25
C VAL A 301 -24.56 -17.45 -20.49
N LEU A 302 -24.06 -18.66 -20.73
CA LEU A 302 -24.89 -19.83 -21.01
C LEU A 302 -25.10 -20.67 -19.76
N GLY A 303 -26.32 -21.14 -19.58
CA GLY A 303 -26.64 -22.11 -18.54
C GLY A 303 -28.09 -22.49 -18.67
N ASN A 304 -28.59 -23.19 -17.64
CA ASN A 304 -30.02 -23.48 -17.59
C ASN A 304 -30.75 -22.31 -16.95
N ALA A 305 -32.06 -22.45 -16.77
CA ALA A 305 -32.88 -21.34 -16.28
C ALA A 305 -32.59 -21.02 -14.83
N THR A 306 -32.06 -21.96 -14.06
CA THR A 306 -31.68 -21.66 -12.68
C THR A 306 -30.49 -20.71 -12.63
N VAL A 307 -29.43 -21.04 -13.37
CA VAL A 307 -28.28 -20.14 -13.50
C VAL A 307 -28.73 -18.76 -13.99
N ARG A 308 -29.51 -18.73 -15.06
CA ARG A 308 -29.96 -17.45 -15.63
C ARG A 308 -30.70 -16.61 -14.62
N ASN A 309 -31.60 -17.23 -13.83
CA ASN A 309 -32.37 -16.50 -12.84
C ASN A 309 -31.50 -16.02 -11.68
N MET A 310 -30.48 -16.80 -11.31
CA MET A 310 -29.49 -16.34 -10.33
C MET A 310 -28.87 -15.02 -10.77
N LEU A 311 -28.46 -14.95 -12.03
CA LEU A 311 -27.82 -13.74 -12.53
C LEU A 311 -28.80 -12.57 -12.53
N LEU A 312 -30.02 -12.78 -13.04
CA LEU A 312 -31.02 -11.71 -13.08
C LEU A 312 -31.43 -11.23 -11.70
N ASN A 313 -31.19 -12.02 -10.65
CA ASN A 313 -31.61 -11.59 -9.33
C ASN A 313 -30.47 -11.24 -8.39
N TYR A 314 -29.33 -11.92 -8.50
CA TYR A 314 -28.27 -11.65 -7.55
C TYR A 314 -27.07 -10.94 -8.14
N ALA A 315 -27.03 -10.71 -9.45
CA ALA A 315 -25.94 -9.94 -10.06
C ALA A 315 -26.37 -8.49 -10.04
N GLY A 316 -26.02 -7.80 -8.95
CA GLY A 316 -26.37 -6.39 -8.81
C GLY A 316 -25.87 -5.55 -9.96
N SER A 317 -24.80 -5.97 -10.63
CA SER A 317 -24.28 -5.19 -11.75
C SER A 317 -25.23 -5.25 -12.95
N LEU A 318 -25.86 -6.42 -13.18
CA LEU A 318 -26.87 -6.51 -14.24
C LEU A 318 -28.16 -5.79 -13.84
N VAL A 319 -28.61 -5.97 -12.59
CA VAL A 319 -29.89 -5.42 -12.16
C VAL A 319 -29.94 -3.91 -12.33
N ASN A 320 -28.83 -3.23 -12.03
CA ASN A 320 -28.78 -1.77 -11.95
C ASN A 320 -28.15 -1.12 -13.19
N THR A 321 -28.24 -1.74 -14.36
CA THR A 321 -27.72 -1.13 -15.59
C THR A 321 -28.76 -1.27 -16.69
N THR A 322 -28.71 -0.32 -17.62
CA THR A 322 -29.67 -0.23 -18.70
C THR A 322 -29.51 -1.44 -19.62
N ALA A 323 -30.62 -2.07 -19.98
CA ALA A 323 -30.55 -3.27 -20.79
C ALA A 323 -30.10 -2.90 -22.20
N PRO A 324 -29.48 -3.82 -22.93
CA PRO A 324 -28.86 -3.46 -24.22
C PRO A 324 -29.86 -2.88 -25.20
N SER A 325 -29.35 -1.97 -26.04
CA SER A 325 -30.12 -1.38 -27.11
C SER A 325 -30.30 -2.37 -28.25
N PHE A 326 -31.35 -2.14 -29.05
CA PHE A 326 -31.61 -2.97 -30.22
C PHE A 326 -30.42 -3.07 -31.16
N PRO A 327 -29.73 -1.97 -31.54
CA PRO A 327 -28.55 -2.14 -32.41
C PRO A 327 -27.46 -2.97 -31.78
N SER A 328 -27.28 -2.89 -30.46
CA SER A 328 -26.34 -3.78 -29.79
C SER A 328 -26.71 -5.25 -29.99
N VAL A 329 -27.99 -5.58 -29.83
CA VAL A 329 -28.41 -6.97 -29.98
C VAL A 329 -28.27 -7.41 -31.44
N ALA A 330 -28.62 -6.52 -32.36
CA ALA A 330 -28.56 -6.80 -33.80
C ALA A 330 -27.16 -7.22 -34.24
N VAL A 331 -26.12 -6.51 -33.80
CA VAL A 331 -24.79 -6.80 -34.32
C VAL A 331 -24.32 -8.16 -33.82
N ILE A 332 -24.69 -8.49 -32.58
CA ILE A 332 -24.38 -9.80 -32.02
C ILE A 332 -25.11 -10.90 -32.79
N ARG A 333 -26.42 -10.74 -33.00
CA ARG A 333 -27.15 -11.72 -33.82
C ARG A 333 -26.52 -11.86 -35.20
N ALA A 334 -26.06 -10.75 -35.80
CA ALA A 334 -25.45 -10.80 -37.13
C ALA A 334 -24.16 -11.60 -37.12
N ALA A 335 -23.32 -11.41 -36.09
CA ALA A 335 -22.11 -12.21 -35.99
C ALA A 335 -22.44 -13.69 -35.82
N TYR A 336 -23.49 -14.00 -35.06
CA TYR A 336 -23.87 -15.41 -34.90
C TYR A 336 -24.51 -15.98 -36.16
N ASN A 337 -25.31 -15.19 -36.88
CA ASN A 337 -25.79 -15.62 -38.20
C ASN A 337 -24.64 -16.08 -39.09
N LEU A 338 -23.61 -15.24 -39.22
CA LEU A 338 -22.50 -15.57 -40.10
C LEU A 338 -21.83 -16.86 -39.69
N MET A 339 -21.84 -17.18 -38.39
CA MET A 339 -21.29 -18.46 -37.96
C MET A 339 -22.30 -19.59 -38.16
N ARG A 340 -23.58 -19.33 -37.89
CA ARG A 340 -24.60 -20.35 -38.04
C ARG A 340 -24.70 -20.85 -39.49
N THR A 341 -24.65 -19.92 -40.46
CA THR A 341 -24.75 -20.26 -41.88
C THR A 341 -23.49 -20.88 -42.47
N GLY A 342 -22.39 -20.94 -41.72
CA GLY A 342 -21.16 -21.48 -42.27
C GLY A 342 -20.32 -20.49 -43.05
N ALA A 343 -20.65 -19.19 -42.98
CA ALA A 343 -19.89 -18.19 -43.70
C ALA A 343 -18.51 -17.93 -43.11
N THR A 344 -18.21 -18.42 -41.91
CA THR A 344 -16.92 -18.18 -41.28
C THR A 344 -16.01 -19.40 -41.31
N GLN A 345 -16.48 -20.52 -41.85
CA GLN A 345 -15.69 -21.76 -41.77
C GLN A 345 -14.41 -21.66 -42.58
N LYS A 346 -14.46 -21.03 -43.76
CA LYS A 346 -13.24 -20.86 -44.54
C LYS A 346 -12.24 -19.98 -43.80
N ALA A 347 -12.73 -18.89 -43.19
CA ALA A 347 -11.83 -18.03 -42.43
C ALA A 347 -11.31 -18.75 -41.18
N GLN A 348 -12.16 -19.58 -40.56
CA GLN A 348 -11.75 -20.38 -39.41
C GLN A 348 -10.70 -21.42 -39.79
N ASP A 349 -10.88 -22.08 -40.93
CA ASP A 349 -9.89 -23.06 -41.37
C ASP A 349 -8.58 -22.38 -41.74
N ASN A 350 -8.64 -21.14 -42.23
CA ASN A 350 -7.42 -20.47 -42.66
C ASN A 350 -6.57 -20.05 -41.47
N ILE A 351 -7.19 -19.82 -40.30
CA ILE A 351 -6.41 -19.62 -39.08
C ILE A 351 -5.59 -20.86 -38.78
N GLN A 352 -6.23 -22.04 -38.81
CA GLN A 352 -5.50 -23.29 -38.61
C GLN A 352 -4.33 -23.40 -39.57
N HIS A 353 -4.60 -23.18 -40.86
CA HIS A 353 -3.55 -23.29 -41.87
C HIS A 353 -2.40 -22.32 -41.62
N LEU A 354 -2.72 -21.04 -41.43
CA LEU A 354 -1.67 -20.03 -41.34
C LEU A 354 -0.83 -20.22 -40.07
N VAL A 355 -1.46 -20.59 -38.96
CA VAL A 355 -0.71 -20.89 -37.74
C VAL A 355 0.16 -22.13 -37.95
N LYS A 356 -0.40 -23.17 -38.57
CA LYS A 356 0.40 -24.34 -38.87
C LYS A 356 1.51 -23.99 -39.85
N TYR A 357 1.23 -23.08 -40.78
CA TYR A 357 2.25 -22.59 -41.69
C TYR A 357 3.38 -21.88 -40.94
N PHE A 358 3.02 -21.09 -39.92
CA PHE A 358 4.04 -20.39 -39.13
C PHE A 358 4.94 -21.38 -38.41
N PHE A 359 4.35 -22.32 -37.66
CA PHE A 359 5.16 -23.29 -36.92
C PHE A 359 6.09 -24.06 -37.86
N GLU A 360 5.59 -24.45 -39.04
CA GLU A 360 6.43 -25.09 -40.04
C GLU A 360 7.66 -24.24 -40.35
N SER A 361 7.43 -22.96 -40.71
CA SER A 361 8.50 -22.11 -41.19
C SER A 361 9.53 -21.81 -40.10
N ILE A 362 9.07 -21.33 -38.94
CA ILE A 362 10.02 -20.85 -37.94
C ILE A 362 10.83 -22.00 -37.37
N THR A 363 10.20 -23.16 -37.11
CA THR A 363 10.95 -24.29 -36.58
C THR A 363 11.70 -25.06 -37.66
N SER A 364 11.70 -24.55 -38.90
CA SER A 364 12.54 -25.10 -39.94
C SER A 364 13.73 -24.21 -40.27
N SER A 365 13.75 -23.00 -39.74
CA SER A 365 14.88 -22.11 -39.98
C SER A 365 16.14 -22.69 -39.36
N ASN A 366 17.27 -22.42 -39.99
CA ASN A 366 18.54 -22.95 -39.49
C ASN A 366 18.85 -22.40 -38.10
N ILE A 367 18.54 -21.12 -37.87
CA ILE A 367 18.83 -20.50 -36.57
C ILE A 367 17.93 -21.01 -35.46
N TRP A 368 16.87 -21.75 -35.79
CA TRP A 368 15.87 -22.13 -34.80
C TRP A 368 16.49 -22.92 -33.65
N ASP A 369 17.19 -24.00 -33.96
CA ASP A 369 17.77 -24.81 -32.91
C ASP A 369 18.75 -23.99 -32.07
N LYS A 370 19.59 -23.19 -32.73
CA LYS A 370 20.58 -22.43 -31.99
C LYS A 370 19.91 -21.35 -31.16
N ALA A 371 18.94 -20.62 -31.75
CA ALA A 371 18.24 -19.58 -31.00
C ALA A 371 17.56 -20.16 -29.77
N THR A 372 16.81 -21.26 -29.95
CA THR A 372 16.07 -21.84 -28.83
C THR A 372 17.00 -22.52 -27.82
N ASP A 373 18.09 -23.12 -28.27
CA ASP A 373 19.05 -23.72 -27.33
C ASP A 373 19.64 -22.66 -26.41
N LEU A 374 20.18 -21.60 -26.98
CA LEU A 374 20.77 -20.53 -26.19
C LEU A 374 19.74 -19.82 -25.33
N GLY A 375 18.45 -19.98 -25.63
CA GLY A 375 17.41 -19.22 -24.98
C GLY A 375 17.15 -17.86 -25.57
N ILE A 376 17.56 -17.62 -26.82
CA ILE A 376 17.35 -16.31 -27.41
C ILE A 376 15.94 -16.17 -27.99
N LEU A 377 15.38 -17.25 -28.51
CA LEU A 377 13.96 -17.29 -28.87
C LEU A 377 13.31 -18.48 -28.20
N SER A 378 12.04 -18.31 -27.84
CA SER A 378 11.25 -19.43 -27.36
C SER A 378 9.80 -19.25 -27.81
N ILE A 379 9.21 -20.32 -28.32
CA ILE A 379 7.79 -20.33 -28.68
C ILE A 379 7.19 -21.61 -28.11
N PRO A 380 6.80 -21.61 -26.83
CA PRO A 380 6.26 -22.84 -26.22
C PRO A 380 5.16 -23.51 -27.01
N VAL A 381 4.15 -22.74 -27.47
CA VAL A 381 3.01 -23.31 -28.16
C VAL A 381 3.40 -24.05 -29.42
N ALA A 382 4.56 -23.73 -29.99
CA ALA A 382 5.00 -24.38 -31.23
C ALA A 382 5.53 -25.79 -31.01
N GLU A 383 5.80 -26.19 -29.76
CA GLU A 383 6.39 -27.50 -29.53
C GLU A 383 5.37 -28.61 -29.77
N ASP A 384 5.77 -29.62 -30.55
CA ASP A 384 4.96 -30.81 -30.83
C ASP A 384 3.59 -30.43 -31.39
N TYR A 385 3.53 -29.34 -32.15
CA TYR A 385 2.25 -28.84 -32.62
C TYR A 385 1.55 -29.82 -33.57
N GLU A 386 2.29 -30.71 -34.23
CA GLU A 386 1.70 -31.63 -35.19
C GLU A 386 0.83 -32.69 -34.52
N SER A 387 0.98 -32.89 -33.21
CA SER A 387 0.13 -33.87 -32.51
C SER A 387 -1.17 -33.27 -31.99
N LEU A 388 -1.23 -31.95 -31.82
CA LEU A 388 -2.44 -31.28 -31.35
C LEU A 388 -3.59 -31.50 -32.33
N ASP A 389 -4.80 -31.71 -31.79
CA ASP A 389 -5.99 -31.79 -32.64
C ASP A 389 -6.18 -30.52 -33.47
N PHE A 390 -5.77 -29.37 -32.92
CA PHE A 390 -5.96 -28.08 -33.56
C PHE A 390 -5.00 -27.11 -32.90
N VAL A 391 -4.86 -25.95 -33.52
CA VAL A 391 -4.01 -24.89 -32.99
C VAL A 391 -4.88 -23.67 -32.71
N THR A 392 -4.28 -22.69 -32.04
CA THR A 392 -4.97 -21.43 -31.79
C THR A 392 -4.23 -20.29 -32.45
N HIS A 393 -4.94 -19.17 -32.55
CA HIS A 393 -4.47 -17.94 -33.15
C HIS A 393 -3.42 -17.22 -32.31
N ILE A 394 -3.19 -17.66 -31.07
CA ILE A 394 -2.37 -16.93 -30.11
C ILE A 394 -0.98 -17.54 -30.11
N VAL A 395 0.02 -16.75 -30.46
CA VAL A 395 1.40 -17.24 -30.56
C VAL A 395 2.34 -16.35 -29.74
N PRO A 396 2.56 -16.68 -28.46
CA PRO A 396 3.47 -15.89 -27.64
C PRO A 396 4.93 -16.26 -27.92
N ILE A 397 5.76 -15.23 -28.04
CA ILE A 397 7.17 -15.38 -28.37
C ILE A 397 7.98 -14.77 -27.24
N TRP A 398 8.92 -15.54 -26.71
CA TRP A 398 9.74 -15.14 -25.58
C TRP A 398 11.18 -14.98 -26.05
N THR A 399 11.83 -13.91 -25.61
CA THR A 399 13.29 -13.81 -25.71
C THR A 399 13.82 -13.66 -24.28
N ARG A 400 15.08 -13.28 -24.15
CA ARG A 400 15.57 -12.89 -22.83
C ARG A 400 14.82 -11.65 -22.37
N GLN A 401 14.51 -11.59 -21.07
CA GLN A 401 13.83 -10.40 -20.54
C GLN A 401 14.54 -9.12 -20.97
N LYS A 402 15.88 -9.13 -20.90
CA LYS A 402 16.67 -7.97 -21.28
C LYS A 402 16.51 -7.62 -22.76
N TYR A 403 16.12 -8.58 -23.59
CA TYR A 403 15.96 -8.33 -25.01
C TYR A 403 14.53 -8.06 -25.44
N ASN A 404 13.55 -8.17 -24.54
CA ASN A 404 12.10 -8.12 -24.95
C ASN A 404 11.68 -6.89 -25.76
N TRP A 405 11.93 -5.72 -25.19
CA TRP A 405 11.53 -4.47 -25.90
C TRP A 405 12.37 -4.34 -27.17
N TRP A 406 13.60 -4.82 -27.17
CA TRP A 406 14.38 -4.81 -28.43
C TRP A 406 13.61 -5.61 -29.50
N LEU A 407 13.14 -6.82 -29.20
CA LEU A 407 12.35 -7.65 -30.13
C LEU A 407 11.09 -6.90 -30.58
N PHE A 408 10.38 -6.32 -29.61
CA PHE A 408 9.12 -5.59 -29.96
C PHE A 408 9.44 -4.48 -30.96
N PHE A 409 10.46 -3.67 -30.68
CA PHE A 409 10.75 -2.49 -31.55
C PHE A 409 11.27 -2.99 -32.87
N HIS A 410 11.98 -4.11 -32.89
CA HIS A 410 12.48 -4.72 -34.13
C HIS A 410 11.27 -5.00 -35.01
N LEU A 411 10.32 -5.72 -34.45
CA LEU A 411 9.10 -6.04 -35.24
C LEU A 411 8.42 -4.73 -35.69
N GLN A 412 8.29 -3.75 -34.80
CA GLN A 412 7.53 -2.53 -35.15
C GLN A 412 8.26 -1.75 -36.27
N LEU A 413 9.58 -1.69 -36.22
CA LEU A 413 10.39 -0.94 -37.20
C LEU A 413 10.32 -1.73 -38.50
N ALA A 414 10.19 -3.04 -38.35
CA ALA A 414 9.95 -3.80 -39.57
C ALA A 414 8.48 -3.75 -40.03
N LYS A 415 7.67 -2.87 -39.44
CA LYS A 415 6.27 -2.66 -39.82
C LYS A 415 5.41 -3.90 -39.56
N ILE A 416 5.68 -4.60 -38.46
CA ILE A 416 4.86 -5.77 -38.05
C ILE A 416 4.24 -5.42 -36.70
N ALA A 417 2.92 -5.37 -36.63
CA ALA A 417 2.24 -5.00 -35.37
C ALA A 417 2.00 -6.24 -34.53
N VAL A 418 2.74 -6.35 -33.43
CA VAL A 418 2.50 -7.48 -32.49
C VAL A 418 2.15 -6.82 -31.14
N VAL A 419 1.53 -7.59 -30.24
CA VAL A 419 1.09 -7.00 -28.94
C VAL A 419 2.21 -7.12 -27.90
N PRO A 420 2.56 -6.03 -27.20
CA PRO A 420 3.52 -6.11 -26.12
C PRO A 420 2.87 -6.58 -24.81
N ILE A 421 3.37 -7.69 -24.26
CA ILE A 421 2.86 -8.23 -22.97
C ILE A 421 3.86 -7.85 -21.88
N ASP A 422 3.47 -6.96 -20.97
CA ASP A 422 4.38 -6.48 -19.94
C ASP A 422 3.57 -5.93 -18.77
N TYR A 423 4.28 -5.63 -17.70
CA TYR A 423 3.71 -4.96 -16.55
C TYR A 423 2.96 -3.71 -17.01
N PRO A 424 1.79 -3.40 -16.46
CA PRO A 424 1.10 -3.99 -15.31
C PRO A 424 0.22 -5.17 -15.68
N GLN A 425 0.30 -5.65 -16.92
CA GLN A 425 -0.52 -6.79 -17.35
C GLN A 425 0.01 -8.12 -16.83
N VAL A 426 1.31 -8.23 -16.64
CA VAL A 426 1.92 -9.44 -16.07
C VAL A 426 2.99 -8.99 -15.08
N PRO A 427 3.51 -9.87 -14.21
CA PRO A 427 4.58 -9.43 -13.29
C PRO A 427 5.79 -8.94 -14.08
N LYS A 428 6.55 -8.04 -13.45
CA LYS A 428 7.82 -7.63 -14.01
C LYS A 428 8.72 -8.84 -14.17
N GLY A 429 9.49 -8.86 -15.25
CA GLY A 429 10.33 -10.02 -15.53
C GLY A 429 9.64 -11.15 -16.26
N LYS A 430 8.35 -11.03 -16.55
CA LYS A 430 7.63 -12.02 -17.34
C LYS A 430 7.21 -11.46 -18.70
N SER A 431 7.89 -10.44 -19.21
CA SER A 431 7.43 -9.81 -20.43
C SER A 431 7.68 -10.72 -21.63
N ARG A 432 6.85 -10.56 -22.64
CA ARG A 432 6.91 -11.40 -23.84
C ARG A 432 6.25 -10.63 -24.95
N VAL A 433 6.09 -11.28 -26.08
CA VAL A 433 5.38 -10.70 -27.21
C VAL A 433 4.30 -11.68 -27.64
N ARG A 434 3.15 -11.16 -28.01
CA ARG A 434 2.03 -12.00 -28.45
C ARG A 434 1.75 -11.71 -29.92
N VAL A 435 2.03 -12.69 -30.78
CA VAL A 435 1.61 -12.65 -32.17
C VAL A 435 0.18 -13.20 -32.27
N MET A 436 -0.68 -12.45 -32.96
CA MET A 436 -2.06 -12.85 -33.20
C MET A 436 -2.23 -13.07 -34.70
N ILE A 437 -2.53 -14.32 -35.07
CA ILE A 437 -2.69 -14.71 -36.47
C ILE A 437 -4.18 -14.72 -36.80
N HIS A 438 -4.56 -13.98 -37.84
CA HIS A 438 -5.96 -13.79 -38.22
C HIS A 438 -6.27 -14.48 -39.54
N ALA A 439 -7.56 -14.66 -39.79
CA ALA A 439 -8.00 -15.31 -41.02
C ALA A 439 -7.59 -14.53 -42.25
N GLY A 440 -7.58 -13.21 -42.16
CA GLY A 440 -7.15 -12.33 -43.24
C GLY A 440 -5.67 -12.02 -43.33
N ASN A 441 -4.82 -12.71 -42.58
CA ASN A 441 -3.40 -12.61 -42.86
C ASN A 441 -3.05 -13.54 -44.02
N THR A 442 -1.82 -13.42 -44.54
CA THR A 442 -1.41 -14.21 -45.68
C THR A 442 -0.08 -14.92 -45.43
N GLU A 443 0.19 -15.93 -46.26
CA GLU A 443 1.43 -16.68 -46.15
C GLU A 443 2.64 -15.79 -46.43
N GLU A 444 2.49 -14.82 -47.34
CA GLU A 444 3.56 -13.86 -47.59
C GLU A 444 3.87 -13.04 -46.34
N GLN A 445 2.83 -12.52 -45.69
CA GLN A 445 3.02 -11.86 -44.40
C GLN A 445 3.67 -12.78 -43.38
N VAL A 446 3.25 -14.05 -43.34
CA VAL A 446 3.88 -14.98 -42.40
C VAL A 446 5.34 -15.20 -42.78
N ASP A 447 5.63 -15.29 -44.07
CA ASP A 447 7.03 -15.41 -44.50
C ASP A 447 7.85 -14.24 -43.99
N TYR A 448 7.29 -13.03 -44.07
CA TYR A 448 8.00 -11.85 -43.65
C TYR A 448 8.23 -11.84 -42.14
N LEU A 449 7.24 -12.32 -41.38
CA LEU A 449 7.38 -12.41 -39.94
C LEU A 449 8.48 -13.41 -39.56
N VAL A 450 8.47 -14.58 -40.20
CA VAL A 450 9.50 -15.59 -39.91
C VAL A 450 10.88 -15.03 -40.24
N ALA A 451 11.01 -14.40 -41.40
CA ALA A 451 12.32 -13.84 -41.79
C ALA A 451 12.74 -12.74 -40.83
N THR A 452 11.80 -11.88 -40.44
CA THR A 452 12.12 -10.82 -39.49
C THR A 452 12.54 -11.39 -38.14
N LEU A 453 11.84 -12.42 -37.66
CA LEU A 453 12.23 -13.07 -36.41
C LEU A 453 13.62 -13.68 -36.52
N CYS A 454 13.88 -14.40 -37.62
CA CYS A 454 15.19 -14.99 -37.81
C CYS A 454 16.28 -13.92 -37.94
N ASP A 455 15.93 -12.72 -38.39
CA ASP A 455 16.92 -11.65 -38.43
C ASP A 455 17.29 -11.18 -37.02
N PHE A 456 16.29 -11.02 -36.15
CA PHE A 456 16.55 -10.65 -34.78
C PHE A 456 17.37 -11.72 -34.07
N ALA A 457 16.96 -12.99 -34.21
CA ALA A 457 17.68 -14.07 -33.54
C ALA A 457 19.12 -14.14 -34.04
N ASN A 458 19.31 -14.02 -35.35
CA ASN A 458 20.66 -13.99 -35.91
C ASN A 458 21.50 -12.89 -35.29
N GLU A 459 20.92 -11.71 -35.13
CA GLU A 459 21.68 -10.57 -34.63
C GLU A 459 22.05 -10.75 -33.17
N MET A 460 21.12 -11.23 -32.34
CA MET A 460 21.48 -11.48 -30.95
C MET A 460 22.51 -12.60 -30.82
N ILE A 461 22.45 -13.60 -31.70
CA ILE A 461 23.46 -14.66 -31.67
C ILE A 461 24.84 -14.07 -31.90
N ASP A 462 24.96 -13.17 -32.88
CA ASP A 462 26.26 -12.56 -33.18
C ASP A 462 26.73 -11.67 -32.04
N ILE A 463 25.81 -10.98 -31.37
CA ILE A 463 26.20 -10.16 -30.23
C ILE A 463 26.72 -11.02 -29.10
N GLU A 464 25.98 -12.08 -28.75
CA GLU A 464 26.39 -12.93 -27.65
C GLU A 464 27.67 -13.70 -27.94
N GLU A 465 28.00 -13.92 -29.21
CA GLU A 465 29.25 -14.60 -29.56
C GLU A 465 30.40 -13.64 -29.88
N GLY A 466 30.10 -12.38 -30.19
CA GLY A 466 31.16 -11.40 -30.42
C GLY A 466 31.93 -11.09 -29.16
N GLY A 470 29.45 -3.54 -24.83
CA GLY A 470 28.02 -3.25 -24.77
C GLY A 470 27.36 -3.07 -26.12
N LYS A 471 27.46 -4.08 -26.96
CA LYS A 471 26.80 -4.04 -28.27
C LYS A 471 25.31 -4.27 -28.09
N ILE A 472 24.50 -3.34 -28.60
CA ILE A 472 23.04 -3.44 -28.63
C ILE A 472 22.64 -3.65 -30.08
N PRO A 473 21.55 -4.38 -30.35
CA PRO A 473 21.15 -4.63 -31.74
C PRO A 473 20.60 -3.37 -32.40
N LYS A 474 20.34 -3.49 -33.70
CA LYS A 474 19.93 -2.33 -34.50
C LYS A 474 18.68 -1.67 -33.92
N ALA A 475 17.66 -2.47 -33.58
CA ALA A 475 16.42 -1.92 -33.03
C ALA A 475 16.68 -1.14 -31.76
N ALA A 476 17.52 -1.67 -30.87
CA ALA A 476 17.88 -0.95 -29.66
C ALA A 476 18.61 0.35 -29.94
N GLN A 477 19.45 0.39 -30.99
CA GLN A 477 20.12 1.64 -31.35
C GLN A 477 19.12 2.70 -31.78
N GLU A 478 18.14 2.33 -32.62
CA GLU A 478 17.15 3.28 -33.05
C GLU A 478 16.35 3.82 -31.88
N ILE A 479 16.01 2.96 -30.91
CA ILE A 479 15.22 3.40 -29.77
C ILE A 479 16.07 4.23 -28.81
N TYR A 480 17.33 3.85 -28.62
CA TYR A 480 18.22 4.65 -27.80
C TYR A 480 18.40 6.04 -28.38
N ALA A 481 18.44 6.15 -29.73
CA ALA A 481 18.58 7.48 -30.34
C ALA A 481 17.31 8.29 -30.15
N LEU A 482 16.14 7.66 -30.30
CA LEU A 482 14.89 8.37 -30.04
C LEU A 482 14.82 8.87 -28.59
N MET A 483 15.24 8.05 -27.63
CA MET A 483 15.26 8.48 -26.23
C MET A 483 16.21 9.66 -26.05
N ALA A 484 17.35 9.64 -26.75
CA ALA A 484 18.28 10.76 -26.65
C ALA A 484 17.63 12.04 -27.16
N ALA A 485 16.96 11.97 -28.30
CA ALA A 485 16.37 13.17 -28.91
C ALA A 485 15.20 13.70 -28.09
N HIS A 486 14.38 12.80 -27.52
CA HIS A 486 13.31 13.18 -26.61
C HIS A 486 13.20 12.12 -25.50
N ALA A 487 13.01 12.58 -24.26
CA ALA A 487 12.84 11.76 -23.04
C ALA A 487 13.21 12.58 -21.82
N GLY B 22 -55.72 -8.32 -20.21
CA GLY B 22 -55.01 -9.08 -21.26
C GLY B 22 -53.55 -9.30 -20.91
N LYS B 23 -52.64 -8.67 -21.65
CA LYS B 23 -51.19 -8.89 -21.41
C LYS B 23 -50.83 -8.36 -20.02
N VAL B 24 -51.45 -7.26 -19.60
CA VAL B 24 -51.21 -6.80 -18.21
C VAL B 24 -51.49 -7.99 -17.29
N VAL B 25 -52.60 -8.69 -17.52
CA VAL B 25 -52.95 -9.79 -16.63
C VAL B 25 -52.04 -10.98 -16.87
N SER B 26 -51.68 -11.23 -18.14
CA SER B 26 -50.80 -12.35 -18.45
C SER B 26 -49.43 -12.15 -17.82
N GLU B 27 -48.95 -10.90 -17.78
CA GLU B 27 -47.72 -10.62 -17.06
C GLU B 27 -47.85 -11.01 -15.59
N MET B 28 -49.02 -10.78 -15.00
CA MET B 28 -49.24 -11.13 -13.60
C MET B 28 -49.10 -12.63 -13.37
N ILE B 29 -49.77 -13.44 -14.19
CA ILE B 29 -49.78 -14.89 -13.99
C ILE B 29 -48.35 -15.44 -13.99
N ALA B 30 -47.55 -15.03 -14.99
CA ALA B 30 -46.16 -15.46 -15.01
C ALA B 30 -45.42 -14.97 -13.77
N TRP B 31 -45.69 -13.73 -13.36
CA TRP B 31 -45.02 -13.19 -12.19
C TRP B 31 -45.46 -13.92 -10.92
N ILE B 32 -46.74 -14.32 -10.85
CA ILE B 32 -47.21 -15.17 -9.77
C ILE B 32 -46.51 -16.53 -9.83
N LYS B 33 -46.57 -17.17 -11.00
CA LYS B 33 -45.94 -18.48 -11.17
C LYS B 33 -44.46 -18.44 -10.81
N SER B 34 -43.78 -17.31 -11.05
CA SER B 34 -42.35 -17.22 -10.77
C SER B 34 -42.04 -17.40 -9.30
N GLN B 35 -42.93 -16.96 -8.41
CA GLN B 35 -42.65 -16.95 -6.99
C GLN B 35 -42.86 -18.31 -6.32
N LYS B 36 -43.33 -19.32 -7.05
CA LYS B 36 -43.55 -20.63 -6.45
C LYS B 36 -42.22 -21.29 -6.09
N LEU B 37 -42.09 -21.68 -4.83
CA LEU B 37 -40.84 -22.28 -4.36
C LEU B 37 -40.47 -23.48 -5.20
N ILE B 38 -39.16 -23.71 -5.36
CA ILE B 38 -38.67 -24.68 -6.32
C ILE B 38 -37.77 -25.70 -5.61
N ALA B 39 -37.03 -25.27 -4.60
CA ALA B 39 -36.11 -26.19 -3.94
C ALA B 39 -36.79 -27.46 -3.40
N PRO B 40 -38.02 -27.44 -2.89
CA PRO B 40 -38.68 -28.72 -2.54
C PRO B 40 -38.66 -29.76 -3.66
N ARG B 41 -38.90 -29.37 -4.90
CA ARG B 41 -38.79 -30.30 -6.01
C ARG B 41 -37.35 -30.59 -6.43
N MET B 42 -36.36 -30.09 -5.70
CA MET B 42 -34.95 -30.22 -6.09
C MET B 42 -34.20 -31.23 -5.26
N LYS B 43 -34.88 -31.94 -4.35
CA LYS B 43 -34.21 -32.86 -3.42
C LYS B 43 -33.21 -33.78 -4.10
N ASP B 44 -33.49 -34.18 -5.34
CA ASP B 44 -32.62 -35.10 -6.05
C ASP B 44 -31.59 -34.40 -6.94
N ALA B 45 -31.53 -33.08 -6.91
CA ALA B 45 -30.68 -32.36 -7.85
C ALA B 45 -29.27 -32.20 -7.29
N PRO B 46 -28.29 -31.91 -8.16
CA PRO B 46 -26.94 -31.62 -7.65
C PRO B 46 -26.95 -30.48 -6.65
N THR B 47 -25.98 -30.52 -5.75
CA THR B 47 -25.87 -29.51 -4.69
C THR B 47 -25.84 -28.11 -5.28
N PHE B 48 -24.98 -27.90 -6.30
CA PHE B 48 -24.87 -26.61 -6.97
C PHE B 48 -26.24 -26.06 -7.32
N TYR B 49 -27.03 -26.85 -8.05
CA TYR B 49 -28.31 -26.35 -8.53
C TYR B 49 -29.34 -26.21 -7.42
N ARG B 50 -29.32 -27.08 -6.42
CA ARG B 50 -30.26 -26.93 -5.31
C ARG B 50 -29.99 -25.66 -4.52
N ASN B 51 -28.71 -25.39 -4.22
CA ASN B 51 -28.33 -24.18 -3.48
C ASN B 51 -28.75 -22.93 -4.23
N LEU B 52 -28.54 -22.90 -5.55
CA LEU B 52 -29.00 -21.76 -6.33
C LEU B 52 -30.52 -21.65 -6.27
N GLU B 53 -31.25 -22.76 -6.43
CA GLU B 53 -32.70 -22.63 -6.34
C GLU B 53 -33.16 -22.31 -4.93
N GLU B 54 -32.41 -22.77 -3.92
CA GLU B 54 -32.66 -22.29 -2.56
C GLU B 54 -32.48 -20.78 -2.48
N ALA B 55 -31.39 -20.27 -3.05
CA ALA B 55 -31.15 -18.82 -3.04
C ALA B 55 -32.29 -18.08 -3.72
N LEU B 56 -32.79 -18.62 -4.84
CA LEU B 56 -33.91 -17.99 -5.51
C LEU B 56 -35.17 -18.04 -4.65
N ASP B 57 -35.40 -19.19 -3.99
CA ASP B 57 -36.55 -19.30 -3.09
C ASP B 57 -36.53 -18.20 -2.04
N VAL B 58 -35.34 -17.80 -1.58
CA VAL B 58 -35.24 -16.76 -0.55
C VAL B 58 -35.87 -15.47 -1.04
N ARG B 59 -35.71 -15.18 -2.34
CA ARG B 59 -36.39 -14.02 -2.91
C ARG B 59 -37.86 -14.34 -3.20
N ARG B 60 -38.14 -15.53 -3.73
CA ARG B 60 -39.52 -15.90 -4.05
C ARG B 60 -40.43 -15.83 -2.81
N SER B 61 -39.85 -16.02 -1.61
CA SER B 61 -40.65 -16.07 -0.39
C SER B 61 -41.34 -14.73 -0.10
N THR B 62 -40.67 -13.61 -0.39
CA THR B 62 -41.22 -12.27 -0.20
C THR B 62 -41.76 -11.67 -1.50
N GLN B 63 -42.19 -12.52 -2.43
CA GLN B 63 -42.78 -12.07 -3.70
C GLN B 63 -41.84 -11.13 -4.46
N SER B 64 -40.53 -11.37 -4.33
CA SER B 64 -39.50 -10.45 -4.79
C SER B 64 -38.60 -11.05 -5.88
N LEU B 65 -38.90 -12.23 -6.40
CA LEU B 65 -38.11 -12.76 -7.50
C LEU B 65 -38.38 -11.97 -8.77
N MET B 66 -37.31 -11.57 -9.45
CA MET B 66 -37.42 -10.84 -10.70
C MET B 66 -37.13 -11.78 -11.86
N THR B 67 -37.92 -11.66 -12.92
CA THR B 67 -37.75 -12.53 -14.06
C THR B 67 -37.77 -11.75 -15.36
N ARG B 68 -38.98 -11.42 -15.82
CA ARG B 68 -39.15 -10.85 -17.14
C ARG B 68 -39.53 -9.36 -17.10
N GLY B 69 -39.65 -8.76 -15.92
CA GLY B 69 -39.98 -7.36 -15.88
C GLY B 69 -41.36 -7.07 -16.45
N GLN B 70 -41.53 -5.84 -16.93
CA GLN B 70 -42.81 -5.43 -17.49
C GLN B 70 -42.59 -4.69 -18.81
N SER B 71 -43.27 -5.16 -19.85
CA SER B 71 -43.13 -4.61 -21.20
C SER B 71 -44.40 -3.91 -21.72
N THR B 72 -45.51 -3.93 -20.94
CA THR B 72 -46.76 -3.37 -21.43
C THR B 72 -46.64 -1.89 -21.80
N TRP B 73 -45.73 -1.17 -21.16
CA TRP B 73 -45.53 0.23 -21.52
C TRP B 73 -45.03 0.40 -22.95
N LYS B 74 -44.40 -0.64 -23.52
CA LYS B 74 -43.82 -0.52 -24.84
C LYS B 74 -44.81 -0.88 -25.94
N THR B 75 -45.63 -1.89 -25.69
CA THR B 75 -46.59 -2.39 -26.67
C THR B 75 -47.90 -1.62 -26.70
N GLY B 76 -48.00 -0.51 -25.98
CA GLY B 76 -49.27 0.22 -25.95
C GLY B 76 -50.38 -0.47 -25.19
N ASP B 77 -50.08 -1.51 -24.43
CA ASP B 77 -51.08 -2.13 -23.56
C ASP B 77 -51.25 -1.37 -22.24
N ALA B 78 -50.26 -0.55 -21.85
CA ALA B 78 -50.41 0.29 -20.66
C ALA B 78 -49.75 1.64 -20.94
N ILE B 79 -50.23 2.67 -20.24
CA ILE B 79 -49.60 3.98 -20.33
C ILE B 79 -48.19 3.89 -19.76
N ASP B 80 -47.22 4.48 -20.46
CA ASP B 80 -45.84 4.47 -19.97
C ASP B 80 -45.67 5.59 -18.95
N PHE B 81 -45.84 5.24 -17.67
CA PHE B 81 -45.37 6.06 -16.57
C PHE B 81 -44.26 5.36 -15.80
N CYS B 82 -43.46 4.55 -16.49
CA CYS B 82 -42.42 3.78 -15.79
C CYS B 82 -41.06 3.83 -16.45
N SER B 83 -40.97 4.01 -17.76
CA SER B 83 -39.71 3.73 -18.43
C SER B 83 -38.71 4.89 -18.30
N ASN B 84 -37.49 4.65 -18.77
CA ASN B 84 -36.45 5.67 -18.73
C ASN B 84 -36.30 6.44 -20.04
N ASP B 85 -37.27 6.33 -20.97
CA ASP B 85 -37.18 7.02 -22.28
C ASP B 85 -37.70 8.44 -22.11
N LEU B 86 -36.98 9.22 -21.30
CA LEU B 86 -37.50 10.48 -20.75
C LEU B 86 -37.90 11.47 -21.85
N LEU B 87 -37.12 11.56 -22.92
CA LEU B 87 -37.40 12.52 -23.97
C LEU B 87 -38.22 11.94 -25.10
N SER B 88 -38.66 10.68 -24.95
CA SER B 88 -39.37 9.95 -25.99
C SER B 88 -38.57 9.86 -27.29
N LEU B 89 -37.25 10.04 -27.20
CA LEU B 89 -36.39 9.82 -28.37
C LEU B 89 -36.48 8.39 -28.88
N GLY B 90 -36.68 7.41 -27.99
CA GLY B 90 -36.87 6.05 -28.47
C GLY B 90 -38.25 5.85 -29.07
N LEU B 91 -39.29 6.33 -28.38
CA LEU B 91 -40.67 6.15 -28.83
C LEU B 91 -40.87 6.71 -30.22
N THR B 92 -40.45 7.97 -30.45
CA THR B 92 -40.72 8.66 -31.70
C THR B 92 -39.86 8.15 -32.84
N GLY B 93 -38.92 7.26 -32.58
CA GLY B 93 -37.90 6.94 -33.57
C GLY B 93 -36.96 8.07 -33.96
N GLU B 94 -36.96 9.19 -33.24
CA GLU B 94 -36.05 10.29 -33.57
C GLU B 94 -34.58 9.92 -33.39
N LEU B 95 -34.23 9.21 -32.31
CA LEU B 95 -32.84 8.81 -32.17
C LEU B 95 -32.47 7.78 -33.24
N ARG B 96 -33.37 6.85 -33.55
CA ARG B 96 -33.06 5.85 -34.57
C ARG B 96 -32.74 6.51 -35.91
N ARG B 97 -33.54 7.51 -36.30
CA ARG B 97 -33.32 8.14 -37.60
C ARG B 97 -31.96 8.82 -37.68
N GLU B 98 -31.61 9.60 -36.66
CA GLU B 98 -30.31 10.26 -36.65
C GLU B 98 -29.17 9.23 -36.61
N PHE B 99 -29.34 8.16 -35.82
CA PHE B 99 -28.34 7.09 -35.76
C PHE B 99 -28.08 6.49 -37.13
N LEU B 100 -29.16 6.09 -37.84
CA LEU B 100 -28.98 5.50 -39.17
C LEU B 100 -28.42 6.53 -40.16
N ALA B 101 -28.81 7.79 -40.02
CA ALA B 101 -28.22 8.83 -40.85
C ALA B 101 -26.73 9.00 -40.52
N GLU B 102 -26.37 8.93 -39.23
CA GLU B 102 -24.96 9.03 -38.88
C GLU B 102 -24.15 7.91 -39.52
N LEU B 103 -24.66 6.68 -39.40
CA LEU B 103 -24.01 5.55 -40.05
C LEU B 103 -23.89 5.78 -41.55
N ALA B 104 -24.94 6.31 -42.19
CA ALA B 104 -24.93 6.52 -43.65
C ALA B 104 -23.83 7.49 -44.08
N ARG B 105 -23.57 8.53 -43.28
CA ARG B 105 -22.46 9.43 -43.56
C ARG B 105 -21.10 8.77 -43.39
N HIS B 106 -21.03 7.51 -42.97
CA HIS B 106 -19.77 6.79 -42.82
C HIS B 106 -19.88 5.42 -43.51
N PRO B 107 -19.95 5.41 -44.84
CA PRO B 107 -20.30 4.17 -45.56
C PRO B 107 -19.32 3.03 -45.36
N ASP B 108 -18.03 3.30 -45.12
CA ASP B 108 -17.07 2.19 -44.99
C ASP B 108 -16.57 1.99 -43.56
N PHE B 109 -17.42 2.24 -42.55
CA PHE B 109 -16.91 2.31 -41.18
C PHE B 109 -16.36 0.97 -40.72
N SER B 110 -15.26 1.02 -39.97
CA SER B 110 -14.69 -0.17 -39.35
C SER B 110 -15.48 -0.45 -38.08
N LEU B 111 -16.31 -1.50 -38.11
CA LEU B 111 -17.20 -1.77 -37.00
C LEU B 111 -16.42 -2.11 -35.73
N HIS B 112 -15.35 -2.89 -35.87
CA HIS B 112 -14.67 -3.51 -34.74
C HIS B 112 -13.56 -2.61 -34.20
N SER B 113 -13.53 -2.42 -32.88
CA SER B 113 -12.42 -1.66 -32.31
C SER B 113 -11.09 -2.40 -32.48
N GLY B 114 -11.11 -3.72 -32.39
CA GLY B 114 -9.89 -4.50 -32.48
C GLY B 114 -9.28 -4.90 -31.15
N GLY B 115 -9.67 -4.27 -30.03
CA GLY B 115 -9.12 -4.69 -28.75
C GLY B 115 -9.29 -3.61 -27.69
N SER B 116 -8.39 -3.65 -26.70
CA SER B 116 -8.41 -2.69 -25.61
C SER B 116 -8.18 -1.28 -26.13
N ARG B 117 -8.89 -0.34 -25.50
CA ARG B 117 -8.76 1.08 -25.84
C ARG B 117 -7.33 1.59 -25.68
N VAL B 118 -6.56 0.99 -24.78
CA VAL B 118 -5.19 1.44 -24.53
C VAL B 118 -4.18 0.47 -25.09
N MET B 119 -4.62 -0.51 -25.89
CA MET B 119 -3.66 -1.50 -26.37
C MET B 119 -3.87 -1.81 -27.85
N GLY B 120 -4.40 -0.87 -28.61
CA GLY B 120 -4.61 -1.13 -30.03
C GLY B 120 -6.03 -0.92 -30.51
N GLY B 121 -6.96 -0.74 -29.58
CA GLY B 121 -8.35 -0.54 -29.94
C GLY B 121 -8.77 0.91 -30.09
N ASN B 122 -7.86 1.86 -29.94
CA ASN B 122 -8.22 3.26 -30.06
C ASN B 122 -8.47 3.60 -31.53
N TYR B 123 -9.31 4.61 -31.77
CA TYR B 123 -9.43 5.12 -33.14
C TYR B 123 -9.91 6.57 -33.15
N ASP B 124 -9.74 7.21 -34.32
CA ASP B 124 -10.00 8.65 -34.45
C ASP B 124 -11.44 9.00 -34.10
N TYR B 125 -12.40 8.24 -34.64
CA TYR B 125 -13.80 8.62 -34.52
C TYR B 125 -14.25 8.65 -33.07
N ILE B 126 -13.84 7.67 -32.27
CA ILE B 126 -14.30 7.63 -30.89
C ILE B 126 -13.64 8.76 -30.10
N GLU B 127 -12.35 9.04 -30.36
CA GLU B 127 -11.70 10.17 -29.70
C GLU B 127 -12.37 11.50 -30.09
N ALA B 128 -12.76 11.64 -31.36
CA ALA B 128 -13.41 12.87 -31.80
C ALA B 128 -14.82 13.00 -31.22
N VAL B 129 -15.60 11.93 -31.25
CA VAL B 129 -16.93 11.98 -30.62
C VAL B 129 -16.80 12.34 -29.14
N GLU B 130 -15.86 11.70 -28.44
CA GLU B 130 -15.61 12.03 -27.04
C GLU B 130 -15.37 13.52 -26.84
N GLN B 131 -14.53 14.11 -27.68
CA GLN B 131 -14.18 15.54 -27.50
C GLN B 131 -15.37 16.44 -27.85
N GLU B 132 -16.14 16.05 -28.86
CA GLU B 132 -17.38 16.76 -29.19
C GLU B 132 -18.36 16.75 -28.02
N ILE B 133 -18.50 15.60 -27.35
CA ILE B 133 -19.35 15.53 -26.17
C ILE B 133 -18.83 16.45 -25.08
N ALA B 134 -17.52 16.36 -24.80
CA ALA B 134 -16.93 17.18 -23.75
C ALA B 134 -17.10 18.67 -24.03
N ASP B 135 -16.91 19.09 -25.29
CA ASP B 135 -17.07 20.50 -25.63
C ASP B 135 -18.51 20.96 -25.38
N PHE B 136 -19.48 20.16 -25.81
CA PHE B 136 -20.88 20.50 -25.57
C PHE B 136 -21.17 20.60 -24.09
N LEU B 137 -20.63 19.67 -23.30
CA LEU B 137 -20.91 19.66 -21.86
C LEU B 137 -19.97 20.58 -21.08
N GLY B 138 -19.04 21.25 -21.75
CA GLY B 138 -18.22 22.22 -21.06
C GLY B 138 -17.12 21.62 -20.24
N ALA B 139 -16.59 20.48 -20.68
CA ALA B 139 -15.55 19.75 -19.99
C ALA B 139 -14.33 19.69 -20.89
N GLU B 140 -13.18 19.49 -20.26
CA GLU B 140 -11.92 19.47 -21.02
C GLU B 140 -11.78 18.20 -21.86
N THR B 141 -12.08 17.02 -21.28
CA THR B 141 -12.00 15.77 -22.01
C THR B 141 -13.15 14.87 -21.60
N ALA B 142 -13.34 13.81 -22.37
CA ALA B 142 -14.36 12.82 -22.08
C ALA B 142 -13.79 11.45 -22.39
N LEU B 143 -14.28 10.43 -21.69
CA LEU B 143 -13.83 9.05 -21.86
C LEU B 143 -15.04 8.12 -21.83
N MET B 144 -15.20 7.33 -22.87
CA MET B 144 -16.43 6.58 -23.07
C MET B 144 -16.42 5.23 -22.36
N PHE B 145 -17.54 4.87 -21.75
CA PHE B 145 -17.72 3.58 -21.12
C PHE B 145 -18.98 2.92 -21.65
N ASN B 146 -19.03 1.61 -21.46
CA ASN B 146 -20.13 0.81 -21.99
C ASN B 146 -21.44 1.13 -21.29
N SER B 147 -21.38 1.79 -20.13
CA SER B 147 -22.57 2.04 -19.34
C SER B 147 -22.24 3.01 -18.23
N GLY B 148 -23.30 3.61 -17.66
CA GLY B 148 -23.09 4.47 -16.51
C GLY B 148 -22.49 3.72 -15.34
N SER B 149 -22.93 2.47 -15.13
CA SER B 149 -22.39 1.68 -14.03
C SER B 149 -20.90 1.43 -14.21
N ASN B 150 -20.46 1.08 -15.43
CA ASN B 150 -19.04 0.84 -15.61
C ASN B 150 -18.24 2.12 -15.42
N GLY B 151 -18.81 3.26 -15.80
CA GLY B 151 -18.17 4.54 -15.54
C GLY B 151 -17.93 4.76 -14.06
N ASN B 152 -18.95 4.49 -13.25
CA ASN B 152 -18.79 4.64 -11.79
C ASN B 152 -17.77 3.66 -11.26
N ILE B 153 -17.83 2.41 -11.72
CA ILE B 153 -16.86 1.41 -11.31
C ILE B 153 -15.44 1.91 -11.57
N ALA B 154 -15.20 2.47 -12.77
CA ALA B 154 -13.87 2.91 -13.14
C ALA B 154 -13.44 4.08 -12.29
N ILE B 155 -14.35 5.03 -12.06
CA ILE B 155 -13.99 6.21 -11.27
C ILE B 155 -13.54 5.80 -9.88
N TYR B 156 -14.35 5.02 -9.19
CA TYR B 156 -14.02 4.76 -7.80
C TYR B 156 -12.96 3.67 -7.64
N THR B 157 -12.63 2.91 -8.69
CA THR B 157 -11.46 2.06 -8.54
C THR B 157 -10.17 2.77 -8.90
N ALA B 158 -10.19 3.58 -9.96
CA ALA B 158 -8.94 4.17 -10.40
C ALA B 158 -8.58 5.46 -9.68
N ILE B 159 -9.56 6.29 -9.29
CA ILE B 159 -9.27 7.66 -8.89
C ILE B 159 -8.82 7.81 -7.43
N PRO B 160 -9.53 7.30 -6.42
CA PRO B 160 -9.08 7.54 -5.04
C PRO B 160 -7.70 6.98 -4.77
N ARG B 161 -6.91 7.73 -4.03
CA ARG B 161 -5.58 7.33 -3.62
C ARG B 161 -5.61 6.79 -2.20
N PRO B 162 -4.63 6.00 -1.80
CA PRO B 162 -4.47 5.71 -0.38
C PRO B 162 -4.36 7.01 0.40
N GLY B 163 -5.10 7.09 1.50
CA GLY B 163 -5.10 8.30 2.29
C GLY B 163 -6.25 9.25 2.02
N ASP B 164 -6.87 9.17 0.85
CA ASP B 164 -8.06 9.99 0.58
C ASP B 164 -9.25 9.46 1.36
N ALA B 165 -10.21 10.35 1.60
CA ALA B 165 -11.51 9.99 2.11
C ALA B 165 -12.58 10.19 1.05
N ILE B 166 -13.67 9.44 1.15
CA ILE B 166 -14.82 9.61 0.27
C ILE B 166 -16.02 9.97 1.15
N VAL B 167 -16.56 11.17 0.95
CA VAL B 167 -17.77 11.63 1.63
C VAL B 167 -18.89 11.60 0.60
N TYR B 168 -19.87 10.71 0.80
CA TYR B 168 -20.86 10.47 -0.23
C TYR B 168 -22.29 10.59 0.29
N ASP B 169 -23.19 11.10 -0.56
CA ASP B 169 -24.61 11.07 -0.25
C ASP B 169 -25.04 9.62 -0.07
N GLU B 170 -25.71 9.33 1.04
CA GLU B 170 -26.19 7.97 1.31
C GLU B 170 -27.00 7.38 0.16
N LEU B 171 -27.55 8.20 -0.73
CA LEU B 171 -28.38 7.67 -1.80
C LEU B 171 -27.67 7.60 -3.15
N VAL B 172 -26.34 7.46 -3.16
CA VAL B 172 -25.63 7.33 -4.43
C VAL B 172 -25.96 5.96 -5.01
N HIS B 173 -25.51 5.72 -6.24
CA HIS B 173 -25.95 4.59 -7.02
C HIS B 173 -25.25 3.30 -6.59
N PHE B 174 -25.92 2.19 -6.88
CA PHE B 174 -25.34 0.87 -6.61
C PHE B 174 -23.90 0.77 -7.09
N SER B 175 -23.66 1.21 -8.33
CA SER B 175 -22.32 1.08 -8.91
C SER B 175 -21.32 1.95 -8.16
N THR B 176 -21.75 3.10 -7.64
CA THR B 176 -20.88 3.88 -6.76
C THR B 176 -20.53 3.10 -5.50
N HIS B 177 -21.53 2.50 -4.84
CA HIS B 177 -21.24 1.64 -3.68
C HIS B 177 -20.27 0.52 -4.04
N THR B 178 -20.49 -0.14 -5.17
CA THR B 178 -19.56 -1.20 -5.55
C THR B 178 -18.16 -0.63 -5.76
N GLY B 179 -18.07 0.47 -6.51
CA GLY B 179 -16.75 1.01 -6.82
C GLY B 179 -15.98 1.43 -5.59
N MET B 180 -16.64 2.17 -4.68
CA MET B 180 -16.02 2.58 -3.43
C MET B 180 -15.45 1.38 -2.67
N ALA B 181 -16.22 0.28 -2.62
CA ALA B 181 -15.75 -0.92 -1.94
C ALA B 181 -14.48 -1.47 -2.57
N ALA B 182 -14.24 -1.18 -3.84
CA ALA B 182 -13.02 -1.63 -4.51
C ALA B 182 -11.87 -0.62 -4.46
N SER B 183 -12.08 0.58 -3.92
CA SER B 183 -11.09 1.64 -4.04
C SER B 183 -9.93 1.42 -3.05
N LEU B 184 -8.91 2.27 -3.21
CA LEU B 184 -7.78 2.36 -2.28
C LEU B 184 -8.05 3.34 -1.17
N ALA B 185 -9.26 3.92 -1.13
CA ALA B 185 -9.57 4.96 -0.16
C ALA B 185 -9.75 4.35 1.24
N THR B 186 -9.17 5.01 2.23
CA THR B 186 -9.18 4.47 3.58
C THR B 186 -10.50 4.72 4.26
N THR B 187 -10.99 5.95 4.18
CA THR B 187 -12.19 6.38 4.90
C THR B 187 -13.32 6.66 3.91
N LYS B 188 -14.46 6.01 4.12
CA LYS B 188 -15.69 6.32 3.41
C LYS B 188 -16.73 6.74 4.45
N VAL B 189 -17.43 7.83 4.19
CA VAL B 189 -18.40 8.40 5.12
C VAL B 189 -19.63 8.81 4.33
N ALA B 190 -20.80 8.25 4.70
CA ALA B 190 -22.08 8.66 4.16
C ALA B 190 -22.66 9.82 4.95
N PHE B 191 -23.47 10.65 4.29
CA PHE B 191 -24.17 11.71 5.00
C PHE B 191 -25.66 11.69 4.63
N ARG B 192 -26.47 12.25 5.52
CA ARG B 192 -27.92 12.23 5.33
C ARG B 192 -28.28 12.87 4.00
N HIS B 193 -29.25 12.27 3.31
CA HIS B 193 -29.54 12.65 1.94
C HIS B 193 -29.79 14.14 1.79
N ASN B 194 -29.05 14.77 0.87
CA ASN B 194 -29.29 16.16 0.41
C ASN B 194 -29.33 17.15 1.57
N ASP B 195 -28.82 16.73 2.72
CA ASP B 195 -28.89 17.52 3.95
C ASP B 195 -27.54 18.21 4.16
N LEU B 196 -27.53 19.55 4.03
CA LEU B 196 -26.29 20.31 4.08
C LEU B 196 -25.67 20.32 5.48
N ASP B 197 -26.48 20.20 6.53
CA ASP B 197 -25.93 20.10 7.88
C ASP B 197 -25.14 18.82 8.04
N ALA B 198 -25.74 17.69 7.65
CA ALA B 198 -25.06 16.41 7.72
C ALA B 198 -23.80 16.39 6.87
N PHE B 199 -23.87 17.02 5.69
CA PHE B 199 -22.70 17.07 4.83
C PHE B 199 -21.57 17.86 5.50
N ARG B 200 -21.91 18.99 6.14
CA ARG B 200 -20.88 19.76 6.82
C ARG B 200 -20.29 18.99 7.98
N GLU B 201 -21.13 18.26 8.72
CA GLU B 201 -20.63 17.46 9.83
C GLU B 201 -19.77 16.31 9.32
N ALA B 202 -20.18 15.68 8.21
CA ALA B 202 -19.36 14.64 7.62
C ALA B 202 -17.99 15.17 7.20
N MET B 203 -17.97 16.34 6.54
CA MET B 203 -16.70 16.91 6.09
C MET B 203 -15.82 17.32 7.28
N SER B 204 -16.41 17.94 8.31
CA SER B 204 -15.61 18.39 9.45
C SER B 204 -15.03 17.21 10.22
N SER B 205 -15.87 16.21 10.54
CA SER B 205 -15.34 15.07 11.27
C SER B 205 -14.29 14.32 10.44
N THR B 206 -14.45 14.32 9.12
CA THR B 206 -13.47 13.67 8.26
C THR B 206 -12.16 14.47 8.22
N MET B 207 -12.26 15.79 8.05
CA MET B 207 -11.06 16.62 8.04
C MET B 207 -10.31 16.55 9.36
N ASP B 208 -11.02 16.46 10.48
CA ASP B 208 -10.38 16.46 11.79
C ASP B 208 -9.94 15.07 12.26
N SER B 209 -10.11 14.04 11.46
CA SER B 209 -9.70 12.70 11.85
C SER B 209 -8.46 12.22 11.11
N HIS B 210 -7.90 13.01 10.20
CA HIS B 210 -6.74 12.56 9.43
CA HIS B 210 -6.72 12.56 9.47
C HIS B 210 -5.70 13.67 9.27
N PRO B 211 -4.47 13.49 9.74
CA PRO B 211 -3.49 14.57 9.62
C PRO B 211 -3.04 14.78 8.19
N MET B 212 -3.20 13.79 7.29
CA MET B 212 -2.81 14.06 5.91
CA MET B 212 -2.85 13.97 5.88
C MET B 212 -3.90 14.77 5.13
N LEU B 213 -5.12 14.82 5.67
CA LEU B 213 -6.16 15.66 5.12
C LEU B 213 -6.00 17.08 5.66
N GLN B 214 -5.67 17.15 6.95
CA GLN B 214 -5.43 18.44 7.59
C GLN B 214 -4.27 19.19 6.97
N ASP B 215 -3.24 18.51 6.46
CA ASP B 215 -2.14 19.27 5.86
C ASP B 215 -2.25 19.35 4.34
N GLY B 216 -3.34 18.86 3.76
CA GLY B 216 -3.55 18.99 2.33
C GLY B 216 -2.71 18.09 1.47
N SER B 217 -2.18 16.99 2.01
CA SER B 217 -1.44 16.04 1.19
C SER B 217 -2.30 14.89 0.71
N ARG B 218 -3.54 14.77 1.18
CA ARG B 218 -4.55 13.89 0.59
C ARG B 218 -5.85 14.67 0.45
N SER B 219 -6.83 14.07 -0.22
CA SER B 219 -8.04 14.78 -0.63
C SER B 219 -9.30 14.11 -0.11
N ILE B 220 -10.32 14.93 0.09
CA ILE B 220 -11.68 14.46 0.33
C ILE B 220 -12.42 14.45 -0.99
N LEU B 221 -12.86 13.28 -1.43
CA LEU B 221 -13.67 13.14 -2.64
C LEU B 221 -15.14 13.17 -2.23
N VAL B 222 -15.91 14.04 -2.87
CA VAL B 222 -17.34 14.15 -2.55
C VAL B 222 -18.14 13.58 -3.71
N SER B 223 -19.02 12.63 -3.38
CA SER B 223 -19.78 11.84 -4.36
C SER B 223 -21.27 12.12 -4.23
N VAL B 224 -21.87 12.66 -5.30
CA VAL B 224 -23.28 13.05 -5.34
C VAL B 224 -23.89 12.62 -6.67
N GLU B 225 -25.21 12.57 -6.69
CA GLU B 225 -25.98 12.55 -7.92
C GLU B 225 -26.54 13.94 -8.12
N SER B 226 -26.56 14.41 -9.38
CA SER B 226 -27.20 15.69 -9.58
C SER B 226 -28.72 15.54 -9.46
N VAL B 227 -29.26 14.46 -10.02
CA VAL B 227 -30.68 14.10 -9.90
C VAL B 227 -30.75 12.66 -9.37
N TYR B 228 -31.31 12.48 -8.18
CA TYR B 228 -31.34 11.15 -7.57
C TYR B 228 -32.44 10.27 -8.17
N SER B 229 -32.05 9.08 -8.63
CA SER B 229 -32.96 8.21 -9.38
C SER B 229 -34.12 7.68 -8.54
N MET B 230 -33.99 7.63 -7.21
CA MET B 230 -35.00 7.06 -6.35
C MET B 230 -35.88 8.10 -5.69
N ASP B 231 -35.43 9.35 -5.64
CA ASP B 231 -36.09 10.39 -4.86
C ASP B 231 -36.54 11.60 -5.66
N GLY B 232 -35.96 11.84 -6.85
CA GLY B 232 -36.35 12.95 -7.69
C GLY B 232 -35.86 14.30 -7.25
N ASP B 233 -35.19 14.41 -6.11
CA ASP B 233 -34.69 15.71 -5.69
C ASP B 233 -33.30 15.96 -6.30
N VAL B 234 -32.81 17.19 -6.11
CA VAL B 234 -31.65 17.70 -6.83
C VAL B 234 -30.56 18.06 -5.83
N CYS B 235 -29.31 17.81 -6.20
CA CYS B 235 -28.18 18.09 -5.30
C CYS B 235 -27.95 19.58 -5.16
N PRO B 236 -27.92 20.11 -3.96
CA PRO B 236 -27.66 21.56 -3.82
C PRO B 236 -26.17 21.85 -3.97
N LEU B 237 -25.69 21.78 -5.22
CA LEU B 237 -24.25 21.66 -5.47
C LEU B 237 -23.49 22.95 -5.17
N VAL B 238 -24.13 24.11 -5.34
CA VAL B 238 -23.45 25.38 -5.06
C VAL B 238 -23.14 25.48 -3.57
N GLU B 239 -24.13 25.21 -2.70
CA GLU B 239 -23.89 25.32 -1.27
C GLU B 239 -22.89 24.27 -0.77
N MET B 240 -22.93 23.06 -1.34
CA MET B 240 -21.97 22.03 -0.93
C MET B 240 -20.55 22.44 -1.27
N LEU B 241 -20.35 23.01 -2.47
CA LEU B 241 -19.02 23.50 -2.81
C LEU B 241 -18.55 24.55 -1.83
N GLU B 242 -19.45 25.42 -1.37
CA GLU B 242 -19.03 26.47 -0.43
C GLU B 242 -18.65 25.87 0.91
N ILE B 243 -19.47 24.95 1.41
CA ILE B 243 -19.15 24.23 2.64
C ILE B 243 -17.80 23.55 2.53
N ALA B 244 -17.54 22.91 1.38
CA ALA B 244 -16.26 22.21 1.20
C ALA B 244 -15.09 23.18 1.24
N ARG B 245 -15.22 24.32 0.54
CA ARG B 245 -14.16 25.32 0.58
C ARG B 245 -13.89 25.80 2.00
N GLU B 246 -14.93 26.02 2.79
CA GLU B 246 -14.74 26.44 4.16
C GLU B 246 -14.03 25.37 4.99
N ILE B 247 -14.48 24.11 4.88
CA ILE B 247 -13.89 23.04 5.67
C ILE B 247 -12.53 22.61 5.16
N CYS B 248 -12.23 22.82 3.87
CA CYS B 248 -10.94 22.45 3.29
C CYS B 248 -10.28 23.70 2.69
N PRO B 249 -9.81 24.62 3.55
CA PRO B 249 -9.22 25.86 3.02
C PRO B 249 -8.06 25.65 2.09
N LYS B 250 -7.35 24.53 2.19
CA LYS B 250 -6.25 24.31 1.26
C LYS B 250 -6.74 23.84 -0.10
N GLY B 251 -8.04 23.61 -0.28
CA GLY B 251 -8.56 23.19 -1.58
C GLY B 251 -8.36 21.72 -1.87
N ASN B 252 -8.10 20.91 -0.86
CA ASN B 252 -7.83 19.50 -1.10
C ASN B 252 -9.13 18.69 -1.06
N PHE B 253 -10.01 19.01 -2.00
CA PHE B 253 -11.23 18.24 -2.21
C PHE B 253 -11.48 18.11 -3.71
N ALA B 254 -12.44 17.27 -4.06
CA ALA B 254 -12.82 17.03 -5.45
C ALA B 254 -14.23 16.48 -5.47
N PHE B 255 -15.12 17.08 -6.25
CA PHE B 255 -16.48 16.60 -6.36
C PHE B 255 -16.58 15.65 -7.54
N ILE B 256 -17.47 14.66 -7.39
CA ILE B 256 -17.76 13.68 -8.43
C ILE B 256 -19.28 13.66 -8.56
N ALA B 257 -19.78 14.09 -9.71
CA ALA B 257 -21.21 14.30 -9.90
C ALA B 257 -21.73 13.31 -10.92
N ASP B 258 -22.64 12.45 -10.48
CA ASP B 258 -23.24 11.44 -11.33
C ASP B 258 -24.52 12.07 -11.89
N GLU B 259 -24.52 12.35 -13.20
CA GLU B 259 -25.60 13.07 -13.87
C GLU B 259 -26.51 12.15 -14.68
N ALA B 260 -26.58 10.86 -14.33
CA ALA B 260 -27.36 9.90 -15.14
C ALA B 260 -28.77 10.41 -15.42
N HIS B 261 -29.42 11.03 -14.44
CA HIS B 261 -30.79 11.49 -14.59
C HIS B 261 -30.89 13.01 -14.78
N ALA B 262 -29.81 13.65 -15.21
CA ALA B 262 -29.84 15.09 -15.52
C ALA B 262 -29.63 15.41 -16.99
N THR B 263 -28.75 14.68 -17.68
CA THR B 263 -28.50 14.96 -19.09
C THR B 263 -29.78 14.83 -19.90
N GLY B 264 -30.05 15.82 -20.77
CA GLY B 264 -31.23 15.82 -21.57
C GLY B 264 -32.45 16.39 -20.88
N VAL B 265 -32.48 16.38 -19.55
CA VAL B 265 -33.64 16.78 -18.77
C VAL B 265 -33.44 18.12 -18.07
N VAL B 266 -32.22 18.38 -17.60
CA VAL B 266 -31.92 19.57 -16.80
C VAL B 266 -30.89 20.39 -17.56
N GLY B 267 -31.07 21.70 -17.57
CA GLY B 267 -30.11 22.59 -18.18
C GLY B 267 -30.43 22.88 -19.63
N PRO B 268 -29.93 24.01 -20.11
CA PRO B 268 -30.27 24.45 -21.48
C PRO B 268 -29.69 23.49 -22.50
N ARG B 269 -30.52 23.11 -23.47
CA ARG B 269 -30.16 22.12 -24.49
C ARG B 269 -29.75 20.77 -23.88
N GLY B 270 -30.12 20.56 -22.62
CA GLY B 270 -29.90 19.29 -21.96
C GLY B 270 -28.54 19.11 -21.32
N VAL B 271 -27.81 20.19 -21.04
CA VAL B 271 -26.40 20.05 -20.66
C VAL B 271 -26.16 19.46 -19.27
N GLY B 272 -27.19 19.31 -18.45
CA GLY B 272 -27.01 18.74 -17.13
C GLY B 272 -27.03 19.83 -16.06
N LEU B 273 -26.94 19.36 -14.81
CA LEU B 273 -26.97 20.29 -13.68
C LEU B 273 -25.65 21.04 -13.54
N VAL B 274 -24.52 20.35 -13.69
CA VAL B 274 -23.23 21.00 -13.46
C VAL B 274 -23.09 22.21 -14.36
N LYS B 275 -23.43 22.07 -15.64
CA LYS B 275 -23.23 23.18 -16.55
C LYS B 275 -24.30 24.24 -16.37
N LEU B 276 -25.53 23.83 -16.05
CA LEU B 276 -26.58 24.79 -15.79
C LEU B 276 -26.14 25.76 -14.72
N LEU B 277 -25.60 25.24 -13.62
CA LEU B 277 -25.15 26.08 -12.53
C LEU B 277 -23.81 26.76 -12.81
N GLY B 278 -23.18 26.51 -13.96
CA GLY B 278 -21.87 27.08 -14.21
C GLY B 278 -20.73 26.54 -13.36
N LEU B 279 -20.79 25.25 -13.00
CA LEU B 279 -19.80 24.69 -12.09
C LEU B 279 -18.84 23.73 -12.77
N GLU B 280 -18.66 23.86 -14.09
CA GLU B 280 -17.89 22.85 -14.81
C GLU B 280 -16.41 22.93 -14.47
N ASN B 281 -15.93 24.12 -14.09
CA ASN B 281 -14.56 24.25 -13.62
C ASN B 281 -14.38 23.82 -12.17
N GLU B 282 -15.47 23.71 -11.38
CA GLU B 282 -15.38 23.39 -9.96
C GLU B 282 -15.67 21.93 -9.62
N VAL B 283 -16.07 21.11 -10.58
CA VAL B 283 -16.38 19.69 -10.36
C VAL B 283 -15.32 18.90 -11.11
N ALA B 284 -14.47 18.21 -10.35
CA ALA B 284 -13.33 17.52 -10.96
C ALA B 284 -13.79 16.43 -11.93
N ILE B 285 -14.87 15.71 -11.59
CA ILE B 285 -15.27 14.52 -12.33
C ILE B 285 -16.78 14.48 -12.49
N ARG B 286 -17.25 14.27 -13.70
CA ARG B 286 -18.70 14.14 -13.92
C ARG B 286 -19.00 12.86 -14.68
N LEU B 287 -20.18 12.29 -14.44
CA LEU B 287 -20.65 11.12 -15.18
C LEU B 287 -21.94 11.47 -15.91
N ASN B 288 -21.94 11.28 -17.22
CA ASN B 288 -23.10 11.55 -18.05
C ASN B 288 -23.43 10.26 -18.78
N THR B 289 -24.55 9.65 -18.45
CA THR B 289 -24.92 8.35 -19.01
C THR B 289 -25.93 8.51 -20.15
N CYS B 290 -25.96 7.52 -21.04
CA CYS B 290 -26.83 7.50 -22.22
C CYS B 290 -28.13 6.71 -22.03
N GLY B 291 -28.30 6.06 -20.89
CA GLY B 291 -29.39 5.09 -20.84
C GLY B 291 -30.75 5.64 -20.53
N LYS B 292 -30.86 6.93 -20.22
CA LYS B 292 -32.15 7.48 -19.86
C LYS B 292 -32.65 8.40 -20.96
N ALA B 293 -32.62 9.71 -20.74
CA ALA B 293 -33.08 10.63 -21.79
C ALA B 293 -32.36 10.40 -23.12
N LEU B 294 -31.08 9.98 -23.10
CA LEU B 294 -30.33 9.82 -24.35
C LEU B 294 -30.67 8.53 -25.09
N ALA B 295 -31.46 7.65 -24.47
CA ALA B 295 -32.29 6.63 -25.13
C ALA B 295 -31.49 5.51 -25.79
N CYS B 296 -30.25 5.27 -25.36
CA CYS B 296 -29.49 4.11 -25.82
C CYS B 296 -28.72 3.50 -24.65
N THR B 297 -27.40 3.31 -24.78
CA THR B 297 -26.55 2.87 -23.69
C THR B 297 -25.18 3.53 -23.83
N GLY B 298 -24.37 3.38 -22.79
CA GLY B 298 -23.07 4.00 -22.71
C GLY B 298 -23.05 5.10 -21.67
N SER B 299 -21.85 5.61 -21.43
CA SER B 299 -21.63 6.79 -20.60
C SER B 299 -20.32 7.45 -21.02
N VAL B 300 -20.12 8.68 -20.55
CA VAL B 300 -18.78 9.26 -20.58
C VAL B 300 -18.45 9.79 -19.20
N VAL B 301 -17.15 9.80 -18.89
CA VAL B 301 -16.63 10.42 -17.68
C VAL B 301 -15.90 11.68 -18.11
N LEU B 302 -16.24 12.81 -17.49
CA LEU B 302 -15.76 14.13 -17.90
C LEU B 302 -14.72 14.63 -16.91
N GLY B 303 -13.64 15.18 -17.44
CA GLY B 303 -12.58 15.72 -16.59
C GLY B 303 -11.43 16.20 -17.43
N ASN B 304 -10.36 16.62 -16.75
CA ASN B 304 -9.21 17.07 -17.51
C ASN B 304 -8.36 15.88 -17.92
N ALA B 305 -7.27 16.17 -18.64
CA ALA B 305 -6.43 15.10 -19.16
C ALA B 305 -5.79 14.26 -18.05
N THR B 306 -5.64 14.82 -16.86
CA THR B 306 -5.05 14.07 -15.76
C THR B 306 -6.02 12.99 -15.27
N VAL B 307 -7.27 13.37 -15.06
CA VAL B 307 -8.32 12.39 -14.73
C VAL B 307 -8.45 11.33 -15.82
N ARG B 308 -8.41 11.74 -17.09
CA ARG B 308 -8.63 10.79 -18.17
C ARG B 308 -7.50 9.77 -18.26
N ASN B 309 -6.25 10.22 -18.18
CA ASN B 309 -5.10 9.33 -18.12
C ASN B 309 -5.15 8.42 -16.89
N MET B 310 -5.65 8.92 -15.77
CA MET B 310 -5.77 8.09 -14.58
C MET B 310 -6.71 6.91 -14.82
N LEU B 311 -7.85 7.16 -15.45
CA LEU B 311 -8.78 6.06 -15.79
C LEU B 311 -8.15 5.11 -16.81
N LEU B 312 -7.52 5.65 -17.86
CA LEU B 312 -6.92 4.81 -18.89
C LEU B 312 -5.85 3.85 -18.32
N ASN B 313 -5.24 4.22 -17.19
CA ASN B 313 -4.12 3.45 -16.67
C ASN B 313 -4.47 2.65 -15.42
N TYR B 314 -5.43 3.12 -14.63
CA TYR B 314 -5.73 2.49 -13.35
C TYR B 314 -7.13 1.92 -13.25
N ALA B 315 -7.96 2.06 -14.28
CA ALA B 315 -9.26 1.37 -14.29
C ALA B 315 -9.03 0.07 -15.03
N GLY B 316 -8.69 -0.97 -14.28
CA GLY B 316 -8.40 -2.25 -14.89
C GLY B 316 -9.58 -2.79 -15.68
N SER B 317 -10.80 -2.40 -15.27
CA SER B 317 -11.98 -2.79 -16.04
C SER B 317 -11.93 -2.24 -17.45
N LEU B 318 -11.48 -0.99 -17.63
CA LEU B 318 -11.34 -0.43 -18.98
C LEU B 318 -10.17 -1.06 -19.70
N VAL B 319 -9.03 -1.20 -19.02
CA VAL B 319 -7.81 -1.71 -19.66
C VAL B 319 -8.05 -3.10 -20.27
N ASN B 320 -8.80 -3.95 -19.59
CA ASN B 320 -8.94 -5.34 -20.01
C ASN B 320 -10.28 -5.64 -20.71
N THR B 321 -10.94 -4.65 -21.32
CA THR B 321 -12.14 -4.93 -22.07
C THR B 321 -12.04 -4.38 -23.50
N THR B 322 -12.89 -4.90 -24.36
CA THR B 322 -12.90 -4.51 -25.78
C THR B 322 -13.39 -3.08 -25.95
N ALA B 323 -12.65 -2.27 -26.73
CA ALA B 323 -13.04 -0.88 -26.94
C ALA B 323 -14.34 -0.79 -27.74
N PRO B 324 -15.10 0.29 -27.59
CA PRO B 324 -16.45 0.33 -28.18
C PRO B 324 -16.43 0.25 -29.70
N SER B 325 -17.35 -0.54 -30.23
CA SER B 325 -17.56 -0.65 -31.65
C SER B 325 -18.10 0.66 -32.22
N PHE B 326 -17.94 0.83 -33.55
CA PHE B 326 -18.35 2.06 -34.20
C PHE B 326 -19.84 2.37 -34.03
N PRO B 327 -20.78 1.41 -34.22
CA PRO B 327 -22.20 1.77 -34.04
C PRO B 327 -22.56 2.14 -32.61
N SER B 328 -21.92 1.54 -31.61
CA SER B 328 -22.10 2.00 -30.24
C SER B 328 -21.70 3.47 -30.08
N VAL B 329 -20.56 3.86 -30.68
CA VAL B 329 -20.15 5.27 -30.66
C VAL B 329 -21.12 6.13 -31.49
N ALA B 330 -21.55 5.62 -32.65
CA ALA B 330 -22.38 6.43 -33.54
C ALA B 330 -23.71 6.80 -32.91
N VAL B 331 -24.29 5.88 -32.13
CA VAL B 331 -25.62 6.15 -31.61
C VAL B 331 -25.55 7.16 -30.48
N ILE B 332 -24.48 7.11 -29.68
CA ILE B 332 -24.24 8.14 -28.67
C ILE B 332 -24.04 9.49 -29.33
N ARG B 333 -23.19 9.54 -30.37
CA ARG B 333 -23.04 10.77 -31.13
C ARG B 333 -24.40 11.30 -31.60
N ALA B 334 -25.27 10.39 -32.08
CA ALA B 334 -26.56 10.81 -32.60
C ALA B 334 -27.41 11.46 -31.51
N ALA B 335 -27.37 10.89 -30.30
CA ALA B 335 -28.09 11.52 -29.19
C ALA B 335 -27.60 12.95 -28.96
N TYR B 336 -26.28 13.12 -28.82
CA TYR B 336 -25.70 14.45 -28.64
C TYR B 336 -25.94 15.36 -29.86
N ASN B 337 -25.91 14.82 -31.08
CA ASN B 337 -26.32 15.65 -32.23
C ASN B 337 -27.70 16.26 -32.03
N LEU B 338 -28.65 15.45 -31.50
CA LEU B 338 -30.01 15.96 -31.31
C LEU B 338 -30.05 17.01 -30.22
N MET B 339 -29.31 16.84 -29.12
CA MET B 339 -29.28 17.89 -28.11
C MET B 339 -28.55 19.13 -28.62
N ARG B 340 -27.46 18.94 -29.36
CA ARG B 340 -26.67 20.09 -29.78
C ARG B 340 -27.44 20.96 -30.75
N THR B 341 -28.20 20.34 -31.65
CA THR B 341 -28.89 21.09 -32.68
C THR B 341 -30.24 21.61 -32.22
N GLY B 342 -30.62 21.39 -30.96
CA GLY B 342 -31.83 21.97 -30.40
C GLY B 342 -33.08 21.13 -30.52
N ALA B 343 -32.96 19.90 -31.02
CA ALA B 343 -34.05 19.02 -31.38
C ALA B 343 -34.65 18.28 -30.19
N THR B 344 -34.15 18.52 -28.97
CA THR B 344 -34.76 17.97 -27.78
C THR B 344 -35.31 19.04 -26.88
N GLN B 345 -35.09 20.31 -27.18
CA GLN B 345 -35.51 21.37 -26.26
C GLN B 345 -37.01 21.33 -26.01
N LYS B 346 -37.80 21.12 -27.07
CA LYS B 346 -39.25 21.10 -26.92
C LYS B 346 -39.67 19.95 -25.99
N ALA B 347 -39.09 18.77 -26.19
CA ALA B 347 -39.40 17.62 -25.35
C ALA B 347 -39.00 17.90 -23.91
N GLN B 348 -37.80 18.45 -23.71
CA GLN B 348 -37.35 18.84 -22.38
C GLN B 348 -38.33 19.79 -21.72
N ASP B 349 -38.75 20.83 -22.45
CA ASP B 349 -39.79 21.73 -21.92
C ASP B 349 -41.08 20.96 -21.63
N ASN B 350 -41.42 20.00 -22.50
CA ASN B 350 -42.67 19.27 -22.30
C ASN B 350 -42.64 18.44 -21.01
N ILE B 351 -41.48 17.89 -20.64
CA ILE B 351 -41.34 17.21 -19.36
C ILE B 351 -41.68 18.16 -18.21
N GLN B 352 -41.10 19.36 -18.22
CA GLN B 352 -41.39 20.35 -17.19
C GLN B 352 -42.89 20.64 -17.10
N HIS B 353 -43.52 20.89 -18.25
CA HIS B 353 -44.96 21.16 -18.29
C HIS B 353 -45.76 20.01 -17.67
N LEU B 354 -45.58 18.81 -18.21
CA LEU B 354 -46.35 17.66 -17.75
C LEU B 354 -46.11 17.35 -16.28
N VAL B 355 -44.86 17.48 -15.80
CA VAL B 355 -44.60 17.22 -14.38
C VAL B 355 -45.33 18.22 -13.50
N LYS B 356 -45.21 19.51 -13.84
CA LYS B 356 -45.91 20.54 -13.06
C LYS B 356 -47.44 20.35 -13.14
N TYR B 357 -47.93 19.90 -14.29
CA TYR B 357 -49.36 19.66 -14.42
C TYR B 357 -49.81 18.53 -13.50
N PHE B 358 -49.01 17.46 -13.42
CA PHE B 358 -49.28 16.40 -12.47
C PHE B 358 -49.32 16.93 -11.03
N PHE B 359 -48.27 17.67 -10.62
CA PHE B 359 -48.25 18.20 -9.26
C PHE B 359 -49.46 19.07 -8.99
N GLU B 360 -49.83 19.93 -9.95
CA GLU B 360 -50.98 20.80 -9.72
C GLU B 360 -52.26 20.00 -9.53
N SER B 361 -52.46 18.96 -10.35
CA SER B 361 -53.68 18.17 -10.24
C SER B 361 -53.75 17.42 -8.91
N ILE B 362 -52.74 16.60 -8.60
CA ILE B 362 -52.79 15.78 -7.41
C ILE B 362 -52.85 16.64 -6.14
N THR B 363 -52.27 17.83 -6.18
CA THR B 363 -52.29 18.72 -5.03
C THR B 363 -53.67 19.30 -4.79
N SER B 364 -54.47 19.45 -5.85
CA SER B 364 -55.74 20.16 -5.77
C SER B 364 -56.94 19.23 -5.64
N SER B 365 -56.71 17.95 -5.37
CA SER B 365 -57.79 16.99 -5.20
C SER B 365 -58.23 16.93 -3.75
N TRP B 368 -56.34 14.83 -1.43
CA TRP B 368 -54.91 14.89 -1.16
C TRP B 368 -54.63 15.05 0.32
N ASP B 369 -55.04 16.20 0.88
CA ASP B 369 -54.70 16.57 2.25
C ASP B 369 -55.02 15.44 3.24
N LYS B 370 -56.19 14.81 3.07
CA LYS B 370 -56.63 13.80 4.03
C LYS B 370 -55.78 12.54 3.91
N ALA B 371 -55.59 12.05 2.68
CA ALA B 371 -54.74 10.89 2.43
C ALA B 371 -53.34 11.08 2.97
N THR B 372 -52.74 12.23 2.69
CA THR B 372 -51.39 12.49 3.16
C THR B 372 -51.34 12.56 4.68
N ASP B 373 -52.28 13.28 5.28
CA ASP B 373 -52.32 13.39 6.73
C ASP B 373 -52.37 12.03 7.39
N LEU B 374 -53.19 11.12 6.86
CA LEU B 374 -53.36 9.78 7.49
C LEU B 374 -52.14 8.88 7.27
N GLY B 375 -51.34 9.14 6.23
CA GLY B 375 -50.19 8.27 5.91
C GLY B 375 -50.50 7.31 4.78
N ILE B 376 -51.65 7.48 4.15
CA ILE B 376 -52.10 6.55 3.07
C ILE B 376 -51.31 6.83 1.78
N LEU B 377 -51.06 8.10 1.51
CA LEU B 377 -50.35 8.47 0.26
C LEU B 377 -49.41 9.65 0.56
N SER B 378 -48.23 9.64 -0.07
CA SER B 378 -47.31 10.76 0.08
C SER B 378 -46.51 10.91 -1.19
N ILE B 379 -46.28 12.16 -1.60
CA ILE B 379 -45.44 12.48 -2.75
C ILE B 379 -44.52 13.62 -2.33
N PRO B 380 -43.42 13.34 -1.63
CA PRO B 380 -42.57 14.42 -1.10
C PRO B 380 -42.11 15.44 -2.13
N VAL B 381 -41.79 15.01 -3.36
CA VAL B 381 -41.32 15.95 -4.38
C VAL B 381 -42.37 16.97 -4.75
N ALA B 382 -43.62 16.77 -4.33
CA ALA B 382 -44.69 17.73 -4.57
C ALA B 382 -44.74 18.85 -3.54
N GLU B 383 -43.92 18.79 -2.50
CA GLU B 383 -43.88 19.89 -1.54
C GLU B 383 -43.22 21.10 -2.17
N ASP B 384 -43.86 22.26 -2.02
CA ASP B 384 -43.29 23.53 -2.50
C ASP B 384 -42.92 23.44 -3.97
N TYR B 385 -43.69 22.68 -4.75
CA TYR B 385 -43.36 22.51 -6.15
C TYR B 385 -43.44 23.82 -6.92
N GLU B 386 -44.21 24.80 -6.42
CA GLU B 386 -44.28 26.09 -7.10
C GLU B 386 -42.98 26.87 -6.94
N SER B 387 -42.27 26.66 -5.83
CA SER B 387 -41.05 27.40 -5.52
C SER B 387 -39.78 26.68 -5.96
N LEU B 388 -39.88 25.75 -6.89
CA LEU B 388 -38.72 25.09 -7.45
C LEU B 388 -38.30 25.80 -8.73
N ASP B 389 -36.98 25.98 -8.91
CA ASP B 389 -36.48 26.55 -10.16
C ASP B 389 -36.92 25.69 -11.33
N PHE B 390 -36.93 24.38 -11.15
CA PHE B 390 -37.37 23.43 -12.16
C PHE B 390 -37.78 22.17 -11.41
N VAL B 391 -38.29 21.19 -12.14
CA VAL B 391 -38.72 19.93 -11.58
C VAL B 391 -37.98 18.81 -12.30
N THR B 392 -38.04 17.60 -11.73
CA THR B 392 -37.47 16.44 -12.38
C THR B 392 -38.58 15.48 -12.81
N HIS B 393 -38.20 14.59 -13.71
CA HIS B 393 -39.11 13.61 -14.29
C HIS B 393 -39.44 12.48 -13.32
N ILE B 394 -38.73 12.38 -12.20
CA ILE B 394 -38.89 11.30 -11.24
C ILE B 394 -39.90 11.69 -10.17
N VAL B 395 -40.99 10.92 -10.08
CA VAL B 395 -42.04 11.17 -9.10
C VAL B 395 -42.24 9.93 -8.23
N PRO B 396 -41.56 9.82 -7.09
CA PRO B 396 -41.77 8.66 -6.21
C PRO B 396 -43.04 8.83 -5.36
N ILE B 397 -43.84 7.77 -5.29
CA ILE B 397 -45.13 7.83 -4.60
C ILE B 397 -45.12 6.83 -3.44
N TRP B 398 -45.37 7.33 -2.23
CA TRP B 398 -45.31 6.55 -1.01
C TRP B 398 -46.72 6.30 -0.47
N THR B 399 -46.98 5.04 -0.11
CA THR B 399 -48.11 4.65 0.72
C THR B 399 -47.57 3.93 1.97
N ARG B 400 -48.46 3.31 2.74
CA ARG B 400 -48.00 2.49 3.85
C ARG B 400 -47.28 1.26 3.30
N GLN B 401 -46.20 0.86 3.98
CA GLN B 401 -45.42 -0.28 3.49
C GLN B 401 -46.30 -1.51 3.28
N LYS B 402 -47.31 -1.69 4.15
CA LYS B 402 -48.27 -2.77 4.01
C LYS B 402 -49.17 -2.59 2.80
N TYR B 403 -49.13 -1.43 2.14
CA TYR B 403 -50.00 -1.16 1.00
C TYR B 403 -49.24 -0.99 -0.32
N ASN B 404 -47.95 -1.30 -0.37
CA ASN B 404 -47.15 -0.84 -1.51
C ASN B 404 -47.47 -1.64 -2.77
N TRP B 405 -47.32 -2.97 -2.72
CA TRP B 405 -47.71 -3.79 -3.87
C TRP B 405 -49.17 -3.56 -4.24
N TRP B 406 -50.02 -3.27 -3.25
CA TRP B 406 -51.41 -2.97 -3.56
C TRP B 406 -51.51 -1.71 -4.41
N LEU B 407 -50.75 -0.68 -4.08
CA LEU B 407 -50.72 0.49 -4.97
C LEU B 407 -50.23 0.10 -6.36
N PHE B 408 -49.15 -0.67 -6.42
CA PHE B 408 -48.65 -1.19 -7.70
C PHE B 408 -49.75 -1.91 -8.49
N PHE B 409 -50.43 -2.87 -7.86
CA PHE B 409 -51.44 -3.68 -8.57
C PHE B 409 -52.60 -2.82 -9.05
N HIS B 410 -53.00 -1.84 -8.24
CA HIS B 410 -54.03 -0.90 -8.66
C HIS B 410 -53.62 -0.17 -9.92
N LEU B 411 -52.45 0.47 -9.92
CA LEU B 411 -52.00 1.20 -11.10
C LEU B 411 -51.90 0.27 -12.30
N GLN B 412 -51.32 -0.93 -12.12
CA GLN B 412 -51.13 -1.83 -13.25
C GLN B 412 -52.46 -2.27 -13.85
N LEU B 413 -53.40 -2.73 -13.00
CA LEU B 413 -54.67 -3.23 -13.53
C LEU B 413 -55.50 -2.09 -14.11
N ALA B 414 -55.22 -0.86 -13.69
CA ALA B 414 -55.75 0.32 -14.38
C ALA B 414 -55.03 0.59 -15.68
N LYS B 415 -54.08 -0.27 -16.06
CA LYS B 415 -53.31 -0.13 -17.30
C LYS B 415 -52.38 1.07 -17.23
N ILE B 416 -51.81 1.32 -16.05
CA ILE B 416 -50.82 2.36 -15.85
C ILE B 416 -49.52 1.69 -15.43
N ALA B 417 -48.52 1.74 -16.31
CA ALA B 417 -47.23 1.14 -16.00
C ALA B 417 -46.41 2.07 -15.11
N VAL B 418 -46.00 1.56 -13.96
CA VAL B 418 -45.08 2.23 -13.05
C VAL B 418 -44.06 1.18 -12.61
N VAL B 419 -43.00 1.61 -11.93
CA VAL B 419 -41.95 0.71 -11.48
C VAL B 419 -42.06 0.53 -9.97
N PRO B 420 -42.10 -0.70 -9.46
CA PRO B 420 -42.09 -0.91 -8.02
C PRO B 420 -40.66 -0.93 -7.52
N ILE B 421 -40.44 -0.26 -6.39
CA ILE B 421 -39.10 -0.11 -5.82
C ILE B 421 -39.14 -0.65 -4.41
N ASP B 422 -38.47 -1.76 -4.17
CA ASP B 422 -38.43 -2.42 -2.86
C ASP B 422 -37.12 -3.22 -2.76
N TYR B 423 -36.95 -3.94 -1.64
CA TYR B 423 -35.92 -4.97 -1.55
C TYR B 423 -36.01 -5.93 -2.74
N PRO B 424 -34.88 -6.36 -3.33
CA PRO B 424 -33.49 -6.06 -2.93
C PRO B 424 -32.84 -4.74 -3.42
N GLN B 425 -33.58 -3.71 -3.83
CA GLN B 425 -32.97 -2.46 -4.25
C GLN B 425 -32.94 -1.39 -3.16
N VAL B 426 -33.93 -1.39 -2.28
CA VAL B 426 -33.95 -0.47 -1.14
C VAL B 426 -34.25 -1.30 0.10
N PRO B 427 -34.07 -0.73 1.29
CA PRO B 427 -34.43 -1.47 2.52
C PRO B 427 -35.89 -1.90 2.49
N LYS B 428 -36.18 -2.98 3.24
CA LYS B 428 -37.51 -3.59 3.19
C LYS B 428 -38.62 -2.59 3.52
N GLY B 429 -38.41 -1.78 4.55
CA GLY B 429 -39.43 -0.83 4.98
C GLY B 429 -39.32 0.53 4.33
N LYS B 430 -38.69 0.60 3.16
CA LYS B 430 -38.56 1.85 2.41
C LYS B 430 -39.13 1.72 0.99
N SER B 431 -40.12 0.84 0.83
CA SER B 431 -40.68 0.54 -0.48
C SER B 431 -41.53 1.70 -0.97
N ARG B 432 -41.67 1.80 -2.29
CA ARG B 432 -42.39 2.92 -2.91
C ARG B 432 -42.66 2.57 -4.37
N VAL B 433 -43.39 3.44 -5.04
CA VAL B 433 -43.62 3.37 -6.47
C VAL B 433 -43.00 4.60 -7.12
N ARG B 434 -42.37 4.41 -8.28
CA ARG B 434 -41.74 5.51 -9.02
C ARG B 434 -42.50 5.76 -10.30
N VAL B 435 -43.15 6.89 -10.38
CA VAL B 435 -43.72 7.36 -11.63
C VAL B 435 -42.64 8.10 -12.39
N MET B 436 -42.54 7.81 -13.68
CA MET B 436 -41.69 8.55 -14.60
C MET B 436 -42.57 9.28 -15.59
N ILE B 437 -42.45 10.62 -15.62
CA ILE B 437 -43.13 11.45 -16.60
C ILE B 437 -42.20 11.65 -17.79
N HIS B 438 -42.72 11.39 -19.00
CA HIS B 438 -41.95 11.53 -20.23
C HIS B 438 -42.51 12.65 -21.10
N ALA B 439 -41.65 13.16 -21.99
CA ALA B 439 -42.07 14.19 -22.94
C ALA B 439 -43.22 13.74 -23.81
N GLY B 440 -43.28 12.43 -24.14
CA GLY B 440 -44.34 11.89 -24.98
C GLY B 440 -45.66 11.57 -24.29
N ASN B 441 -45.72 11.64 -22.95
CA ASN B 441 -47.01 11.53 -22.27
C ASN B 441 -47.87 12.76 -22.58
N THR B 442 -49.17 12.65 -22.25
CA THR B 442 -50.14 13.71 -22.48
C THR B 442 -50.78 14.14 -21.17
N GLU B 443 -51.45 15.29 -21.22
CA GLU B 443 -52.19 15.77 -20.05
C GLU B 443 -53.35 14.83 -19.70
N GLU B 444 -53.98 14.23 -20.72
CA GLU B 444 -55.08 13.30 -20.47
C GLU B 444 -54.58 12.06 -19.72
N GLN B 445 -53.38 11.57 -20.08
CA GLN B 445 -52.81 10.46 -19.33
C GLN B 445 -52.51 10.87 -17.89
N VAL B 446 -52.09 12.11 -17.70
CA VAL B 446 -51.87 12.57 -16.33
C VAL B 446 -53.20 12.64 -15.57
N ASP B 447 -54.26 13.13 -16.23
CA ASP B 447 -55.60 13.10 -15.62
C ASP B 447 -55.94 11.69 -15.17
N TYR B 448 -55.82 10.74 -16.09
CA TYR B 448 -56.09 9.35 -15.75
C TYR B 448 -55.23 8.86 -14.60
N LEU B 449 -53.96 9.30 -14.53
CA LEU B 449 -53.11 8.85 -13.43
C LEU B 449 -53.60 9.43 -12.11
N VAL B 450 -53.95 10.72 -12.11
CA VAL B 450 -54.41 11.37 -10.89
C VAL B 450 -55.70 10.73 -10.38
N ALA B 451 -56.64 10.43 -11.29
CA ALA B 451 -57.92 9.84 -10.87
C ALA B 451 -57.72 8.43 -10.33
N THR B 452 -56.91 7.62 -11.02
CA THR B 452 -56.60 6.28 -10.51
C THR B 452 -55.97 6.34 -9.13
N LEU B 453 -55.12 7.34 -8.87
CA LEU B 453 -54.45 7.44 -7.59
C LEU B 453 -55.42 7.87 -6.49
N CYS B 454 -56.35 8.77 -6.83
CA CYS B 454 -57.31 9.21 -5.84
C CYS B 454 -58.30 8.10 -5.49
N ASP B 455 -58.72 7.32 -6.49
CA ASP B 455 -59.53 6.13 -6.24
C ASP B 455 -58.83 5.16 -5.30
N PHE B 456 -57.52 4.99 -5.48
CA PHE B 456 -56.77 4.15 -4.55
C PHE B 456 -56.82 4.73 -3.15
N ALA B 457 -56.62 6.04 -3.04
CA ALA B 457 -56.57 6.66 -1.72
C ALA B 457 -57.92 6.55 -1.02
N ASN B 458 -59.02 6.81 -1.72
CA ASN B 458 -60.33 6.75 -1.07
C ASN B 458 -60.66 5.32 -0.63
N GLU B 459 -60.33 4.33 -1.47
CA GLU B 459 -60.54 2.94 -1.10
C GLU B 459 -59.74 2.56 0.15
N MET B 460 -58.44 2.90 0.19
CA MET B 460 -57.63 2.57 1.37
C MET B 460 -58.08 3.32 2.61
N ILE B 461 -58.60 4.54 2.45
CA ILE B 461 -59.14 5.26 3.59
C ILE B 461 -60.31 4.50 4.21
N ASP B 462 -61.25 4.07 3.37
CA ASP B 462 -62.41 3.36 3.88
C ASP B 462 -61.99 2.10 4.64
N ILE B 463 -61.30 1.19 3.95
CA ILE B 463 -60.79 -0.06 4.52
C ILE B 463 -60.16 0.20 5.88
N GLU B 464 -59.31 1.23 5.97
CA GLU B 464 -58.77 1.64 7.26
C GLU B 464 -59.89 1.96 8.25
N GLU B 465 -60.80 2.88 7.89
CA GLU B 465 -61.83 3.29 8.85
C GLU B 465 -62.81 2.16 9.18
N GLY B 466 -62.86 1.10 8.38
CA GLY B 466 -63.76 0.00 8.65
C GLY B 466 -63.31 -0.95 9.73
N GLY B 467 -62.02 -0.90 10.10
CA GLY B 467 -61.49 -1.69 11.19
C GLY B 467 -61.15 -3.12 10.85
N GLU B 468 -61.47 -3.58 9.64
CA GLU B 468 -61.30 -4.99 9.27
C GLU B 468 -59.93 -5.14 8.62
N LYS B 469 -58.95 -5.54 9.44
CA LYS B 469 -57.58 -5.74 8.98
C LYS B 469 -57.43 -6.88 7.99
N GLY B 470 -58.49 -7.65 7.74
CA GLY B 470 -58.44 -8.69 6.72
C GLY B 470 -58.95 -8.23 5.37
N LYS B 471 -59.65 -7.09 5.35
CA LYS B 471 -60.11 -6.52 4.09
C LYS B 471 -58.92 -6.12 3.21
N ILE B 472 -59.01 -6.45 1.93
CA ILE B 472 -58.01 -6.07 0.94
C ILE B 472 -58.71 -5.31 -0.16
N PRO B 473 -57.99 -4.45 -0.89
CA PRO B 473 -58.62 -3.61 -1.91
C PRO B 473 -58.94 -4.37 -3.19
N LYS B 474 -59.62 -3.68 -4.10
CA LYS B 474 -60.17 -4.32 -5.28
C LYS B 474 -59.09 -4.87 -6.19
N ALA B 475 -58.01 -4.11 -6.39
CA ALA B 475 -56.92 -4.61 -7.23
C ALA B 475 -56.29 -5.85 -6.60
N ALA B 476 -56.07 -5.80 -5.28
CA ALA B 476 -55.42 -6.93 -4.60
C ALA B 476 -56.28 -8.18 -4.68
N GLN B 477 -57.60 -8.02 -4.52
CA GLN B 477 -58.52 -9.15 -4.67
C GLN B 477 -58.29 -9.89 -5.98
N GLU B 478 -58.15 -9.15 -7.08
CA GLU B 478 -57.94 -9.81 -8.36
C GLU B 478 -56.58 -10.51 -8.42
N ILE B 479 -55.55 -9.87 -7.89
CA ILE B 479 -54.24 -10.51 -7.78
C ILE B 479 -54.32 -11.75 -6.89
N TYR B 480 -54.86 -11.58 -5.68
CA TYR B 480 -55.00 -12.72 -4.76
C TYR B 480 -55.86 -13.82 -5.39
N ALA B 481 -56.89 -13.45 -6.14
CA ALA B 481 -57.67 -14.45 -6.87
C ALA B 481 -56.83 -15.12 -7.96
N LEU B 482 -56.10 -14.33 -8.75
CA LEU B 482 -55.21 -14.90 -9.75
C LEU B 482 -54.21 -15.86 -9.12
N MET B 483 -53.73 -15.54 -7.92
CA MET B 483 -52.79 -16.42 -7.21
C MET B 483 -53.46 -17.72 -6.77
N ALA B 484 -54.65 -17.63 -6.18
CA ALA B 484 -55.34 -18.84 -5.75
C ALA B 484 -55.59 -19.78 -6.91
N ALA B 485 -55.88 -19.23 -8.09
CA ALA B 485 -56.16 -20.04 -9.27
C ALA B 485 -54.92 -20.82 -9.70
N HIS B 486 -53.91 -20.12 -10.22
CA HIS B 486 -52.71 -20.77 -10.72
C HIS B 486 -51.74 -21.16 -9.60
N GLY C 22 46.62 24.89 5.51
CA GLY C 22 46.06 23.78 4.78
C GLY C 22 45.15 22.91 5.64
N LYS C 23 43.86 22.96 5.37
CA LYS C 23 42.91 22.19 6.18
C LYS C 23 43.15 20.70 6.05
N VAL C 24 43.67 20.24 4.91
CA VAL C 24 44.02 18.83 4.77
C VAL C 24 45.24 18.51 5.64
N VAL C 25 46.31 19.28 5.47
CA VAL C 25 47.54 19.03 6.21
C VAL C 25 47.32 19.20 7.70
N SER C 26 46.51 20.20 8.10
CA SER C 26 46.21 20.39 9.52
C SER C 26 45.50 19.18 10.10
N GLU C 27 44.50 18.67 9.39
CA GLU C 27 43.86 17.43 9.81
C GLU C 27 44.86 16.29 9.87
N MET C 28 45.88 16.31 9.00
CA MET C 28 46.88 15.23 9.01
C MET C 28 47.72 15.27 10.28
N ILE C 29 48.13 16.46 10.72
CA ILE C 29 48.98 16.53 11.91
C ILE C 29 48.18 16.14 13.15
N ALA C 30 46.89 16.50 13.20
CA ALA C 30 46.07 16.05 14.32
C ALA C 30 45.96 14.53 14.32
N TRP C 31 45.77 13.93 13.14
CA TRP C 31 45.72 12.48 13.06
C TRP C 31 47.07 11.86 13.41
N ILE C 32 48.16 12.51 13.00
CA ILE C 32 49.50 12.12 13.43
C ILE C 32 49.60 12.17 14.94
N LYS C 33 49.35 13.35 15.53
CA LYS C 33 49.45 13.51 16.97
C LYS C 33 48.52 12.58 17.72
N SER C 34 47.44 12.13 17.09
CA SER C 34 46.51 11.25 17.80
C SER C 34 47.08 9.86 17.97
N GLN C 35 48.01 9.44 17.10
CA GLN C 35 48.57 8.10 17.18
C GLN C 35 49.74 7.97 18.17
N LYS C 36 50.14 9.05 18.82
CA LYS C 36 51.22 8.96 19.79
C LYS C 36 50.76 8.17 21.01
N LEU C 37 51.59 7.25 21.48
CA LEU C 37 51.22 6.40 22.61
C LEU C 37 51.03 7.24 23.88
N ILE C 38 50.01 6.88 24.66
CA ILE C 38 49.63 7.64 25.83
C ILE C 38 49.95 6.89 27.11
N ALA C 39 49.76 5.57 27.14
CA ALA C 39 49.87 4.83 28.39
C ALA C 39 51.26 4.85 29.03
N PRO C 40 52.37 4.94 28.30
CA PRO C 40 53.65 5.21 28.98
C PRO C 40 53.59 6.36 29.97
N ARG C 41 52.77 7.39 29.69
CA ARG C 41 52.56 8.52 30.57
C ARG C 41 51.41 8.29 31.55
N MET C 42 50.97 7.04 31.73
CA MET C 42 49.77 6.74 32.51
C MET C 42 50.07 5.96 33.78
N LYS C 43 51.30 6.04 34.31
CA LYS C 43 51.70 5.14 35.37
C LYS C 43 51.06 5.51 36.70
N ASP C 44 51.04 6.80 37.04
CA ASP C 44 50.40 7.20 38.28
C ASP C 44 48.88 7.20 38.18
N ALA C 45 48.31 7.02 36.98
CA ALA C 45 46.89 7.21 36.72
C ALA C 45 46.08 6.01 37.22
N PRO C 46 44.80 6.23 37.51
CA PRO C 46 43.95 5.13 37.98
C PRO C 46 43.86 3.98 36.99
N THR C 47 43.69 2.78 37.53
CA THR C 47 43.68 1.54 36.75
C THR C 47 42.71 1.62 35.58
N PHE C 48 41.50 2.13 35.85
CA PHE C 48 40.48 2.20 34.83
C PHE C 48 40.95 3.04 33.64
N TYR C 49 41.46 4.25 33.92
CA TYR C 49 41.90 5.10 32.83
C TYR C 49 43.17 4.57 32.17
N ARG C 50 44.06 3.92 32.95
CA ARG C 50 45.25 3.33 32.33
C ARG C 50 44.88 2.21 31.37
N ASN C 51 43.92 1.35 31.77
CA ASN C 51 43.50 0.24 30.91
C ASN C 51 42.80 0.74 29.65
N LEU C 52 42.01 1.82 29.77
CA LEU C 52 41.40 2.39 28.58
C LEU C 52 42.47 2.95 27.64
N GLU C 53 43.42 3.74 28.18
CA GLU C 53 44.43 4.29 27.28
C GLU C 53 45.36 3.19 26.75
N GLU C 54 45.56 2.13 27.53
CA GLU C 54 46.29 0.99 27.01
C GLU C 54 45.56 0.37 25.82
N ALA C 55 44.23 0.26 25.91
CA ALA C 55 43.49 -0.31 24.78
C ALA C 55 43.50 0.65 23.59
N LEU C 56 43.42 1.96 23.85
CA LEU C 56 43.57 2.91 22.76
C LEU C 56 44.94 2.79 22.12
N ASP C 57 45.97 2.50 22.92
CA ASP C 57 47.32 2.36 22.36
C ASP C 57 47.41 1.19 21.39
N VAL C 58 46.63 0.13 21.62
CA VAL C 58 46.65 -1.01 20.68
C VAL C 58 46.31 -0.53 19.27
N ARG C 59 45.36 0.40 19.15
CA ARG C 59 45.02 0.96 17.85
C ARG C 59 46.04 2.01 17.42
N ARG C 60 46.55 2.81 18.36
CA ARG C 60 47.59 3.77 18.02
C ARG C 60 48.86 3.09 17.52
N SER C 61 49.14 1.88 18.01
CA SER C 61 50.34 1.18 17.59
C SER C 61 50.33 0.93 16.09
N THR C 62 49.23 0.37 15.57
CA THR C 62 49.03 0.23 14.13
C THR C 62 48.57 1.53 13.48
N GLN C 63 48.61 2.64 14.21
CA GLN C 63 48.16 3.95 13.73
C GLN C 63 46.74 3.90 13.17
N SER C 64 45.90 3.03 13.73
CA SER C 64 44.52 2.87 13.30
C SER C 64 43.53 3.56 14.24
N LEU C 65 43.99 4.49 15.08
CA LEU C 65 43.07 5.19 15.96
C LEU C 65 42.23 6.16 15.15
N MET C 66 40.96 6.24 15.49
CA MET C 66 40.04 7.17 14.84
C MET C 66 39.66 8.24 15.85
N THR C 67 39.69 9.51 15.44
CA THR C 67 39.36 10.56 16.38
C THR C 67 38.30 11.49 15.81
N ARG C 68 38.70 12.43 14.95
CA ARG C 68 37.81 13.46 14.44
C ARG C 68 37.35 13.23 13.01
N GLY C 69 37.93 12.27 12.31
CA GLY C 69 37.45 11.89 11.00
C GLY C 69 37.99 12.77 9.90
N GLN C 70 37.11 13.26 9.05
CA GLN C 70 37.53 13.90 7.82
C GLN C 70 36.41 14.82 7.34
N SER C 71 36.63 16.15 7.43
CA SER C 71 35.61 17.14 7.15
C SER C 71 35.98 18.05 5.99
N THR C 72 37.08 17.79 5.30
CA THR C 72 37.49 18.67 4.21
C THR C 72 36.52 18.57 3.03
N TRP C 73 35.83 17.45 2.88
CA TRP C 73 34.88 17.28 1.79
C TRP C 73 33.67 18.20 1.91
N LYS C 74 33.35 18.67 3.12
CA LYS C 74 32.16 19.47 3.32
C LYS C 74 32.44 20.96 3.28
N THR C 75 33.63 21.38 3.66
CA THR C 75 34.00 22.80 3.68
C THR C 75 34.54 23.29 2.34
N GLY C 76 34.61 22.43 1.33
CA GLY C 76 35.14 22.83 0.04
C GLY C 76 36.64 22.74 -0.12
N ASP C 77 37.37 22.29 0.91
CA ASP C 77 38.83 22.19 0.83
C ASP C 77 39.29 20.93 0.10
N ALA C 78 38.41 19.97 -0.16
CA ALA C 78 38.74 18.82 -0.99
C ALA C 78 37.52 18.45 -1.81
N ILE C 79 37.77 17.83 -2.96
CA ILE C 79 36.69 17.31 -3.78
C ILE C 79 36.02 16.17 -3.02
N ASP C 80 34.69 16.16 -3.00
CA ASP C 80 33.99 15.11 -2.26
C ASP C 80 33.85 13.87 -3.12
N PHE C 81 34.83 12.97 -3.02
CA PHE C 81 34.65 11.60 -3.49
C PHE C 81 34.58 10.63 -2.32
N CYS C 82 34.06 11.08 -1.17
CA CYS C 82 34.06 10.20 -0.02
C CYS C 82 32.69 10.04 0.67
N SER C 83 31.82 11.05 0.60
CA SER C 83 30.71 11.11 1.54
C SER C 83 29.54 10.21 1.12
N ASN C 84 28.56 10.10 2.00
CA ASN C 84 27.34 9.35 1.72
C ASN C 84 26.20 10.23 1.22
N ASP C 85 26.49 11.48 0.81
CA ASP C 85 25.44 12.38 0.31
C ASP C 85 25.21 12.14 -1.20
N LEU C 86 24.78 10.92 -1.50
CA LEU C 86 24.82 10.39 -2.87
C LEU C 86 24.06 11.28 -3.86
N LEU C 87 22.87 11.74 -3.49
CA LEU C 87 22.05 12.56 -4.38
C LEU C 87 22.33 14.04 -4.22
N SER C 88 23.29 14.42 -3.37
CA SER C 88 23.63 15.81 -3.11
C SER C 88 22.45 16.59 -2.54
N LEU C 89 21.48 15.87 -1.97
CA LEU C 89 20.35 16.50 -1.28
C LEU C 89 20.81 17.32 -0.09
N GLY C 90 21.89 16.93 0.57
CA GLY C 90 22.43 17.78 1.63
C GLY C 90 23.14 18.99 1.08
N LEU C 91 24.08 18.77 0.15
CA LEU C 91 24.87 19.85 -0.44
C LEU C 91 23.99 20.97 -0.99
N THR C 92 22.98 20.62 -1.80
CA THR C 92 22.16 21.62 -2.48
C THR C 92 21.18 22.33 -1.56
N GLY C 93 21.03 21.88 -0.31
CA GLY C 93 19.94 22.36 0.52
C GLY C 93 18.54 21.94 0.11
N GLU C 94 18.38 21.02 -0.84
CA GLU C 94 17.03 20.65 -1.27
C GLU C 94 16.27 19.88 -0.19
N LEU C 95 16.91 18.92 0.48
CA LEU C 95 16.20 18.25 1.56
C LEU C 95 15.83 19.23 2.66
N ARG C 96 16.76 20.14 3.01
CA ARG C 96 16.46 21.11 4.07
C ARG C 96 15.25 21.95 3.73
N ARG C 97 15.10 22.35 2.45
CA ARG C 97 14.00 23.23 2.08
C ARG C 97 12.66 22.51 2.16
N GLU C 98 12.60 21.25 1.72
CA GLU C 98 11.36 20.49 1.90
C GLU C 98 11.07 20.22 3.38
N PHE C 99 12.12 19.93 4.16
CA PHE C 99 11.95 19.67 5.59
C PHE C 99 11.32 20.86 6.30
N LEU C 100 11.92 22.05 6.15
CA LEU C 100 11.33 23.23 6.77
C LEU C 100 9.92 23.50 6.24
N ALA C 101 9.67 23.21 4.95
CA ALA C 101 8.33 23.40 4.43
C ALA C 101 7.35 22.39 5.04
N GLU C 102 7.74 21.12 5.12
CA GLU C 102 6.91 20.15 5.82
C GLU C 102 6.59 20.62 7.23
N LEU C 103 7.61 21.07 7.97
CA LEU C 103 7.37 21.62 9.30
C LEU C 103 6.39 22.79 9.26
N ALA C 104 6.54 23.69 8.28
CA ALA C 104 5.64 24.84 8.19
C ALA C 104 4.18 24.42 7.96
N ARG C 105 3.95 23.35 7.20
CA ARG C 105 2.58 22.88 7.02
C ARG C 105 2.00 22.25 8.29
N HIS C 106 2.80 22.10 9.35
CA HIS C 106 2.35 21.54 10.63
C HIS C 106 2.65 22.49 11.78
N PRO C 107 2.11 23.71 11.75
CA PRO C 107 2.56 24.76 12.66
C PRO C 107 2.45 24.41 14.14
N ASP C 108 1.46 23.63 14.57
CA ASP C 108 1.34 23.30 15.99
C ASP C 108 1.86 21.90 16.33
N PHE C 109 2.79 21.37 15.54
CA PHE C 109 3.13 19.95 15.65
C PHE C 109 3.58 19.59 17.07
N SER C 110 3.21 18.38 17.51
CA SER C 110 3.65 17.86 18.81
C SER C 110 5.05 17.30 18.66
N LEU C 111 6.06 17.99 19.22
CA LEU C 111 7.44 17.60 18.98
C LEU C 111 7.72 16.23 19.60
N HIS C 112 7.30 16.02 20.85
CA HIS C 112 7.72 14.88 21.65
C HIS C 112 6.76 13.73 21.50
N SER C 113 7.29 12.55 21.18
CA SER C 113 6.44 11.35 21.12
C SER C 113 5.84 11.03 22.49
N GLY C 114 6.58 11.23 23.56
CA GLY C 114 6.05 10.99 24.89
C GLY C 114 6.43 9.66 25.52
N GLY C 115 6.96 8.71 24.76
CA GLY C 115 7.38 7.45 25.35
C GLY C 115 7.64 6.40 24.29
N SER C 116 7.53 5.14 24.71
CA SER C 116 7.75 4.02 23.82
C SER C 116 6.68 3.99 22.74
N ARG C 117 7.09 3.61 21.53
CA ARG C 117 6.16 3.45 20.41
C ARG C 117 4.98 2.53 20.74
N VAL C 118 5.16 1.60 21.69
CA VAL C 118 4.12 0.64 22.03
C VAL C 118 3.53 0.88 23.40
N MET C 119 3.98 1.91 24.13
CA MET C 119 3.51 2.14 25.49
C MET C 119 3.04 3.59 25.68
N GLY C 120 2.57 4.23 24.61
CA GLY C 120 2.08 5.60 24.68
C GLY C 120 2.71 6.57 23.73
N GLY C 121 3.82 6.24 23.09
CA GLY C 121 4.47 7.19 22.22
C GLY C 121 4.02 7.17 20.79
N ASN C 122 3.03 6.36 20.46
CA ASN C 122 2.55 6.27 19.10
C ASN C 122 1.72 7.49 18.75
N TYR C 123 1.69 7.87 17.48
CA TYR C 123 0.80 8.94 17.06
C TYR C 123 0.48 8.81 15.56
N ASP C 124 -0.57 9.53 15.13
CA ASP C 124 -1.07 9.37 13.77
C ASP C 124 -0.04 9.74 12.74
N TYR C 125 0.71 10.83 12.97
CA TYR C 125 1.58 11.32 11.92
C TYR C 125 2.63 10.30 11.56
N ILE C 126 3.24 9.67 12.57
CA ILE C 126 4.30 8.74 12.27
C ILE C 126 3.74 7.47 11.64
N GLU C 127 2.55 7.04 12.08
CA GLU C 127 1.90 5.90 11.42
C GLU C 127 1.56 6.20 9.96
N ALA C 128 1.09 7.42 9.67
CA ALA C 128 0.73 7.75 8.29
C ALA C 128 1.97 7.92 7.42
N VAL C 129 3.01 8.56 7.97
CA VAL C 129 4.24 8.69 7.20
C VAL C 129 4.79 7.31 6.87
N GLU C 130 4.77 6.40 7.84
CA GLU C 130 5.23 5.02 7.62
C GLU C 130 4.48 4.36 6.49
N GLN C 131 3.14 4.47 6.48
CA GLN C 131 2.35 3.82 5.43
C GLN C 131 2.59 4.49 4.09
N GLU C 132 2.79 5.80 4.09
CA GLU C 132 3.10 6.52 2.84
C GLU C 132 4.42 6.02 2.25
N ILE C 133 5.40 5.76 3.11
CA ILE C 133 6.68 5.21 2.66
C ILE C 133 6.48 3.80 2.13
N ALA C 134 5.73 2.98 2.85
CA ALA C 134 5.51 1.61 2.42
C ALA C 134 4.75 1.57 1.09
N ASP C 135 3.74 2.42 0.93
CA ASP C 135 3.05 2.46 -0.37
C ASP C 135 4.03 2.83 -1.50
N PHE C 136 4.91 3.80 -1.26
CA PHE C 136 5.86 4.21 -2.30
C PHE C 136 6.78 3.07 -2.68
N LEU C 137 7.27 2.33 -1.69
CA LEU C 137 8.18 1.20 -1.91
C LEU C 137 7.47 -0.11 -2.23
N GLY C 138 6.14 -0.13 -2.28
CA GLY C 138 5.46 -1.34 -2.67
C GLY C 138 5.42 -2.40 -1.59
N ALA C 139 5.26 -1.99 -0.35
CA ALA C 139 5.24 -2.89 0.79
C ALA C 139 3.95 -2.67 1.57
N GLU C 140 3.56 -3.68 2.36
CA GLU C 140 2.29 -3.61 3.07
CA GLU C 140 2.29 -3.62 3.08
C GLU C 140 2.36 -2.63 4.23
N THR C 141 3.46 -2.64 4.99
CA THR C 141 3.57 -1.80 6.17
C THR C 141 5.02 -1.39 6.30
N ALA C 142 5.25 -0.35 7.08
CA ALA C 142 6.61 0.04 7.37
C ALA C 142 6.69 0.36 8.86
N LEU C 143 7.91 0.25 9.41
CA LEU C 143 8.12 0.50 10.84
C LEU C 143 9.42 1.27 10.98
N MET C 144 9.35 2.42 11.64
CA MET C 144 10.45 3.38 11.65
C MET C 144 11.41 3.13 12.80
N PHE C 145 12.72 3.15 12.48
CA PHE C 145 13.78 3.06 13.49
C PHE C 145 14.73 4.26 13.42
N ASN C 146 15.48 4.46 14.51
CA ASN C 146 16.36 5.61 14.61
C ASN C 146 17.54 5.53 13.65
N SER C 147 17.81 4.36 13.08
CA SER C 147 18.94 4.19 12.17
C SER C 147 18.75 2.88 11.43
N GLY C 148 19.52 2.73 10.35
CA GLY C 148 19.61 1.43 9.71
C GLY C 148 20.15 0.36 10.63
N SER C 149 21.19 0.69 11.41
CA SER C 149 21.76 -0.30 12.31
C SER C 149 20.74 -0.81 13.30
N ASN C 150 19.95 0.08 13.88
CA ASN C 150 18.98 -0.36 14.86
C ASN C 150 17.90 -1.21 14.19
N GLY C 151 17.59 -0.92 12.92
CA GLY C 151 16.65 -1.75 12.19
C GLY C 151 17.16 -3.15 12.00
N ASN C 152 18.44 -3.29 11.66
CA ASN C 152 19.00 -4.63 11.52
C ASN C 152 19.01 -5.34 12.86
N ILE C 153 19.43 -4.64 13.91
CA ILE C 153 19.44 -5.21 15.26
C ILE C 153 18.07 -5.75 15.60
N ALA C 154 17.02 -4.96 15.31
CA ALA C 154 15.68 -5.38 15.68
C ALA C 154 15.26 -6.59 14.85
N ILE C 155 15.58 -6.56 13.56
CA ILE C 155 15.19 -7.67 12.67
C ILE C 155 15.77 -8.99 13.18
N TYR C 156 17.06 -9.01 13.48
CA TYR C 156 17.66 -10.32 13.75
C TYR C 156 17.51 -10.73 15.20
N THR C 157 17.11 -9.80 16.08
CA THR C 157 16.74 -10.11 17.45
C THR C 157 15.31 -10.65 17.54
N ALA C 158 14.37 -9.98 16.89
CA ALA C 158 12.95 -10.32 17.03
C ALA C 158 12.49 -11.42 16.09
N ILE C 159 13.01 -11.45 14.86
CA ILE C 159 12.39 -12.25 13.82
C ILE C 159 12.74 -13.73 13.88
N PRO C 160 14.01 -14.15 14.02
CA PRO C 160 14.31 -15.58 13.89
C PRO C 160 13.78 -16.38 15.08
N ARG C 161 13.30 -17.55 14.79
CA ARG C 161 12.72 -18.47 15.74
C ARG C 161 13.72 -19.57 16.09
N PRO C 162 13.67 -20.10 17.31
CA PRO C 162 14.44 -21.34 17.60
C PRO C 162 14.16 -22.37 16.52
N GLY C 163 15.21 -22.98 16.01
CA GLY C 163 15.07 -23.91 14.92
C GLY C 163 15.30 -23.32 13.54
N ASP C 164 15.13 -22.01 13.36
CA ASP C 164 15.44 -21.39 12.06
C ASP C 164 16.94 -21.38 11.83
N ALA C 165 17.33 -21.30 10.57
CA ALA C 165 18.71 -21.09 10.20
C ALA C 165 18.85 -19.77 9.47
N ILE C 166 20.01 -19.13 9.56
CA ILE C 166 20.29 -17.91 8.84
C ILE C 166 21.42 -18.20 7.85
N VAL C 167 21.13 -18.08 6.56
CA VAL C 167 22.15 -18.15 5.51
C VAL C 167 22.39 -16.73 5.02
N TYR C 168 23.61 -16.21 5.24
CA TYR C 168 23.92 -14.81 4.96
C TYR C 168 25.14 -14.65 4.06
N ASP C 169 25.12 -13.62 3.22
CA ASP C 169 26.31 -13.21 2.47
C ASP C 169 27.39 -12.80 3.46
N GLU C 170 28.61 -13.29 3.24
CA GLU C 170 29.70 -12.99 4.18
C GLU C 170 29.92 -11.50 4.39
N LEU C 171 29.46 -10.64 3.49
CA LEU C 171 29.74 -9.22 3.59
C LEU C 171 28.53 -8.40 4.07
N VAL C 172 27.56 -9.03 4.76
CA VAL C 172 26.44 -8.27 5.33
C VAL C 172 27.00 -7.27 6.33
N HIS C 173 26.16 -6.33 6.79
CA HIS C 173 26.61 -5.20 7.58
C HIS C 173 26.98 -5.60 8.99
N PHE C 174 27.82 -4.77 9.63
CA PHE C 174 28.18 -4.96 11.03
C PHE C 174 26.93 -5.14 11.89
N SER C 175 25.90 -4.33 11.67
CA SER C 175 24.69 -4.44 12.47
C SER C 175 23.99 -5.78 12.26
N THR C 176 24.10 -6.35 11.05
CA THR C 176 23.54 -7.67 10.83
C THR C 176 24.28 -8.73 11.64
N HIS C 177 25.62 -8.66 11.68
CA HIS C 177 26.41 -9.61 12.46
C HIS C 177 26.05 -9.55 13.93
N THR C 178 26.02 -8.35 14.51
CA THR C 178 25.63 -8.18 15.89
C THR C 178 24.24 -8.76 16.14
N GLY C 179 23.29 -8.41 15.28
CA GLY C 179 21.93 -8.90 15.48
C GLY C 179 21.83 -10.41 15.46
N MET C 180 22.41 -11.04 14.42
CA MET C 180 22.41 -12.50 14.36
C MET C 180 22.99 -13.11 15.62
N ALA C 181 23.99 -12.45 16.21
CA ALA C 181 24.59 -12.98 17.42
C ALA C 181 23.64 -12.92 18.60
N ALA C 182 22.73 -11.95 18.63
CA ALA C 182 21.73 -11.81 19.68
C ALA C 182 20.45 -12.61 19.38
N SER C 183 20.44 -13.39 18.31
CA SER C 183 19.28 -14.08 17.78
C SER C 183 18.97 -15.35 18.57
N LEU C 184 17.77 -15.89 18.35
CA LEU C 184 17.39 -17.23 18.81
C LEU C 184 17.70 -18.31 17.80
N ALA C 185 18.10 -17.92 16.59
CA ALA C 185 18.47 -18.85 15.54
C ALA C 185 19.55 -19.85 16.00
N THR C 186 19.36 -21.12 15.64
CA THR C 186 20.29 -22.16 16.03
C THR C 186 21.56 -22.11 15.18
N THR C 187 21.41 -22.13 13.86
CA THR C 187 22.55 -22.21 12.96
C THR C 187 22.56 -21.02 12.01
N LYS C 188 23.74 -20.42 11.87
CA LYS C 188 24.01 -19.30 10.97
C LYS C 188 25.17 -19.73 10.08
N VAL C 189 25.06 -19.48 8.78
CA VAL C 189 26.04 -19.93 7.80
C VAL C 189 26.34 -18.79 6.83
N ALA C 190 27.61 -18.39 6.73
CA ALA C 190 28.04 -17.43 5.72
C ALA C 190 28.22 -18.13 4.38
N PHE C 191 28.12 -17.36 3.30
CA PHE C 191 28.48 -17.90 2.00
C PHE C 191 29.31 -16.87 1.25
N ARG C 192 30.09 -17.35 0.30
CA ARG C 192 31.02 -16.51 -0.43
C ARG C 192 30.28 -15.41 -1.19
N HIS C 193 30.92 -14.24 -1.29
CA HIS C 193 30.20 -13.04 -1.66
C HIS C 193 29.56 -13.14 -3.03
N ASN C 194 28.24 -12.92 -3.08
CA ASN C 194 27.50 -12.78 -4.34
C ASN C 194 27.70 -13.98 -5.23
N ASP C 195 28.18 -15.08 -4.67
CA ASP C 195 28.50 -16.29 -5.41
C ASP C 195 27.30 -17.22 -5.37
N LEU C 196 26.73 -17.52 -6.54
CA LEU C 196 25.51 -18.31 -6.63
C LEU C 196 25.74 -19.76 -6.26
N ASP C 197 26.89 -20.33 -6.63
CA ASP C 197 27.15 -21.72 -6.27
C ASP C 197 27.37 -21.86 -4.77
N ALA C 198 28.08 -20.91 -4.17
CA ALA C 198 28.29 -20.96 -2.72
C ALA C 198 26.96 -20.83 -1.98
N PHE C 199 26.07 -19.95 -2.45
CA PHE C 199 24.74 -19.85 -1.89
C PHE C 199 23.98 -21.17 -2.05
N ARG C 200 24.11 -21.82 -3.20
CA ARG C 200 23.39 -23.07 -3.36
C ARG C 200 23.94 -24.14 -2.43
N GLU C 201 25.27 -24.16 -2.26
CA GLU C 201 25.88 -25.12 -1.37
C GLU C 201 25.42 -24.88 0.06
N ALA C 202 25.47 -23.62 0.51
CA ALA C 202 25.08 -23.29 1.88
C ALA C 202 23.62 -23.64 2.15
N MET C 203 22.72 -23.38 1.19
CA MET C 203 21.31 -23.71 1.42
C MET C 203 21.09 -25.22 1.47
N SER C 204 21.62 -25.94 0.47
CA SER C 204 21.46 -27.38 0.42
C SER C 204 21.99 -28.05 1.68
N SER C 205 23.23 -27.71 2.07
CA SER C 205 23.80 -28.31 3.26
C SER C 205 22.96 -27.97 4.49
N THR C 206 22.54 -26.71 4.60
CA THR C 206 21.70 -26.30 5.71
C THR C 206 20.37 -27.04 5.71
N MET C 207 19.78 -27.25 4.53
CA MET C 207 18.57 -28.07 4.44
C MET C 207 18.84 -29.52 4.86
N ASP C 208 20.05 -30.01 4.62
CA ASP C 208 20.36 -31.42 4.84
C ASP C 208 20.80 -31.71 6.27
N SER C 209 20.84 -30.71 7.15
CA SER C 209 21.31 -30.91 8.51
C SER C 209 20.26 -30.70 9.57
N HIS C 210 19.03 -30.33 9.22
CA HIS C 210 18.01 -29.97 10.20
C HIS C 210 16.67 -30.64 9.85
N PRO C 211 16.23 -31.62 10.63
CA PRO C 211 15.00 -32.33 10.24
C PRO C 211 13.74 -31.47 10.27
N MET C 212 13.73 -30.36 11.01
CA MET C 212 12.59 -29.45 10.95
C MET C 212 12.68 -28.42 9.84
N LEU C 213 13.81 -28.33 9.16
CA LEU C 213 13.85 -27.63 7.88
C LEU C 213 13.43 -28.56 6.75
N GLN C 214 13.84 -29.83 6.84
CA GLN C 214 13.43 -30.85 5.87
C GLN C 214 11.92 -31.01 5.81
N ASP C 215 11.20 -30.84 6.92
CA ASP C 215 9.74 -31.02 6.89
C ASP C 215 8.99 -29.70 6.89
N GLY C 216 9.69 -28.57 6.86
CA GLY C 216 9.04 -27.29 6.69
C GLY C 216 8.39 -26.72 7.93
N SER C 217 8.81 -27.14 9.12
CA SER C 217 8.26 -26.51 10.31
C SER C 217 9.13 -25.37 10.82
N ARG C 218 10.37 -25.27 10.37
CA ARG C 218 11.20 -24.08 10.57
C ARG C 218 11.67 -23.53 9.22
N SER C 219 12.28 -22.34 9.27
CA SER C 219 12.56 -21.56 8.08
C SER C 219 14.04 -21.31 7.90
N ILE C 220 14.46 -21.16 6.64
CA ILE C 220 15.77 -20.63 6.33
C ILE C 220 15.63 -19.15 6.04
N LEU C 221 16.31 -18.33 6.84
CA LEU C 221 16.33 -16.88 6.64
C LEU C 221 17.55 -16.52 5.79
N VAL C 222 17.35 -15.74 4.74
CA VAL C 222 18.44 -15.38 3.82
C VAL C 222 18.68 -13.88 3.93
N SER C 223 19.90 -13.52 4.36
CA SER C 223 20.30 -12.14 4.62
C SER C 223 21.28 -11.65 3.54
N VAL C 224 20.86 -10.64 2.78
CA VAL C 224 21.67 -10.03 1.72
C VAL C 224 21.55 -8.52 1.82
N GLU C 225 22.55 -7.84 1.26
CA GLU C 225 22.46 -6.43 0.95
C GLU C 225 22.12 -6.30 -0.53
N SER C 226 21.34 -5.29 -0.89
CA SER C 226 21.07 -5.19 -2.32
C SER C 226 22.21 -4.48 -3.03
N VAL C 227 22.81 -3.48 -2.39
CA VAL C 227 24.05 -2.88 -2.86
C VAL C 227 25.04 -2.98 -1.70
N TYR C 228 26.17 -3.66 -1.93
CA TYR C 228 27.13 -3.91 -0.85
C TYR C 228 28.00 -2.68 -0.60
N SER C 229 27.96 -2.17 0.63
CA SER C 229 28.59 -0.90 0.97
C SER C 229 30.10 -0.86 0.78
N MET C 230 30.78 -2.01 0.77
CA MET C 230 32.23 -2.02 0.67
C MET C 230 32.74 -2.51 -0.67
N ASP C 231 31.89 -3.13 -1.47
CA ASP C 231 32.28 -3.68 -2.75
C ASP C 231 31.55 -3.08 -3.94
N GLY C 232 30.41 -2.43 -3.73
CA GLY C 232 29.65 -1.85 -4.80
C GLY C 232 28.98 -2.81 -5.75
N ASP C 233 29.04 -4.12 -5.51
CA ASP C 233 28.31 -4.98 -6.40
C ASP C 233 26.88 -5.13 -5.89
N VAL C 234 26.07 -5.86 -6.65
CA VAL C 234 24.62 -5.87 -6.50
C VAL C 234 24.16 -7.32 -6.32
N CYS C 235 23.19 -7.53 -5.43
CA CYS C 235 22.77 -8.89 -5.12
C CYS C 235 21.94 -9.48 -6.27
N PRO C 236 22.33 -10.60 -6.84
CA PRO C 236 21.56 -11.23 -7.92
C PRO C 236 20.31 -11.88 -7.36
N LEU C 237 19.31 -11.04 -7.04
CA LEU C 237 18.22 -11.47 -6.18
C LEU C 237 17.29 -12.46 -6.89
N VAL C 238 17.09 -12.32 -8.20
CA VAL C 238 16.21 -13.23 -8.94
C VAL C 238 16.76 -14.65 -8.91
N GLU C 239 18.07 -14.79 -9.13
CA GLU C 239 18.72 -16.10 -9.14
C GLU C 239 18.73 -16.73 -7.75
N MET C 240 18.93 -15.93 -6.71
CA MET C 240 18.93 -16.50 -5.37
C MET C 240 17.54 -16.99 -5.01
N LEU C 241 16.50 -16.20 -5.34
CA LEU C 241 15.13 -16.64 -5.10
C LEU C 241 14.84 -17.94 -5.81
N GLU C 242 15.29 -18.11 -7.05
CA GLU C 242 15.02 -19.35 -7.77
C GLU C 242 15.74 -20.53 -7.11
N ILE C 243 16.98 -20.31 -6.65
CA ILE C 243 17.71 -21.37 -5.95
C ILE C 243 17.00 -21.76 -4.66
N ALA C 244 16.55 -20.75 -3.90
CA ALA C 244 15.85 -21.03 -2.64
C ALA C 244 14.65 -21.93 -2.85
N ARG C 245 13.84 -21.64 -3.88
CA ARG C 245 12.68 -22.50 -4.13
C ARG C 245 13.12 -23.90 -4.50
N GLU C 246 14.17 -24.03 -5.31
CA GLU C 246 14.62 -25.36 -5.70
C GLU C 246 15.02 -26.16 -4.45
N ILE C 247 15.80 -25.56 -3.57
CA ILE C 247 16.28 -26.26 -2.38
C ILE C 247 15.19 -26.40 -1.31
N CYS C 248 14.26 -25.45 -1.22
CA CYS C 248 13.18 -25.47 -0.23
C CYS C 248 11.84 -25.56 -0.94
N PRO C 249 11.48 -26.72 -1.49
CA PRO C 249 10.21 -26.84 -2.21
C PRO C 249 8.99 -26.53 -1.38
N LYS C 250 9.06 -26.65 -0.05
CA LYS C 250 7.90 -26.36 0.78
C LYS C 250 7.74 -24.87 1.10
N GLY C 251 8.57 -24.00 0.52
CA GLY C 251 8.43 -22.58 0.77
C GLY C 251 8.86 -22.09 2.13
N ASN C 252 9.61 -22.89 2.89
CA ASN C 252 10.02 -22.46 4.22
C ASN C 252 11.31 -21.66 4.16
N PHE C 253 11.30 -20.54 3.43
CA PHE C 253 12.44 -19.62 3.43
C PHE C 253 11.91 -18.19 3.48
N ALA C 254 12.79 -17.25 3.81
CA ALA C 254 12.38 -15.84 3.80
C ALA C 254 13.62 -14.99 3.60
N PHE C 255 13.56 -14.10 2.62
CA PHE C 255 14.66 -13.20 2.33
C PHE C 255 14.54 -11.93 3.15
N ILE C 256 15.69 -11.40 3.58
CA ILE C 256 15.82 -10.14 4.30
C ILE C 256 16.86 -9.34 3.52
N ALA C 257 16.46 -8.17 2.99
CA ALA C 257 17.27 -7.41 2.06
C ALA C 257 17.54 -6.04 2.65
N ASP C 258 18.82 -5.76 2.91
CA ASP C 258 19.27 -4.49 3.45
C ASP C 258 19.54 -3.58 2.25
N GLU C 259 18.76 -2.53 2.10
CA GLU C 259 18.82 -1.64 0.95
C GLU C 259 19.45 -0.30 1.29
N ALA C 260 20.31 -0.26 2.31
CA ALA C 260 20.87 1.02 2.73
C ALA C 260 21.46 1.78 1.53
N HIS C 261 22.18 1.09 0.65
CA HIS C 261 22.81 1.74 -0.48
C HIS C 261 22.05 1.55 -1.80
N ALA C 262 20.78 1.12 -1.74
CA ALA C 262 19.96 1.05 -2.94
C ALA C 262 18.95 2.19 -3.04
N THR C 263 18.35 2.59 -1.92
CA THR C 263 17.28 3.58 -1.93
C THR C 263 17.76 4.91 -2.51
N GLY C 264 17.00 5.45 -3.46
CA GLY C 264 17.32 6.72 -4.07
C GLY C 264 18.36 6.64 -5.17
N VAL C 265 19.08 5.52 -5.28
CA VAL C 265 20.15 5.32 -6.23
C VAL C 265 19.80 4.28 -7.28
N VAL C 266 19.05 3.25 -6.89
CA VAL C 266 18.68 2.14 -7.74
C VAL C 266 17.17 2.09 -7.85
N GLY C 267 16.66 1.88 -9.06
CA GLY C 267 15.25 1.71 -9.28
C GLY C 267 14.56 3.02 -9.65
N PRO C 268 13.43 2.93 -10.35
CA PRO C 268 12.78 4.14 -10.86
C PRO C 268 12.27 4.99 -9.69
N ARG C 269 12.57 6.30 -9.76
CA ARG C 269 12.27 7.25 -8.71
C ARG C 269 12.94 6.89 -7.38
N GLY C 270 13.98 6.07 -7.42
CA GLY C 270 14.74 5.75 -6.22
C GLY C 270 14.17 4.63 -5.37
N VAL C 271 13.23 3.84 -5.89
CA VAL C 271 12.49 2.89 -5.04
C VAL C 271 13.33 1.71 -4.54
N GLY C 272 14.51 1.46 -5.08
CA GLY C 272 15.37 0.42 -4.55
C GLY C 272 15.44 -0.78 -5.47
N LEU C 273 16.30 -1.73 -5.09
CA LEU C 273 16.48 -2.89 -5.96
C LEU C 273 15.28 -3.82 -5.89
N VAL C 274 14.72 -4.03 -4.70
CA VAL C 274 13.66 -5.02 -4.56
C VAL C 274 12.50 -4.67 -5.47
N LYS C 275 12.07 -3.40 -5.44
CA LYS C 275 10.93 -2.99 -6.24
C LYS C 275 11.30 -2.85 -7.71
N LEU C 276 12.53 -2.44 -8.01
CA LEU C 276 12.96 -2.40 -9.40
C LEU C 276 12.76 -3.75 -10.08
N LEU C 277 13.14 -4.83 -9.39
CA LEU C 277 13.02 -6.19 -9.92
C LEU C 277 11.61 -6.76 -9.82
N GLY C 278 10.66 -6.04 -9.24
CA GLY C 278 9.33 -6.60 -9.09
C GLY C 278 9.22 -7.68 -8.02
N LEU C 279 10.05 -7.61 -6.97
CA LEU C 279 10.19 -8.68 -6.00
C LEU C 279 9.54 -8.38 -4.66
N GLU C 280 8.78 -7.29 -4.57
CA GLU C 280 8.25 -6.84 -3.28
C GLU C 280 7.35 -7.87 -2.61
N ASN C 281 6.75 -8.79 -3.37
CA ASN C 281 5.94 -9.85 -2.77
C ASN C 281 6.75 -11.10 -2.43
N GLU C 282 7.95 -11.26 -2.99
CA GLU C 282 8.81 -12.42 -2.71
C GLU C 282 9.84 -12.19 -1.63
N VAL C 283 10.01 -10.95 -1.15
CA VAL C 283 11.03 -10.62 -0.18
C VAL C 283 10.33 -10.25 1.11
N ALA C 284 10.54 -11.06 2.15
CA ALA C 284 9.75 -10.98 3.37
C ALA C 284 10.03 -9.71 4.16
N ILE C 285 11.30 -9.33 4.27
CA ILE C 285 11.67 -8.19 5.11
C ILE C 285 12.64 -7.31 4.33
N ARG C 286 12.43 -6.01 4.36
CA ARG C 286 13.37 -5.11 3.72
C ARG C 286 13.76 -4.00 4.67
N LEU C 287 15.01 -3.57 4.60
CA LEU C 287 15.49 -2.42 5.34
C LEU C 287 15.85 -1.33 4.35
N ASN C 288 15.24 -0.17 4.51
CA ASN C 288 15.55 1.00 3.69
C ASN C 288 15.96 2.11 4.63
N THR C 289 17.22 2.54 4.55
CA THR C 289 17.79 3.50 5.47
C THR C 289 17.85 4.90 4.84
N CYS C 290 17.93 5.90 5.71
CA CYS C 290 17.91 7.32 5.34
C CYS C 290 19.28 7.96 5.36
N GLY C 291 20.31 7.25 5.79
CA GLY C 291 21.61 7.87 6.05
C GLY C 291 22.47 8.15 4.84
N LYS C 292 22.12 7.61 3.68
CA LYS C 292 22.93 7.83 2.49
C LYS C 292 22.26 8.77 1.50
N ALA C 293 21.70 8.26 0.42
CA ALA C 293 21.02 9.11 -0.59
C ALA C 293 19.93 9.99 0.04
N LEU C 294 19.30 9.56 1.15
CA LEU C 294 18.17 10.33 1.74
C LEU C 294 18.71 11.47 2.61
N ALA C 295 20.03 11.56 2.78
CA ALA C 295 20.71 12.72 3.41
C ALA C 295 20.19 13.12 4.79
N CYS C 296 19.78 12.15 5.59
CA CYS C 296 19.39 12.45 6.98
C CYS C 296 19.73 11.21 7.82
N THR C 297 18.85 10.81 8.73
CA THR C 297 19.04 9.61 9.54
C THR C 297 17.71 8.89 9.73
N GLY C 298 17.81 7.61 10.03
CA GLY C 298 16.65 6.78 10.29
C GLY C 298 16.62 5.61 9.33
N SER C 299 15.60 4.77 9.53
CA SER C 299 15.34 3.63 8.66
C SER C 299 13.86 3.23 8.80
N VAL C 300 13.37 2.50 7.82
CA VAL C 300 12.13 1.76 8.00
C VAL C 300 12.40 0.30 7.69
N VAL C 301 11.71 -0.59 8.41
CA VAL C 301 11.68 -2.01 8.09
C VAL C 301 10.35 -2.30 7.40
N LEU C 302 10.40 -2.96 6.24
CA LEU C 302 9.23 -3.19 5.41
C LEU C 302 8.78 -4.65 5.47
N GLY C 303 7.48 -4.85 5.60
CA GLY C 303 6.93 -6.20 5.67
C GLY C 303 5.43 -6.16 5.88
N ASN C 304 4.82 -7.34 6.05
CA ASN C 304 3.39 -7.30 6.31
C ASN C 304 3.14 -7.07 7.81
N ALA C 305 1.86 -7.07 8.19
CA ALA C 305 1.50 -6.75 9.58
C ALA C 305 2.02 -7.80 10.56
N THR C 306 2.21 -9.03 10.11
CA THR C 306 2.77 -10.05 10.98
C THR C 306 4.22 -9.73 11.33
N VAL C 307 5.03 -9.41 10.33
CA VAL C 307 6.40 -8.94 10.56
C VAL C 307 6.39 -7.71 11.46
N ARG C 308 5.52 -6.73 11.17
CA ARG C 308 5.52 -5.48 11.93
C ARG C 308 5.21 -5.73 13.41
N ASN C 309 4.17 -6.53 13.67
CA ASN C 309 3.81 -6.86 15.05
C ASN C 309 4.91 -7.60 15.78
N MET C 310 5.70 -8.39 15.07
CA MET C 310 6.78 -9.15 15.70
C MET C 310 7.88 -8.22 16.21
N LEU C 311 8.22 -7.20 15.42
CA LEU C 311 9.18 -6.20 15.88
C LEU C 311 8.63 -5.40 17.05
N LEU C 312 7.37 -4.93 16.95
CA LEU C 312 6.78 -4.15 18.03
C LEU C 312 6.76 -4.91 19.36
N ASN C 313 6.73 -6.24 19.31
CA ASN C 313 6.61 -7.01 20.53
C ASN C 313 7.89 -7.71 20.96
N TYR C 314 8.76 -8.09 20.03
CA TYR C 314 9.95 -8.86 20.38
C TYR C 314 11.26 -8.12 20.17
N ALA C 315 11.26 -6.94 19.54
CA ALA C 315 12.49 -6.16 19.46
C ALA C 315 12.59 -5.33 20.73
N GLY C 316 13.27 -5.89 21.73
CA GLY C 316 13.40 -5.22 23.01
C GLY C 316 13.99 -3.84 22.86
N SER C 317 14.87 -3.67 21.87
CA SER C 317 15.45 -2.35 21.60
C SER C 317 14.37 -1.33 21.30
N LEU C 318 13.41 -1.67 20.43
CA LEU C 318 12.33 -0.74 20.12
C LEU C 318 11.41 -0.54 21.32
N VAL C 319 11.08 -1.62 22.04
CA VAL C 319 10.11 -1.52 23.12
C VAL C 319 10.59 -0.53 24.19
N ASN C 320 11.88 -0.53 24.48
CA ASN C 320 12.38 0.22 25.63
C ASN C 320 13.09 1.52 25.26
N THR C 321 12.75 2.13 24.12
CA THR C 321 13.34 3.40 23.71
C THR C 321 12.26 4.41 23.31
N THR C 322 12.59 5.68 23.47
CA THR C 322 11.66 6.77 23.14
C THR C 322 11.31 6.79 21.65
N ALA C 323 10.01 6.89 21.36
CA ALA C 323 9.53 6.93 19.98
C ALA C 323 9.96 8.22 19.28
N PRO C 324 10.07 8.18 17.95
CA PRO C 324 10.70 9.31 17.24
C PRO C 324 9.93 10.61 17.40
N SER C 325 10.69 11.70 17.53
CA SER C 325 10.16 13.06 17.59
C SER C 325 9.51 13.42 16.26
N PHE C 326 8.64 14.43 16.30
CA PHE C 326 8.00 14.88 15.07
C PHE C 326 8.97 15.33 13.98
N PRO C 327 10.02 16.12 14.25
CA PRO C 327 10.93 16.53 13.16
C PRO C 327 11.76 15.38 12.58
N SER C 328 12.13 14.38 13.39
CA SER C 328 12.79 13.18 12.85
C SER C 328 11.91 12.47 11.81
N VAL C 329 10.61 12.40 12.07
CA VAL C 329 9.66 11.86 11.09
C VAL C 329 9.49 12.81 9.90
N ALA C 330 9.34 14.12 10.16
CA ALA C 330 9.11 15.05 9.05
C ALA C 330 10.30 15.07 8.08
N VAL C 331 11.53 15.00 8.58
CA VAL C 331 12.66 15.09 7.65
C VAL C 331 12.73 13.84 6.78
N ILE C 332 12.33 12.69 7.34
CA ILE C 332 12.23 11.45 6.57
C ILE C 332 11.08 11.54 5.57
N ARG C 333 9.93 12.06 6.01
CA ARG C 333 8.87 12.32 5.04
C ARG C 333 9.39 13.20 3.90
N ALA C 334 10.20 14.23 4.23
CA ALA C 334 10.62 15.18 3.19
C ALA C 334 11.51 14.51 2.16
N ALA C 335 12.34 13.55 2.56
CA ALA C 335 13.15 12.86 1.57
C ALA C 335 12.27 12.02 0.65
N TYR C 336 11.30 11.30 1.21
CA TYR C 336 10.37 10.54 0.37
C TYR C 336 9.50 11.46 -0.48
N ASN C 337 9.09 12.63 0.05
CA ASN C 337 8.38 13.61 -0.77
C ASN C 337 9.13 13.90 -2.07
N LEU C 338 10.44 14.14 -1.94
CA LEU C 338 11.27 14.52 -3.08
C LEU C 338 11.40 13.37 -4.05
N MET C 339 11.61 12.15 -3.54
CA MET C 339 11.65 11.02 -4.47
C MET C 339 10.29 10.79 -5.12
N ARG C 340 9.20 10.94 -4.36
CA ARG C 340 7.87 10.64 -4.92
C ARG C 340 7.49 11.62 -6.03
N THR C 341 7.78 12.90 -5.85
CA THR C 341 7.38 13.94 -6.77
C THR C 341 8.34 14.08 -7.95
N GLY C 342 9.31 13.18 -8.09
CA GLY C 342 10.21 13.21 -9.22
C GLY C 342 11.44 14.07 -9.03
N ALA C 343 11.60 14.67 -7.84
CA ALA C 343 12.62 15.69 -7.57
C ALA C 343 14.02 15.13 -7.40
N THR C 344 14.20 13.80 -7.42
CA THR C 344 15.52 13.20 -7.34
C THR C 344 15.88 12.42 -8.59
N GLN C 345 14.98 12.30 -9.55
CA GLN C 345 15.26 11.47 -10.71
C GLN C 345 16.50 11.95 -11.46
N LYS C 346 16.67 13.27 -11.61
CA LYS C 346 17.78 13.81 -12.39
C LYS C 346 19.11 13.63 -11.66
N ALA C 347 19.14 13.90 -10.35
CA ALA C 347 20.32 13.57 -9.57
C ALA C 347 20.66 12.09 -9.70
N GLN C 348 19.64 11.23 -9.67
CA GLN C 348 19.87 9.79 -9.74
C GLN C 348 20.46 9.40 -11.09
N ASP C 349 19.96 9.99 -12.19
CA ASP C 349 20.56 9.77 -13.49
C ASP C 349 21.98 10.32 -13.55
N ASN C 350 22.21 11.46 -12.91
CA ASN C 350 23.55 12.04 -12.90
C ASN C 350 24.56 11.10 -12.24
N ILE C 351 24.15 10.39 -11.17
CA ILE C 351 25.04 9.40 -10.56
C ILE C 351 25.48 8.37 -11.61
N GLN C 352 24.51 7.79 -12.33
CA GLN C 352 24.83 6.79 -13.35
C GLN C 352 25.78 7.36 -14.40
N HIS C 353 25.53 8.59 -14.84
CA HIS C 353 26.38 9.21 -15.85
C HIS C 353 27.81 9.35 -15.35
N LEU C 354 27.99 10.02 -14.21
CA LEU C 354 29.33 10.27 -13.66
C LEU C 354 30.09 8.97 -13.36
N VAL C 355 29.43 7.96 -12.75
CA VAL C 355 30.13 6.69 -12.49
C VAL C 355 30.60 6.06 -13.79
N LYS C 356 29.71 5.95 -14.78
CA LYS C 356 30.10 5.38 -16.07
C LYS C 356 31.26 6.18 -16.68
N TYR C 357 31.22 7.50 -16.54
CA TYR C 357 32.27 8.34 -17.09
C TYR C 357 33.61 8.05 -16.44
N PHE C 358 33.61 7.86 -15.11
CA PHE C 358 34.81 7.44 -14.41
C PHE C 358 35.33 6.11 -14.95
N PHE C 359 34.45 5.12 -15.07
CA PHE C 359 34.87 3.81 -15.59
C PHE C 359 35.45 3.93 -16.99
N GLU C 360 34.81 4.76 -17.83
CA GLU C 360 35.27 4.95 -19.19
C GLU C 360 36.68 5.50 -19.21
N SER C 361 36.95 6.52 -18.39
CA SER C 361 38.26 7.15 -18.38
C SER C 361 39.32 6.20 -17.85
N ILE C 362 39.16 5.78 -16.58
CA ILE C 362 40.22 5.04 -15.90
C ILE C 362 40.63 3.80 -16.68
N THR C 363 39.67 3.13 -17.33
CA THR C 363 39.99 1.94 -18.11
C THR C 363 40.67 2.27 -19.43
N SER C 364 40.62 3.53 -19.89
CA SER C 364 41.21 3.87 -21.18
C SER C 364 42.71 4.15 -21.10
N SER C 365 43.18 4.74 -19.99
CA SER C 365 44.60 5.09 -19.83
C SER C 365 45.49 3.85 -19.89
N ASP C 369 46.19 -0.50 -17.16
CA ASP C 369 46.25 -1.91 -17.51
C ASP C 369 47.52 -2.54 -16.98
N LYS C 370 48.64 -1.84 -17.15
CA LYS C 370 49.90 -2.34 -16.59
C LYS C 370 49.78 -2.49 -15.07
N ALA C 371 49.48 -1.38 -14.38
CA ALA C 371 49.37 -1.40 -12.93
C ALA C 371 48.42 -2.49 -12.45
N THR C 372 47.37 -2.78 -13.24
CA THR C 372 46.44 -3.84 -12.88
C THR C 372 47.06 -5.22 -13.10
N ASP C 373 47.75 -5.40 -14.23
CA ASP C 373 48.44 -6.65 -14.48
C ASP C 373 49.46 -6.97 -13.41
N LEU C 374 50.11 -5.95 -12.87
CA LEU C 374 51.16 -6.17 -11.87
C LEU C 374 50.58 -6.39 -10.48
N GLY C 375 49.54 -5.64 -10.12
CA GLY C 375 48.98 -5.69 -8.78
C GLY C 375 48.97 -4.31 -8.13
N ILE C 376 49.32 -3.29 -8.89
CA ILE C 376 49.47 -1.97 -8.30
C ILE C 376 48.13 -1.35 -7.98
N LEU C 377 47.18 -1.46 -8.90
CA LEU C 377 45.88 -0.84 -8.78
C LEU C 377 44.86 -1.83 -9.31
N SER C 378 43.68 -1.82 -8.70
CA SER C 378 42.59 -2.66 -9.19
C SER C 378 41.28 -2.02 -8.83
N ILE C 379 40.34 -2.01 -9.78
CA ILE C 379 38.96 -1.60 -9.53
C ILE C 379 38.05 -2.70 -10.05
N PRO C 380 37.77 -3.72 -9.23
CA PRO C 380 36.93 -4.84 -9.67
C PRO C 380 35.57 -4.46 -10.28
N VAL C 381 34.93 -3.39 -9.81
CA VAL C 381 33.59 -3.03 -10.28
C VAL C 381 33.63 -2.42 -11.68
N ALA C 382 34.83 -2.09 -12.15
CA ALA C 382 34.99 -1.59 -13.51
C ALA C 382 35.15 -2.70 -14.54
N GLU C 383 35.31 -3.95 -14.10
CA GLU C 383 35.43 -5.04 -15.06
C GLU C 383 34.07 -5.31 -15.69
N ASP C 384 34.02 -5.27 -17.01
CA ASP C 384 32.80 -5.53 -17.76
C ASP C 384 31.69 -4.58 -17.37
N TYR C 385 32.05 -3.38 -16.91
CA TYR C 385 31.03 -2.39 -16.54
C TYR C 385 30.06 -2.15 -17.68
N GLU C 386 30.52 -2.31 -18.92
CA GLU C 386 29.65 -2.06 -20.08
C GLU C 386 28.44 -2.99 -20.08
N SER C 387 28.61 -4.26 -19.70
CA SER C 387 27.51 -5.20 -19.70
C SER C 387 26.56 -5.04 -18.51
N LEU C 388 26.90 -4.19 -17.54
CA LEU C 388 26.04 -4.04 -16.39
C LEU C 388 24.78 -3.27 -16.79
N ASP C 389 23.64 -3.69 -16.26
CA ASP C 389 22.40 -2.98 -16.54
C ASP C 389 22.41 -1.61 -15.92
N PHE C 390 23.08 -1.44 -14.78
CA PHE C 390 23.28 -0.13 -14.18
C PHE C 390 24.55 -0.22 -13.35
N VAL C 391 24.94 0.90 -12.76
CA VAL C 391 26.13 0.93 -11.92
C VAL C 391 25.73 1.46 -10.55
N THR C 392 26.68 1.43 -9.63
CA THR C 392 26.47 1.98 -8.29
C THR C 392 27.49 3.06 -8.00
N HIS C 393 27.11 3.92 -7.06
CA HIS C 393 27.96 5.01 -6.62
C HIS C 393 29.24 4.56 -5.93
N ILE C 394 29.38 3.28 -5.58
CA ILE C 394 30.47 2.79 -4.75
C ILE C 394 31.60 2.25 -5.63
N VAL C 395 32.79 2.83 -5.50
CA VAL C 395 33.91 2.42 -6.34
C VAL C 395 35.09 2.07 -5.43
N PRO C 396 35.24 0.82 -5.01
CA PRO C 396 36.39 0.45 -4.18
C PRO C 396 37.63 0.31 -5.03
N ILE C 397 38.73 0.91 -4.59
CA ILE C 397 39.99 0.90 -5.35
C ILE C 397 41.04 0.18 -4.51
N TRP C 398 41.54 -0.94 -5.03
CA TRP C 398 42.55 -1.74 -4.36
C TRP C 398 43.94 -1.42 -4.90
N THR C 399 44.92 -1.40 -4.01
CA THR C 399 46.33 -1.41 -4.38
C THR C 399 46.96 -2.57 -3.60
N ARG C 400 48.28 -2.60 -3.51
CA ARG C 400 48.91 -3.56 -2.59
C ARG C 400 48.68 -3.10 -1.17
N GLN C 401 48.51 -4.06 -0.25
CA GLN C 401 48.20 -3.71 1.14
C GLN C 401 49.26 -2.78 1.72
N LYS C 402 50.53 -3.01 1.39
CA LYS C 402 51.60 -2.11 1.79
C LYS C 402 51.47 -0.73 1.17
N TYR C 403 50.65 -0.55 0.13
CA TYR C 403 50.55 0.75 -0.53
C TYR C 403 49.28 1.50 -0.16
N ASN C 404 48.37 0.91 0.61
CA ASN C 404 47.02 1.47 0.74
C ASN C 404 47.06 2.84 1.41
N TRP C 405 47.78 2.96 2.53
CA TRP C 405 47.91 4.27 3.15
C TRP C 405 48.48 5.28 2.16
N TRP C 406 49.49 4.86 1.38
CA TRP C 406 50.10 5.77 0.42
C TRP C 406 49.09 6.20 -0.63
N LEU C 407 48.26 5.26 -1.11
CA LEU C 407 47.18 5.66 -2.02
C LEU C 407 46.27 6.69 -1.34
N PHE C 408 45.85 6.41 -0.11
CA PHE C 408 45.01 7.36 0.63
C PHE C 408 45.67 8.73 0.74
N PHE C 409 46.94 8.77 1.18
CA PHE C 409 47.68 10.02 1.33
C PHE C 409 47.86 10.74 -0.02
N HIS C 410 48.19 10.00 -1.07
CA HIS C 410 48.29 10.58 -2.40
C HIS C 410 47.00 11.32 -2.77
N LEU C 411 45.84 10.67 -2.58
CA LEU C 411 44.60 11.32 -2.99
C LEU C 411 44.29 12.53 -2.10
N GLN C 412 44.49 12.40 -0.79
CA GLN C 412 44.18 13.49 0.12
C GLN C 412 45.06 14.70 -0.11
N LEU C 413 46.37 14.50 -0.32
CA LEU C 413 47.23 15.64 -0.61
C LEU C 413 46.91 16.24 -1.97
N ALA C 414 46.34 15.44 -2.88
CA ALA C 414 45.77 16.01 -4.09
C ALA C 414 44.49 16.79 -3.84
N LYS C 415 44.07 16.92 -2.58
CA LYS C 415 42.80 17.55 -2.21
C LYS C 415 41.62 16.76 -2.79
N ILE C 416 41.75 15.43 -2.77
CA ILE C 416 40.68 14.51 -3.12
C ILE C 416 40.31 13.73 -1.87
N ALA C 417 39.09 13.93 -1.38
CA ALA C 417 38.62 13.22 -0.20
C ALA C 417 38.05 11.86 -0.59
N VAL C 418 38.60 10.81 0.02
CA VAL C 418 38.11 9.44 -0.11
C VAL C 418 38.07 8.84 1.29
N VAL C 419 37.47 7.67 1.43
CA VAL C 419 37.39 6.99 2.73
C VAL C 419 38.38 5.83 2.73
N PRO C 420 39.29 5.76 3.70
CA PRO C 420 40.16 4.58 3.82
C PRO C 420 39.40 3.47 4.52
N ILE C 421 39.46 2.27 3.95
CA ILE C 421 38.73 1.12 4.47
C ILE C 421 39.76 0.13 4.99
N ASP C 422 39.87 0.03 6.30
CA ASP C 422 40.84 -0.85 6.94
C ASP C 422 40.29 -1.39 8.25
N PRO C 424 40.06 -1.95 11.55
CA PRO C 424 39.08 -2.65 12.39
C PRO C 424 37.84 -3.09 11.61
N GLN C 425 37.53 -2.38 10.51
CA GLN C 425 36.31 -2.65 9.75
C GLN C 425 36.42 -3.92 8.92
N VAL C 426 37.63 -4.32 8.56
CA VAL C 426 37.86 -5.43 7.63
C VAL C 426 39.09 -6.21 8.10
N PRO C 427 39.30 -7.47 7.63
CA PRO C 427 40.51 -8.23 8.01
C PRO C 427 41.81 -7.59 7.48
N GLY C 429 44.55 -7.58 5.85
CA GLY C 429 45.03 -7.60 4.48
C GLY C 429 43.92 -7.48 3.46
N LYS C 430 42.84 -6.83 3.85
CA LYS C 430 41.70 -6.55 2.96
C LYS C 430 41.49 -5.06 2.76
N SER C 431 42.49 -4.25 3.07
CA SER C 431 42.29 -2.80 3.07
C SER C 431 42.19 -2.29 1.63
N ARG C 432 41.62 -1.09 1.51
CA ARG C 432 41.32 -0.49 0.22
C ARG C 432 40.86 0.93 0.49
N VAL C 433 40.65 1.68 -0.58
CA VAL C 433 39.99 2.97 -0.51
C VAL C 433 38.65 2.88 -1.23
N ARG C 434 37.67 3.64 -0.75
CA ARG C 434 36.36 3.67 -1.37
C ARG C 434 36.09 5.06 -1.93
N VAL C 435 35.93 5.14 -3.20
CA VAL C 435 35.45 6.37 -3.83
C VAL C 435 33.92 6.32 -3.87
N MET C 436 33.30 7.43 -3.51
CA MET C 436 31.86 7.64 -3.65
C MET C 436 31.61 8.71 -4.70
N ILE C 437 30.98 8.33 -5.81
CA ILE C 437 30.54 9.29 -6.81
C ILE C 437 29.15 9.79 -6.45
N HIS C 438 28.99 11.11 -6.40
CA HIS C 438 27.71 11.75 -6.09
C HIS C 438 27.17 12.54 -7.27
N ALA C 439 25.85 12.76 -7.25
CA ALA C 439 25.20 13.52 -8.31
C ALA C 439 25.78 14.92 -8.44
N GLY C 440 26.22 15.50 -7.32
CA GLY C 440 26.76 16.84 -7.37
C GLY C 440 28.22 16.95 -7.81
N ASN C 441 28.92 15.83 -8.02
CA ASN C 441 30.25 15.89 -8.61
C ASN C 441 30.16 16.28 -10.09
N THR C 442 31.32 16.63 -10.66
CA THR C 442 31.39 17.06 -12.04
C THR C 442 32.32 16.16 -12.83
N GLU C 443 32.20 16.22 -14.16
CA GLU C 443 33.13 15.52 -15.04
C GLU C 443 34.56 15.99 -14.83
N GLU C 444 34.74 17.29 -14.56
CA GLU C 444 36.08 17.84 -14.34
C GLU C 444 36.72 17.20 -13.11
N GLN C 445 35.97 17.13 -12.00
CA GLN C 445 36.46 16.45 -10.81
C GLN C 445 36.77 14.99 -11.09
N VAL C 446 36.04 14.35 -11.99
CA VAL C 446 36.33 12.95 -12.27
C VAL C 446 37.63 12.83 -13.06
N ASP C 447 37.83 13.73 -14.04
CA ASP C 447 39.09 13.84 -14.74
C ASP C 447 40.24 13.97 -13.75
N TYR C 448 40.13 14.94 -12.83
CA TYR C 448 41.17 15.17 -11.84
C TYR C 448 41.44 13.92 -11.01
N LEU C 449 40.40 13.14 -10.69
CA LEU C 449 40.60 11.90 -9.93
C LEU C 449 41.29 10.85 -10.78
N VAL C 450 40.90 10.73 -12.04
CA VAL C 450 41.53 9.78 -12.94
C VAL C 450 43.02 10.10 -13.10
N ALA C 451 43.34 11.38 -13.36
CA ALA C 451 44.74 11.75 -13.51
C ALA C 451 45.52 11.48 -12.23
N THR C 452 44.95 11.85 -11.08
CA THR C 452 45.65 11.65 -9.82
C THR C 452 45.95 10.17 -9.58
N LEU C 453 44.97 9.30 -9.86
CA LEU C 453 45.19 7.87 -9.66
C LEU C 453 46.25 7.34 -10.61
N CYS C 454 46.34 7.92 -11.81
CA CYS C 454 47.35 7.48 -12.77
C CYS C 454 48.74 7.93 -12.35
N ASP C 455 48.86 9.17 -11.87
CA ASP C 455 50.09 9.62 -11.23
C ASP C 455 50.53 8.65 -10.14
N PHE C 456 49.62 8.28 -9.24
CA PHE C 456 49.98 7.34 -8.18
C PHE C 456 50.36 5.99 -8.76
N ALA C 457 49.59 5.48 -9.72
CA ALA C 457 50.03 4.28 -10.42
C ALA C 457 51.45 4.43 -10.93
N ASN C 458 51.65 5.31 -11.91
CA ASN C 458 52.96 5.49 -12.53
C ASN C 458 54.10 5.58 -11.51
N GLU C 459 53.87 6.27 -10.39
CA GLU C 459 54.91 6.40 -9.38
C GLU C 459 55.21 5.07 -8.70
N MET C 460 54.20 4.21 -8.50
CA MET C 460 54.45 2.93 -7.85
C MET C 460 55.04 1.88 -8.80
N ILE C 461 54.79 1.97 -10.11
CA ILE C 461 55.50 1.05 -11.00
C ILE C 461 56.98 1.44 -11.07
N ASP C 462 57.27 2.75 -11.10
CA ASP C 462 58.65 3.20 -11.11
C ASP C 462 59.40 2.69 -9.90
N ILE C 463 58.81 2.86 -8.70
CA ILE C 463 59.48 2.45 -7.47
C ILE C 463 59.71 0.94 -7.45
N GLU C 464 58.71 0.16 -7.87
CA GLU C 464 58.85 -1.29 -7.85
C GLU C 464 59.93 -1.76 -8.82
N GLU C 465 59.96 -1.20 -10.03
CA GLU C 465 60.96 -1.62 -10.99
C GLU C 465 62.31 -1.02 -10.69
N GLU C 468 64.35 -1.07 -5.06
CA GLU C 468 64.71 -0.35 -3.84
C GLU C 468 63.54 -0.35 -2.85
N LYS C 469 63.44 -1.40 -2.04
CA LYS C 469 62.29 -1.58 -1.16
C LYS C 469 62.16 -0.49 -0.10
N GLY C 470 63.20 0.30 0.14
CA GLY C 470 63.08 1.46 1.01
C GLY C 470 62.53 2.71 0.36
N LYS C 471 62.41 2.73 -0.98
CA LYS C 471 61.89 3.91 -1.66
C LYS C 471 60.42 4.13 -1.30
N ILE C 472 60.07 5.37 -0.99
CA ILE C 472 58.74 5.78 -0.56
C ILE C 472 58.22 6.87 -1.50
N PRO C 473 56.95 6.84 -1.89
CA PRO C 473 56.44 7.80 -2.90
C PRO C 473 56.24 9.20 -2.35
N LYS C 474 56.02 10.14 -3.28
CA LYS C 474 55.98 11.57 -2.96
C LYS C 474 55.05 11.88 -1.80
N ALA C 475 53.79 11.45 -1.90
CA ALA C 475 52.82 11.81 -0.88
C ALA C 475 53.25 11.28 0.48
N ALA C 476 53.72 10.03 0.53
CA ALA C 476 54.09 9.43 1.80
C ALA C 476 55.35 10.06 2.37
N GLN C 477 56.22 10.60 1.51
CA GLN C 477 57.35 11.38 1.99
C GLN C 477 56.88 12.59 2.78
N GLU C 478 55.87 13.30 2.27
CA GLU C 478 55.37 14.45 3.01
C GLU C 478 54.77 14.03 4.34
N ILE C 479 54.04 12.90 4.36
CA ILE C 479 53.42 12.43 5.59
C ILE C 479 54.48 12.03 6.61
N TYR C 480 55.38 11.12 6.22
CA TYR C 480 56.49 10.73 7.09
C TYR C 480 57.23 11.96 7.62
N ALA C 481 57.39 12.98 6.78
CA ALA C 481 58.02 14.23 7.21
C ALA C 481 57.25 14.88 8.35
N LEU C 482 55.95 15.11 8.15
CA LEU C 482 55.14 15.68 9.22
C LEU C 482 55.14 14.80 10.47
N MET C 483 55.29 13.48 10.31
CA MET C 483 55.40 12.61 11.46
C MET C 483 56.71 12.86 12.21
N ALA C 484 57.82 12.95 11.49
CA ALA C 484 59.07 13.37 12.14
C ALA C 484 58.94 14.77 12.73
N ALA C 485 58.21 15.66 12.06
CA ALA C 485 58.16 17.05 12.48
C ALA C 485 57.38 17.24 13.79
N HIS C 486 56.26 16.54 13.93
CA HIS C 486 55.44 16.70 15.14
C HIS C 486 55.49 15.44 16.00
N GLY D 22 -16.07 6.61 25.94
CA GLY D 22 -15.99 6.92 24.53
C GLY D 22 -14.69 6.40 23.92
N LYS D 23 -13.71 7.30 23.77
CA LYS D 23 -12.42 6.91 23.18
C LYS D 23 -11.76 5.81 24.00
N VAL D 24 -11.74 5.95 25.32
CA VAL D 24 -11.09 4.94 26.17
C VAL D 24 -11.72 3.57 25.95
N VAL D 25 -13.03 3.50 25.69
CA VAL D 25 -13.67 2.22 25.45
C VAL D 25 -13.23 1.66 24.10
N SER D 26 -13.10 2.52 23.09
CA SER D 26 -12.64 2.10 21.78
C SER D 26 -11.24 1.48 21.84
N GLU D 27 -10.30 2.17 22.50
CA GLU D 27 -8.95 1.63 22.62
C GLU D 27 -8.97 0.26 23.30
N MET D 28 -9.79 0.11 24.33
CA MET D 28 -9.85 -1.15 25.06
C MET D 28 -10.39 -2.26 24.18
N ILE D 29 -11.39 -1.96 23.35
CA ILE D 29 -11.92 -2.96 22.42
C ILE D 29 -10.85 -3.35 21.42
N ALA D 30 -10.17 -2.36 20.83
CA ALA D 30 -9.07 -2.67 19.91
C ALA D 30 -8.02 -3.52 20.60
N TRP D 31 -7.70 -3.22 21.86
CA TRP D 31 -6.74 -4.02 22.61
C TRP D 31 -7.26 -5.45 22.80
N ILE D 32 -8.53 -5.58 23.22
CA ILE D 32 -9.12 -6.91 23.40
C ILE D 32 -9.03 -7.72 22.12
N LYS D 33 -9.39 -7.11 20.99
CA LYS D 33 -9.37 -7.85 19.73
C LYS D 33 -7.95 -8.27 19.35
N SER D 34 -6.94 -7.48 19.71
CA SER D 34 -5.58 -7.84 19.32
C SER D 34 -5.04 -9.05 20.10
N GLN D 35 -5.68 -9.42 21.22
CA GLN D 35 -5.25 -10.58 21.99
C GLN D 35 -5.85 -11.90 21.50
N LYS D 36 -6.74 -11.86 20.51
CA LYS D 36 -7.36 -13.07 19.97
C LYS D 36 -6.36 -13.91 19.19
N LEU D 37 -6.29 -15.21 19.50
CA LEU D 37 -5.31 -16.09 18.89
C LEU D 37 -5.39 -16.06 17.36
N ILE D 38 -4.22 -16.07 16.72
CA ILE D 38 -4.14 -15.95 15.26
C ILE D 38 -3.68 -17.24 14.58
N ALA D 39 -2.84 -18.05 15.24
CA ALA D 39 -2.38 -19.30 14.62
C ALA D 39 -3.48 -20.19 14.06
N PRO D 40 -4.66 -20.35 14.68
CA PRO D 40 -5.72 -21.16 14.08
C PRO D 40 -6.14 -20.74 12.66
N ARG D 41 -5.87 -19.49 12.27
CA ARG D 41 -6.21 -18.97 10.92
C ARG D 41 -5.00 -18.95 9.98
N MET D 42 -3.87 -19.53 10.38
CA MET D 42 -2.63 -19.44 9.57
C MET D 42 -2.18 -20.83 9.07
N LYS D 43 -3.04 -21.83 9.10
CA LYS D 43 -2.59 -23.18 8.76
C LYS D 43 -2.19 -23.34 7.29
N ASP D 44 -2.71 -22.50 6.40
CA ASP D 44 -2.33 -22.54 4.99
C ASP D 44 -1.24 -21.54 4.66
N ALA D 45 -0.62 -20.95 5.66
CA ALA D 45 0.33 -19.92 5.31
C ALA D 45 1.73 -20.51 5.22
N PRO D 46 2.67 -19.79 4.53
CA PRO D 46 4.07 -20.21 4.56
C PRO D 46 4.62 -20.36 5.97
N THR D 47 5.65 -21.20 6.10
CA THR D 47 6.24 -21.51 7.41
C THR D 47 6.63 -20.25 8.16
N PHE D 48 7.42 -19.40 7.52
CA PHE D 48 7.87 -18.17 8.16
C PHE D 48 6.75 -17.46 8.88
N TYR D 49 5.64 -17.24 8.17
CA TYR D 49 4.54 -16.45 8.70
C TYR D 49 3.72 -17.21 9.76
N ARG D 50 3.52 -18.53 9.61
CA ARG D 50 2.87 -19.30 10.67
C ARG D 50 3.62 -19.16 11.99
N ASN D 51 4.93 -19.35 11.94
CA ASN D 51 5.71 -19.37 13.17
C ASN D 51 5.78 -18.01 13.83
N LEU D 52 5.76 -16.92 13.04
CA LEU D 52 5.71 -15.59 13.63
C LEU D 52 4.40 -15.35 14.38
N GLU D 53 3.26 -15.72 13.76
CA GLU D 53 1.98 -15.56 14.48
C GLU D 53 1.91 -16.50 15.70
N GLU D 54 2.50 -17.69 15.62
CA GLU D 54 2.60 -18.54 16.81
C GLU D 54 3.37 -17.83 17.93
N ALA D 55 4.55 -17.32 17.62
CA ALA D 55 5.29 -16.51 18.61
C ALA D 55 4.44 -15.34 19.14
N LEU D 56 3.64 -14.71 18.27
CA LEU D 56 2.82 -13.61 18.77
C LEU D 56 1.66 -14.13 19.63
N ASP D 57 1.08 -15.27 19.25
CA ASP D 57 0.06 -15.90 20.10
C ASP D 57 0.57 -16.17 21.52
N VAL D 58 1.86 -16.48 21.69
CA VAL D 58 2.41 -16.62 23.04
C VAL D 58 2.03 -15.40 23.88
N ARG D 59 2.28 -14.19 23.35
CA ARG D 59 1.97 -12.99 24.11
C ARG D 59 0.47 -12.75 24.21
N ARG D 60 -0.25 -12.94 23.10
CA ARG D 60 -1.69 -12.76 23.10
C ARG D 60 -2.32 -13.57 24.21
N SER D 61 -1.86 -14.81 24.39
CA SER D 61 -2.48 -15.73 25.33
C SER D 61 -2.36 -15.28 26.78
N THR D 62 -1.38 -14.44 27.14
CA THR D 62 -1.37 -13.82 28.46
C THR D 62 -1.89 -12.38 28.41
N GLN D 63 -2.63 -12.01 27.36
CA GLN D 63 -3.13 -10.66 27.14
C GLN D 63 -2.03 -9.60 27.24
N SER D 64 -0.84 -9.96 26.77
CA SER D 64 0.32 -9.08 26.86
C SER D 64 0.83 -8.63 25.49
N LEU D 65 -0.01 -8.67 24.44
CA LEU D 65 0.43 -8.22 23.14
C LEU D 65 0.32 -6.70 23.04
N MET D 66 1.39 -6.06 22.63
CA MET D 66 1.41 -4.60 22.48
C MET D 66 1.25 -4.27 21.01
N THR D 67 0.43 -3.27 20.71
CA THR D 67 0.31 -2.80 19.33
C THR D 67 0.45 -1.28 19.28
N ARG D 68 -0.63 -0.53 19.54
CA ARG D 68 -0.53 0.92 19.40
C ARG D 68 -0.44 1.65 20.73
N GLY D 69 -0.51 0.95 21.83
CA GLY D 69 -0.45 1.65 23.10
C GLY D 69 -1.65 2.54 23.32
N GLN D 70 -1.53 3.37 24.34
CA GLN D 70 -2.58 4.30 24.75
C GLN D 70 -2.27 5.69 24.22
N SER D 71 -3.29 6.33 23.64
CA SER D 71 -3.15 7.64 23.02
C SER D 71 -4.04 8.70 23.63
N THR D 72 -4.90 8.34 24.57
CA THR D 72 -5.84 9.30 25.14
C THR D 72 -5.14 10.44 25.87
N TRP D 73 -3.93 10.23 26.37
CA TRP D 73 -3.23 11.31 27.05
C TRP D 73 -2.82 12.42 26.08
N LYS D 74 -2.52 12.09 24.83
CA LYS D 74 -2.16 13.10 23.82
C LYS D 74 -3.35 13.88 23.30
N THR D 75 -4.53 13.26 23.32
CA THR D 75 -5.70 13.81 22.67
C THR D 75 -6.55 14.67 23.61
N GLY D 76 -6.24 14.70 24.90
CA GLY D 76 -7.11 15.32 25.88
C GLY D 76 -8.20 14.42 26.39
N ASP D 77 -8.37 13.22 25.82
CA ASP D 77 -9.42 12.34 26.29
C ASP D 77 -9.15 11.82 27.69
N ALA D 78 -7.95 12.02 28.23
CA ALA D 78 -7.63 11.58 29.57
C ALA D 78 -6.50 12.44 30.11
N ILE D 79 -6.51 12.63 31.43
CA ILE D 79 -5.42 13.35 32.10
C ILE D 79 -4.11 12.59 31.88
N ASP D 80 -3.04 13.34 31.64
CA ASP D 80 -1.71 12.77 31.40
C ASP D 80 -1.00 12.57 32.74
N PHE D 81 -1.14 11.37 33.31
CA PHE D 81 -0.29 10.89 34.39
C PHE D 81 0.53 9.68 33.93
N CYS D 82 0.93 9.67 32.66
CA CYS D 82 1.59 8.52 32.03
C CYS D 82 2.78 8.87 31.14
N SER D 83 2.82 10.04 30.52
CA SER D 83 3.86 10.29 29.53
C SER D 83 5.22 10.57 30.20
N ASN D 84 6.24 10.66 29.35
CA ASN D 84 7.58 11.04 29.79
C ASN D 84 7.88 12.51 29.54
N ASP D 85 6.89 13.32 29.19
CA ASP D 85 7.11 14.75 28.92
C ASP D 85 7.10 15.50 30.27
N LEU D 86 8.19 15.32 31.01
CA LEU D 86 8.17 15.60 32.45
C LEU D 86 7.99 17.08 32.75
N LEU D 87 8.68 17.93 32.00
CA LEU D 87 8.59 19.37 32.17
C LEU D 87 7.53 19.97 31.26
N SER D 88 6.72 19.13 30.60
CA SER D 88 5.71 19.55 29.65
C SER D 88 6.27 20.47 28.55
N LEU D 89 7.60 20.43 28.32
CA LEU D 89 8.18 21.17 27.20
C LEU D 89 7.56 20.75 25.88
N GLY D 90 7.13 19.50 25.77
CA GLY D 90 6.40 19.08 24.59
C GLY D 90 5.02 19.71 24.53
N LEU D 91 4.23 19.49 25.59
CA LEU D 91 2.83 19.92 25.58
C LEU D 91 2.68 21.41 25.30
N THR D 92 3.58 22.24 25.84
CA THR D 92 3.42 23.68 25.72
C THR D 92 3.89 24.22 24.37
N GLY D 93 4.71 23.46 23.63
CA GLY D 93 5.34 23.97 22.44
C GLY D 93 6.59 24.78 22.70
N GLU D 94 7.03 24.88 23.95
CA GLU D 94 8.23 25.64 24.27
C GLU D 94 9.46 25.07 23.59
N LEU D 95 9.62 23.74 23.60
CA LEU D 95 10.77 23.17 22.91
C LEU D 95 10.67 23.38 21.41
N ARG D 96 9.48 23.17 20.85
CA ARG D 96 9.28 23.42 19.42
C ARG D 96 9.68 24.84 19.05
N ARG D 97 9.28 25.81 19.85
CA ARG D 97 9.60 27.20 19.54
C ARG D 97 11.10 27.46 19.61
N GLU D 98 11.76 27.01 20.68
CA GLU D 98 13.21 27.20 20.75
C GLU D 98 13.94 26.41 19.66
N PHE D 99 13.38 25.27 19.24
CA PHE D 99 14.00 24.46 18.19
C PHE D 99 13.94 25.17 16.84
N LEU D 100 12.76 25.65 16.46
CA LEU D 100 12.62 26.36 15.18
C LEU D 100 13.46 27.63 15.16
N ALA D 101 13.55 28.32 16.30
CA ALA D 101 14.43 29.48 16.42
C ALA D 101 15.90 29.08 16.29
N GLU D 102 16.25 27.88 16.77
CA GLU D 102 17.63 27.41 16.61
C GLU D 102 17.96 27.17 15.14
N LEU D 103 17.05 26.52 14.41
CA LEU D 103 17.24 26.39 12.97
C LEU D 103 17.31 27.77 12.31
N ALA D 104 16.48 28.72 12.77
CA ALA D 104 16.42 30.05 12.17
C ALA D 104 17.79 30.74 12.22
N ARG D 105 18.53 30.55 13.30
CA ARG D 105 19.86 31.14 13.42
C ARG D 105 20.90 30.48 12.53
N HIS D 106 20.54 29.42 11.80
CA HIS D 106 21.46 28.75 10.87
C HIS D 106 20.78 28.60 9.51
N PRO D 107 20.53 29.70 8.82
CA PRO D 107 19.59 29.69 7.69
C PRO D 107 19.95 28.72 6.57
N ASP D 108 21.23 28.45 6.33
CA ASP D 108 21.63 27.53 5.28
C ASP D 108 22.32 26.27 5.82
N PHE D 109 21.92 25.82 7.01
CA PHE D 109 22.63 24.72 7.65
C PHE D 109 22.71 23.51 6.72
N SER D 110 23.85 22.82 6.79
CA SER D 110 24.10 21.57 6.07
C SER D 110 23.41 20.44 6.83
N LEU D 111 22.31 19.90 6.27
CA LEU D 111 21.45 19.00 7.06
C LEU D 111 22.12 17.65 7.32
N HIS D 112 22.76 17.07 6.31
CA HIS D 112 23.27 15.70 6.35
C HIS D 112 24.66 15.66 6.98
N SER D 113 24.88 14.64 7.82
CA SER D 113 26.21 14.43 8.39
C SER D 113 27.19 13.94 7.32
N GLY D 114 26.73 13.08 6.41
CA GLY D 114 27.57 12.55 5.36
C GLY D 114 28.20 11.20 5.63
N GLY D 115 28.08 10.67 6.84
CA GLY D 115 28.61 9.35 7.16
C GLY D 115 28.85 9.20 8.65
N SER D 116 29.66 8.20 9.00
CA SER D 116 29.95 7.89 10.39
C SER D 116 30.65 9.06 11.08
N ARG D 117 30.53 9.11 12.41
CA ARG D 117 31.10 10.21 13.18
C ARG D 117 32.63 10.17 13.13
N VAL D 118 33.23 9.01 12.83
CA VAL D 118 34.67 8.86 12.76
C VAL D 118 35.16 8.71 11.33
N MET D 119 34.27 8.78 10.35
CA MET D 119 34.69 8.89 8.96
C MET D 119 34.32 10.27 8.45
N GLY D 120 33.42 10.37 7.48
CA GLY D 120 33.08 11.67 6.94
C GLY D 120 32.09 12.50 7.73
N GLY D 121 31.49 11.98 8.82
CA GLY D 121 30.33 12.59 9.44
C GLY D 121 30.54 13.59 10.56
N ASN D 122 31.76 13.95 10.89
CA ASN D 122 31.99 14.90 11.97
C ASN D 122 31.87 16.33 11.44
N TYR D 123 31.45 17.24 12.31
CA TYR D 123 31.33 18.64 11.91
C TYR D 123 31.32 19.53 13.14
N ASP D 124 31.53 20.83 12.92
CA ASP D 124 31.76 21.76 14.02
C ASP D 124 30.54 21.91 14.91
N TYR D 125 29.34 21.98 14.33
CA TYR D 125 28.16 22.26 15.12
C TYR D 125 27.92 21.16 16.15
N ILE D 126 28.12 19.90 15.75
CA ILE D 126 27.87 18.82 16.69
C ILE D 126 28.98 18.79 17.75
N GLU D 127 30.22 19.02 17.37
CA GLU D 127 31.27 19.06 18.38
C GLU D 127 31.03 20.19 19.37
N ALA D 128 30.61 21.36 18.88
CA ALA D 128 30.41 22.48 19.77
C ALA D 128 29.19 22.28 20.66
N VAL D 129 28.13 21.67 20.12
CA VAL D 129 26.95 21.43 20.96
C VAL D 129 27.28 20.41 22.05
N GLU D 130 28.03 19.36 21.71
CA GLU D 130 28.46 18.42 22.74
C GLU D 130 29.25 19.14 23.84
N GLN D 131 30.15 20.06 23.45
CA GLN D 131 31.01 20.73 24.43
C GLN D 131 30.21 21.70 25.30
N GLU D 132 29.29 22.47 24.69
CA GLU D 132 28.34 23.24 25.49
C GLU D 132 27.69 22.36 26.54
N ILE D 133 27.17 21.20 26.12
CA ILE D 133 26.50 20.30 27.06
C ILE D 133 27.47 19.82 28.11
N ALA D 134 28.64 19.38 27.69
CA ALA D 134 29.65 18.92 28.65
C ALA D 134 29.98 20.02 29.66
N ASP D 135 30.22 21.25 29.19
CA ASP D 135 30.52 22.35 30.11
C ASP D 135 29.38 22.58 31.09
N PHE D 136 28.14 22.57 30.59
CA PHE D 136 27.01 22.89 31.46
C PHE D 136 26.77 21.79 32.49
N LEU D 137 27.16 20.56 32.19
CA LEU D 137 26.92 19.44 33.10
C LEU D 137 28.16 19.07 33.91
N GLY D 138 29.23 19.84 33.81
CA GLY D 138 30.40 19.55 34.62
C GLY D 138 31.20 18.35 34.16
N ALA D 139 31.29 18.13 32.86
CA ALA D 139 32.01 17.00 32.30
C ALA D 139 33.04 17.49 31.31
N GLU D 140 34.13 16.73 31.18
CA GLU D 140 35.20 17.16 30.28
C GLU D 140 34.73 17.18 28.83
N THR D 141 33.93 16.19 28.45
CA THR D 141 33.53 15.97 27.06
C THR D 141 32.14 15.32 27.04
N ALA D 142 31.48 15.45 25.90
CA ALA D 142 30.22 14.74 25.65
C ALA D 142 30.32 14.10 24.27
N LEU D 143 29.59 12.99 24.11
CA LEU D 143 29.50 12.27 22.84
C LEU D 143 28.04 11.87 22.60
N MET D 144 27.50 12.25 21.45
CA MET D 144 26.05 12.19 21.21
C MET D 144 25.64 10.89 20.52
N PHE D 145 24.55 10.29 21.00
CA PHE D 145 23.97 9.12 20.37
C PHE D 145 22.49 9.38 20.06
N ASN D 146 21.92 8.55 19.19
CA ASN D 146 20.52 8.68 18.78
CA ASN D 146 20.53 8.76 18.80
C ASN D 146 19.52 8.36 19.89
N SER D 147 19.96 7.84 21.02
CA SER D 147 19.03 7.51 22.09
C SER D 147 19.80 7.17 23.36
N GLY D 148 19.09 7.21 24.49
CA GLY D 148 19.65 6.67 25.71
C GLY D 148 20.12 5.23 25.57
N SER D 149 19.27 4.39 24.95
CA SER D 149 19.55 2.97 24.78
C SER D 149 20.85 2.73 24.01
N ASN D 150 21.06 3.44 22.90
CA ASN D 150 22.28 3.29 22.12
C ASN D 150 23.49 3.79 22.90
N GLY D 151 23.30 4.77 23.77
CA GLY D 151 24.37 5.18 24.67
C GLY D 151 24.79 4.08 25.62
N ASN D 152 23.81 3.36 26.20
CA ASN D 152 24.15 2.23 27.07
C ASN D 152 24.78 1.10 26.29
N ILE D 153 24.27 0.79 25.09
CA ILE D 153 24.90 -0.22 24.27
C ILE D 153 26.38 0.10 24.06
N ALA D 154 26.68 1.36 23.74
CA ALA D 154 28.05 1.73 23.39
C ALA D 154 28.97 1.64 24.59
N ILE D 155 28.57 2.23 25.72
CA ILE D 155 29.35 2.17 26.95
C ILE D 155 29.74 0.74 27.30
N TYR D 156 28.76 -0.16 27.38
CA TYR D 156 29.09 -1.49 27.89
C TYR D 156 29.68 -2.40 26.83
N THR D 157 29.59 -2.07 25.54
CA THR D 157 30.34 -2.86 24.57
C THR D 157 31.77 -2.37 24.41
N ALA D 158 32.02 -1.08 24.59
CA ALA D 158 33.34 -0.51 24.34
C ALA D 158 34.21 -0.39 25.60
N ILE D 159 33.61 -0.06 26.74
CA ILE D 159 34.39 0.27 27.93
C ILE D 159 34.95 -0.97 28.63
N PRO D 160 34.14 -1.95 29.06
CA PRO D 160 34.70 -3.02 29.89
C PRO D 160 35.80 -3.78 29.15
N ARG D 161 36.89 -4.03 29.85
CA ARG D 161 38.02 -4.79 29.36
C ARG D 161 37.92 -6.24 29.83
N PRO D 162 38.56 -7.17 29.12
CA PRO D 162 38.66 -8.55 29.63
C PRO D 162 39.35 -8.54 30.98
N GLY D 163 38.69 -9.13 31.97
CA GLY D 163 39.19 -9.14 33.33
C GLY D 163 38.48 -8.15 34.24
N ASP D 164 37.84 -7.13 33.70
CA ASP D 164 37.02 -6.25 34.52
C ASP D 164 35.80 -7.02 35.03
N ALA D 165 35.16 -6.50 36.07
CA ALA D 165 33.88 -6.99 36.51
C ALA D 165 32.87 -5.84 36.48
N ILE D 166 31.59 -6.19 36.29
CA ILE D 166 30.50 -5.23 36.33
C ILE D 166 29.58 -5.61 37.46
N VAL D 167 29.43 -4.72 38.44
CA VAL D 167 28.51 -4.91 39.55
C VAL D 167 27.39 -3.92 39.33
N TYR D 168 26.17 -4.42 39.08
CA TYR D 168 25.09 -3.55 38.64
C TYR D 168 23.87 -3.70 39.53
N ASP D 169 23.18 -2.59 39.75
CA ASP D 169 21.90 -2.59 40.44
C ASP D 169 20.90 -3.40 39.61
N GLU D 170 20.14 -4.27 40.28
CA GLU D 170 19.31 -5.23 39.54
C GLU D 170 18.31 -4.54 38.61
N LEU D 171 17.96 -3.27 38.87
CA LEU D 171 16.94 -2.57 38.11
C LEU D 171 17.51 -1.65 37.02
N VAL D 172 18.75 -1.88 36.55
CA VAL D 172 19.26 -1.04 35.47
C VAL D 172 18.44 -1.27 34.20
N HIS D 173 18.58 -0.33 33.27
CA HIS D 173 17.74 -0.34 32.09
C HIS D 173 18.02 -1.54 31.19
N PHE D 174 16.95 -2.02 30.55
CA PHE D 174 17.05 -3.07 29.53
C PHE D 174 18.25 -2.91 28.62
N SER D 175 18.53 -1.68 28.19
CA SER D 175 19.62 -1.46 27.25
C SER D 175 20.98 -1.69 27.92
N THR D 176 21.05 -1.48 29.24
CA THR D 176 22.25 -1.84 29.98
C THR D 176 22.39 -3.37 30.09
N HIS D 177 21.28 -4.10 30.14
CA HIS D 177 21.37 -5.55 30.06
C HIS D 177 21.83 -6.00 28.68
N THR D 178 21.24 -5.42 27.62
CA THR D 178 21.70 -5.73 26.28
C THR D 178 23.18 -5.41 26.15
N GLY D 179 23.59 -4.23 26.66
CA GLY D 179 24.98 -3.83 26.70
C GLY D 179 25.90 -4.82 27.39
N MET D 180 25.66 -5.11 28.67
CA MET D 180 26.57 -5.97 29.43
C MET D 180 26.75 -7.33 28.77
N ALA D 181 25.65 -7.91 28.26
CA ALA D 181 25.71 -9.23 27.64
C ALA D 181 26.61 -9.26 26.42
N ALA D 182 26.78 -8.13 25.74
CA ALA D 182 27.73 -8.03 24.63
C ALA D 182 29.12 -7.54 25.06
N SER D 183 29.39 -7.35 26.34
CA SER D 183 30.65 -6.76 26.76
C SER D 183 31.78 -7.78 26.75
N LEU D 184 33.02 -7.29 26.91
CA LEU D 184 34.14 -8.21 27.05
C LEU D 184 34.38 -8.63 28.49
N ALA D 185 33.62 -8.09 29.45
CA ALA D 185 33.83 -8.41 30.85
C ALA D 185 33.43 -9.85 31.14
N THR D 186 34.23 -10.50 31.98
CA THR D 186 33.99 -11.91 32.29
C THR D 186 32.95 -12.08 33.37
N THR D 187 32.83 -11.13 34.30
CA THR D 187 31.98 -11.24 35.47
C THR D 187 30.98 -10.10 35.48
N LYS D 188 29.70 -10.44 35.62
CA LYS D 188 28.63 -9.47 35.81
C LYS D 188 27.86 -9.90 37.05
N VAL D 189 27.72 -8.99 38.00
CA VAL D 189 27.17 -9.31 39.32
C VAL D 189 26.13 -8.25 39.66
N ALA D 190 24.90 -8.68 39.91
CA ALA D 190 23.80 -7.81 40.31
C ALA D 190 23.70 -7.75 41.83
N PHE D 191 23.23 -6.61 42.34
CA PHE D 191 22.95 -6.47 43.76
C PHE D 191 21.50 -6.03 43.94
N ARG D 192 20.95 -6.33 45.11
CA ARG D 192 19.56 -5.98 45.40
C ARG D 192 19.39 -4.47 45.31
N HIS D 193 18.28 -4.07 44.70
CA HIS D 193 18.08 -2.69 44.25
C HIS D 193 18.26 -1.69 45.37
N ASN D 194 19.20 -0.76 45.19
CA ASN D 194 19.41 0.35 46.13
C ASN D 194 19.70 -0.15 47.53
N ASP D 195 20.26 -1.36 47.66
CA ASP D 195 20.61 -1.93 48.95
C ASP D 195 22.11 -1.79 49.13
N LEU D 196 22.51 -0.94 50.08
CA LEU D 196 23.94 -0.70 50.30
C LEU D 196 24.65 -1.95 50.80
N ASP D 197 24.01 -2.68 51.72
CA ASP D 197 24.60 -3.93 52.21
C ASP D 197 24.77 -4.92 51.08
N ALA D 198 23.75 -5.08 50.24
CA ALA D 198 23.88 -5.90 49.04
C ALA D 198 25.02 -5.40 48.17
N PHE D 199 25.07 -4.07 47.94
CA PHE D 199 26.18 -3.52 47.15
C PHE D 199 27.52 -3.84 47.80
N ARG D 200 27.59 -3.73 49.13
CA ARG D 200 28.85 -4.05 49.82
C ARG D 200 29.15 -5.54 49.70
N GLU D 201 28.14 -6.39 49.89
CA GLU D 201 28.33 -7.83 49.69
C GLU D 201 28.74 -8.14 48.25
N ALA D 202 28.29 -7.33 47.28
CA ALA D 202 28.60 -7.62 45.89
C ALA D 202 30.03 -7.19 45.55
N MET D 203 30.44 -6.02 46.03
CA MET D 203 31.80 -5.55 45.77
C MET D 203 32.85 -6.46 46.41
N SER D 204 32.65 -6.81 47.68
CA SER D 204 33.67 -7.57 48.41
C SER D 204 33.82 -8.98 47.85
N SER D 205 32.70 -9.67 47.59
CA SER D 205 32.77 -11.04 47.08
C SER D 205 33.34 -11.08 45.67
N THR D 206 33.05 -10.06 44.85
CA THR D 206 33.68 -9.95 43.54
C THR D 206 35.17 -9.68 43.68
N MET D 207 35.54 -8.73 44.55
CA MET D 207 36.95 -8.43 44.77
C MET D 207 37.72 -9.65 45.26
N ASP D 208 37.22 -10.31 46.31
CA ASP D 208 37.96 -11.42 46.91
C ASP D 208 38.03 -12.64 45.99
N SER D 209 37.16 -12.75 45.00
CA SER D 209 37.13 -13.88 44.08
C SER D 209 37.94 -13.63 42.81
N HIS D 210 38.52 -12.45 42.65
CA HIS D 210 39.25 -12.08 41.44
C HIS D 210 40.63 -11.56 41.79
N PRO D 211 41.68 -12.35 41.58
CA PRO D 211 43.05 -11.86 41.84
C PRO D 211 43.46 -10.67 40.98
N MET D 212 42.98 -10.59 39.73
CA MET D 212 43.32 -9.45 38.89
C MET D 212 42.67 -8.16 39.38
N LEU D 213 41.58 -8.26 40.15
CA LEU D 213 41.01 -7.09 40.82
C LEU D 213 41.75 -6.77 42.12
N GLN D 214 42.29 -7.79 42.79
CA GLN D 214 43.00 -7.57 44.05
C GLN D 214 44.30 -6.81 43.84
N ASP D 215 45.12 -7.29 42.91
CA ASP D 215 46.39 -6.63 42.64
C ASP D 215 46.21 -5.31 41.89
N GLY D 216 44.99 -4.97 41.48
CA GLY D 216 44.71 -3.66 40.90
C GLY D 216 45.01 -3.51 39.42
N SER D 217 45.07 -4.59 38.66
CA SER D 217 45.32 -4.55 37.22
C SER D 217 44.05 -4.51 36.38
N ARG D 218 42.87 -4.52 37.02
CA ARG D 218 41.57 -4.43 36.35
C ARG D 218 40.64 -3.70 37.30
N SER D 219 39.42 -3.44 36.85
CA SER D 219 38.52 -2.57 37.61
C SER D 219 37.17 -3.23 37.84
N ILE D 220 36.48 -2.76 38.87
CA ILE D 220 35.06 -3.04 39.07
C ILE D 220 34.27 -1.86 38.54
N LEU D 221 33.38 -2.14 37.59
CA LEU D 221 32.50 -1.14 37.00
C LEU D 221 31.16 -1.23 37.69
N VAL D 222 30.71 -0.14 38.32
CA VAL D 222 29.44 -0.11 39.03
C VAL D 222 28.40 0.59 38.18
N SER D 223 27.24 -0.06 37.99
CA SER D 223 26.20 0.45 37.11
C SER D 223 24.96 0.77 37.91
N VAL D 224 24.56 2.05 37.89
CA VAL D 224 23.39 2.51 38.63
C VAL D 224 22.58 3.45 37.75
N GLU D 225 21.36 3.68 38.17
CA GLU D 225 20.54 4.77 37.67
C GLU D 225 20.47 5.82 38.76
N SER D 226 20.59 7.10 38.39
CA SER D 226 20.40 8.14 39.39
C SER D 226 18.96 8.17 39.87
N VAL D 227 18.01 8.10 38.95
CA VAL D 227 16.59 8.01 39.25
C VAL D 227 16.07 6.76 38.55
N TYR D 228 15.57 5.80 39.33
CA TYR D 228 15.16 4.51 38.79
C TYR D 228 13.77 4.63 38.17
N SER D 229 13.69 4.45 36.85
CA SER D 229 12.42 4.66 36.17
C SER D 229 11.35 3.72 36.69
N MET D 230 11.75 2.53 37.15
CA MET D 230 10.77 1.54 37.57
C MET D 230 10.19 1.85 38.96
N ASP D 231 11.06 2.17 39.94
CA ASP D 231 10.61 2.37 41.31
C ASP D 231 10.53 3.84 41.71
N GLY D 232 11.27 4.72 41.04
CA GLY D 232 11.24 6.13 41.38
C GLY D 232 12.10 6.58 42.55
N ASP D 233 12.83 5.66 43.19
CA ASP D 233 13.77 6.07 44.22
C ASP D 233 15.08 6.51 43.60
N VAL D 234 16.00 7.00 44.45
CA VAL D 234 17.21 7.71 44.04
C VAL D 234 18.43 6.93 44.49
N CYS D 235 19.47 6.92 43.67
CA CYS D 235 20.66 6.16 44.00
C CYS D 235 21.40 6.79 45.18
N PRO D 236 21.76 6.01 46.20
CA PRO D 236 22.61 6.54 47.29
C PRO D 236 24.07 6.60 46.85
N LEU D 237 24.37 7.58 46.01
CA LEU D 237 25.63 7.55 45.27
C LEU D 237 26.81 7.96 46.14
N VAL D 238 26.65 8.99 46.98
CA VAL D 238 27.76 9.39 47.84
C VAL D 238 28.19 8.22 48.72
N GLU D 239 27.21 7.52 49.30
CA GLU D 239 27.52 6.38 50.17
C GLU D 239 28.03 5.18 49.39
N MET D 240 27.54 5.00 48.16
CA MET D 240 28.05 3.92 47.32
C MET D 240 29.50 4.16 46.94
N LEU D 241 29.87 5.41 46.68
CA LEU D 241 31.26 5.73 46.37
C LEU D 241 32.19 5.39 47.54
N GLU D 242 31.76 5.72 48.77
CA GLU D 242 32.56 5.38 49.94
C GLU D 242 32.77 3.88 50.06
N ILE D 243 31.70 3.10 49.87
CA ILE D 243 31.84 1.64 49.92
C ILE D 243 32.85 1.17 48.88
N ALA D 244 32.85 1.80 47.70
CA ALA D 244 33.71 1.37 46.62
C ALA D 244 35.19 1.66 46.91
N ARG D 245 35.49 2.85 47.43
CA ARG D 245 36.87 3.16 47.75
C ARG D 245 37.38 2.27 48.88
N GLU D 246 36.52 1.99 49.86
CA GLU D 246 36.90 1.14 50.98
C GLU D 246 37.14 -0.30 50.53
N ILE D 247 36.32 -0.79 49.62
CA ILE D 247 36.49 -2.15 49.13
C ILE D 247 37.62 -2.24 48.12
N CYS D 248 37.87 -1.18 47.36
CA CYS D 248 38.91 -1.14 46.34
C CYS D 248 39.93 -0.07 46.75
N PRO D 249 40.86 -0.42 47.65
CA PRO D 249 41.80 0.60 48.15
C PRO D 249 42.70 1.16 47.08
N LYS D 250 43.20 0.31 46.18
CA LYS D 250 43.99 0.70 45.01
C LYS D 250 43.18 1.50 43.96
N GLY D 251 41.95 1.91 44.25
CA GLY D 251 41.19 2.79 43.38
C GLY D 251 40.80 2.23 42.03
N ASN D 252 40.78 0.91 41.87
CA ASN D 252 40.43 0.32 40.58
C ASN D 252 38.91 0.06 40.53
N PHE D 253 38.16 1.15 40.53
CA PHE D 253 36.74 1.13 40.28
C PHE D 253 36.34 2.37 39.49
N ALA D 254 35.16 2.31 38.89
CA ALA D 254 34.65 3.41 38.08
C ALA D 254 33.13 3.33 38.09
N PHE D 255 32.47 4.45 38.33
CA PHE D 255 31.02 4.50 38.40
C PHE D 255 30.43 4.94 37.07
N ILE D 256 29.32 4.29 36.68
CA ILE D 256 28.58 4.60 35.47
C ILE D 256 27.14 4.93 35.89
N ALA D 257 26.73 6.18 35.69
CA ALA D 257 25.45 6.67 36.18
C ALA D 257 24.52 6.98 35.00
N ASP D 258 23.44 6.21 34.88
CA ASP D 258 22.40 6.43 33.88
C ASP D 258 21.41 7.43 34.44
N GLU D 259 21.47 8.67 33.95
CA GLU D 259 20.69 9.75 34.52
C GLU D 259 19.42 10.04 33.73
N ALA D 260 18.90 9.05 32.99
CA ALA D 260 17.77 9.30 32.09
C ALA D 260 16.64 10.04 32.78
N HIS D 261 16.27 9.62 33.98
CA HIS D 261 15.19 10.26 34.70
C HIS D 261 15.64 11.27 35.75
N ALA D 262 16.90 11.70 35.69
CA ALA D 262 17.35 12.82 36.51
C ALA D 262 17.39 14.14 35.74
N THR D 263 17.98 14.14 34.55
CA THR D 263 18.15 15.36 33.78
C THR D 263 16.84 16.10 33.67
N GLY D 264 16.86 17.40 33.98
CA GLY D 264 15.71 18.26 33.96
C GLY D 264 14.87 18.24 35.21
N VAL D 265 14.88 17.14 35.96
CA VAL D 265 14.04 17.01 37.15
C VAL D 265 14.81 17.30 38.43
N VAL D 266 16.13 17.15 38.42
CA VAL D 266 16.95 17.15 39.64
C VAL D 266 18.13 18.10 39.43
N GLY D 267 18.44 18.89 40.47
CA GLY D 267 19.61 19.73 40.45
C GLY D 267 19.35 21.09 39.80
N PRO D 268 20.29 22.02 39.98
CA PRO D 268 20.07 23.41 39.55
C PRO D 268 20.10 23.52 38.04
N ARG D 269 19.00 24.04 37.47
CA ARG D 269 18.79 24.10 36.03
C ARG D 269 18.73 22.70 35.42
N GLY D 270 18.26 21.73 36.21
CA GLY D 270 18.06 20.37 35.72
C GLY D 270 19.32 19.65 35.32
N VAL D 271 20.42 19.88 36.05
CA VAL D 271 21.69 19.26 35.67
C VAL D 271 21.77 17.79 36.06
N GLY D 272 20.85 17.30 36.88
CA GLY D 272 20.86 15.91 37.28
C GLY D 272 21.45 15.70 38.66
N LEU D 273 21.57 14.43 39.03
CA LEU D 273 21.94 14.07 40.40
C LEU D 273 23.44 14.13 40.64
N VAL D 274 24.25 13.76 39.64
CA VAL D 274 25.69 13.70 39.87
C VAL D 274 26.23 15.10 40.18
N LYS D 275 25.98 16.08 39.29
CA LYS D 275 26.38 17.46 39.55
C LYS D 275 25.69 18.04 40.78
N LEU D 276 24.43 17.66 41.03
CA LEU D 276 23.73 18.18 42.21
C LEU D 276 24.46 17.82 43.50
N LEU D 277 25.20 16.72 43.49
CA LEU D 277 25.96 16.29 44.65
C LEU D 277 27.44 16.66 44.57
N GLY D 278 27.87 17.26 43.46
CA GLY D 278 29.27 17.61 43.26
C GLY D 278 30.18 16.47 42.87
N LEU D 279 29.63 15.39 42.29
CA LEU D 279 30.39 14.17 42.05
C LEU D 279 30.89 14.05 40.61
N GLU D 280 30.83 15.14 39.84
CA GLU D 280 31.22 15.11 38.43
C GLU D 280 32.67 14.68 38.21
N ASN D 281 33.51 14.77 39.24
CA ASN D 281 34.85 14.24 39.16
C ASN D 281 34.96 12.84 39.73
N GLU D 282 33.95 12.40 40.47
CA GLU D 282 33.93 11.07 41.05
C GLU D 282 33.31 10.02 40.13
N VAL D 283 32.51 10.43 39.14
CA VAL D 283 31.75 9.49 38.31
C VAL D 283 32.36 9.49 36.92
N ALA D 284 33.00 8.39 36.53
CA ALA D 284 33.74 8.37 35.27
C ALA D 284 32.81 8.57 34.07
N ILE D 285 31.65 7.93 34.07
CA ILE D 285 30.79 7.88 32.89
C ILE D 285 29.34 8.17 33.29
N ARG D 286 28.70 9.11 32.61
CA ARG D 286 27.32 9.48 32.91
C ARG D 286 26.53 9.44 31.61
N LEU D 287 25.28 8.98 31.69
CA LEU D 287 24.39 8.96 30.54
C LEU D 287 23.26 9.94 30.78
N ASN D 288 23.10 10.91 29.87
CA ASN D 288 22.02 11.90 29.92
C ASN D 288 21.20 11.82 28.63
N THR D 289 19.95 11.41 28.81
CA THR D 289 19.02 11.17 27.70
C THR D 289 18.15 12.37 27.41
N CYS D 290 17.57 12.38 26.23
CA CYS D 290 16.82 13.56 25.74
C CYS D 290 15.32 13.15 25.58
N GLY D 291 14.90 11.89 25.83
CA GLY D 291 13.58 11.29 25.65
C GLY D 291 12.54 11.51 26.74
N LYS D 292 12.92 12.13 27.84
CA LYS D 292 11.97 12.39 28.91
C LYS D 292 11.78 13.90 29.10
N ALA D 293 12.42 14.47 30.11
CA ALA D 293 12.16 15.87 30.42
C ALA D 293 12.58 16.80 29.28
N LEU D 294 13.60 16.42 28.52
CA LEU D 294 14.10 17.26 27.44
C LEU D 294 13.27 17.13 26.17
N ALA D 295 12.33 16.19 26.13
CA ALA D 295 11.19 16.16 25.19
C ALA D 295 11.55 15.96 23.72
N CYS D 296 12.67 15.30 23.43
CA CYS D 296 13.05 14.92 22.07
C CYS D 296 13.50 13.46 22.06
N THR D 297 14.52 13.14 21.28
CA THR D 297 15.25 11.88 21.42
C THR D 297 16.74 12.19 21.36
N GLY D 298 17.54 11.18 21.67
CA GLY D 298 18.99 11.26 21.66
C GLY D 298 19.56 11.20 23.07
N SER D 299 20.88 11.18 23.13
CA SER D 299 21.56 11.16 24.42
C SER D 299 23.02 11.58 24.25
N VAL D 300 23.63 11.92 25.38
CA VAL D 300 25.06 12.20 25.45
C VAL D 300 25.68 11.29 26.50
N VAL D 301 26.86 10.75 26.21
CA VAL D 301 27.65 10.04 27.21
C VAL D 301 28.74 10.98 27.69
N LEU D 302 28.79 11.25 28.99
CA LEU D 302 29.73 12.20 29.57
C LEU D 302 30.96 11.49 30.12
N GLY D 303 32.14 12.04 29.82
CA GLY D 303 33.37 11.54 30.42
C GLY D 303 34.54 12.39 29.99
N ASN D 304 35.74 11.89 30.29
CA ASN D 304 36.95 12.54 29.83
C ASN D 304 37.31 12.02 28.43
N ALA D 305 38.33 12.64 27.81
CA ALA D 305 38.64 12.33 26.42
C ALA D 305 39.11 10.89 26.23
N THR D 306 39.59 10.24 27.29
CA THR D 306 39.92 8.82 27.21
C THR D 306 38.66 7.97 27.07
N VAL D 307 37.64 8.26 27.86
CA VAL D 307 36.35 7.58 27.71
C VAL D 307 35.79 7.81 26.31
N ARG D 308 35.71 9.08 25.89
CA ARG D 308 35.18 9.47 24.59
C ARG D 308 35.85 8.69 23.46
N ASN D 309 37.19 8.78 23.37
CA ASN D 309 37.92 8.10 22.30
C ASN D 309 37.73 6.59 22.36
N MET D 310 37.56 6.05 23.57
CA MET D 310 37.21 4.64 23.72
C MET D 310 35.91 4.31 22.99
N LEU D 311 34.88 5.12 23.22
CA LEU D 311 33.62 4.94 22.52
C LEU D 311 33.78 5.06 21.01
N LEU D 312 34.54 6.08 20.55
CA LEU D 312 34.73 6.27 19.11
C LEU D 312 35.54 5.16 18.46
N ASN D 313 36.27 4.35 19.23
CA ASN D 313 37.10 3.34 18.61
C ASN D 313 36.66 1.92 18.87
N TYR D 314 35.97 1.64 19.97
CA TYR D 314 35.55 0.29 20.27
C TYR D 314 34.03 0.09 20.34
N ALA D 315 33.24 1.15 20.27
CA ALA D 315 31.79 0.98 20.19
C ALA D 315 31.46 0.76 18.71
N GLY D 316 31.50 -0.49 18.29
CA GLY D 316 31.20 -0.80 16.90
C GLY D 316 29.85 -0.27 16.45
N SER D 317 28.90 -0.16 17.40
CA SER D 317 27.58 0.34 17.02
C SER D 317 27.66 1.81 16.61
N LEU D 318 28.46 2.62 17.32
CA LEU D 318 28.65 4.01 16.90
C LEU D 318 29.43 4.10 15.59
N VAL D 319 30.50 3.31 15.45
CA VAL D 319 31.39 3.44 14.29
C VAL D 319 30.61 3.20 12.99
N ASN D 320 29.71 2.23 12.99
CA ASN D 320 29.04 1.81 11.76
C ASN D 320 27.64 2.40 11.61
N THR D 321 27.39 3.58 12.16
CA THR D 321 26.09 4.22 11.97
C THR D 321 26.28 5.67 11.55
N THR D 322 25.30 6.18 10.81
CA THR D 322 25.35 7.55 10.34
C THR D 322 25.31 8.53 11.52
N ALA D 323 26.17 9.54 11.47
CA ALA D 323 26.25 10.51 12.54
C ALA D 323 25.04 11.43 12.51
N PRO D 324 24.62 11.96 13.66
CA PRO D 324 23.35 12.71 13.70
C PRO D 324 23.33 13.87 12.72
N SER D 325 22.13 14.15 12.23
CA SER D 325 21.88 15.26 11.33
C SER D 325 21.79 16.56 12.11
N PHE D 326 21.91 17.65 11.38
CA PHE D 326 21.89 18.97 12.02
C PHE D 326 20.61 19.24 12.79
N PRO D 327 19.40 18.98 12.25
CA PRO D 327 18.18 19.17 13.06
C PRO D 327 18.15 18.30 14.31
N SER D 328 18.74 17.11 14.28
CA SER D 328 18.80 16.30 15.48
C SER D 328 19.65 16.97 16.56
N VAL D 329 20.81 17.50 16.16
CA VAL D 329 21.63 18.19 17.15
C VAL D 329 20.92 19.46 17.63
N ALA D 330 20.22 20.15 16.73
CA ALA D 330 19.64 21.45 17.09
C ALA D 330 18.55 21.33 18.15
N VAL D 331 17.69 20.31 18.03
CA VAL D 331 16.63 20.17 19.03
C VAL D 331 17.22 19.81 20.39
N ILE D 332 18.27 19.00 20.41
CA ILE D 332 18.96 18.73 21.68
C ILE D 332 19.57 20.01 22.22
N ARG D 333 20.28 20.77 21.37
CA ARG D 333 20.82 22.06 21.81
C ARG D 333 19.72 22.94 22.36
N ALA D 334 18.53 22.89 21.75
CA ALA D 334 17.43 23.75 22.16
C ALA D 334 16.90 23.38 23.54
N ALA D 335 16.77 22.07 23.81
CA ALA D 335 16.26 21.65 25.11
C ALA D 335 17.21 22.03 26.21
N TYR D 336 18.51 21.78 26.00
CA TYR D 336 19.49 22.23 26.97
C TYR D 336 19.48 23.74 27.11
N ASN D 337 19.24 24.46 26.02
CA ASN D 337 19.18 25.92 26.06
C ASN D 337 18.16 26.38 27.07
N LEU D 338 16.97 25.79 27.03
CA LEU D 338 15.90 26.17 27.95
C LEU D 338 16.25 25.81 29.38
N MET D 339 17.08 24.78 29.58
CA MET D 339 17.55 24.52 30.93
C MET D 339 18.62 25.52 31.34
N ARG D 340 19.62 25.72 30.47
CA ARG D 340 20.76 26.58 30.78
C ARG D 340 20.32 27.97 31.23
N THR D 341 19.37 28.56 30.50
CA THR D 341 18.91 29.93 30.74
C THR D 341 17.94 30.04 31.89
N GLY D 342 17.54 28.95 32.51
CA GLY D 342 16.58 29.00 33.58
C GLY D 342 15.12 28.94 33.17
N ALA D 343 14.82 28.75 31.89
CA ALA D 343 13.42 28.70 31.47
C ALA D 343 12.69 27.44 31.94
N THR D 344 13.35 26.50 32.60
CA THR D 344 12.68 25.28 33.08
C THR D 344 12.53 25.24 34.59
N GLN D 345 12.96 26.30 35.31
CA GLN D 345 13.01 26.23 36.77
C GLN D 345 11.62 26.13 37.36
N LYS D 346 10.70 26.97 36.90
CA LYS D 346 9.34 26.90 37.43
C LYS D 346 8.71 25.54 37.16
N ALA D 347 8.99 24.95 35.99
CA ALA D 347 8.45 23.63 35.70
C ALA D 347 9.06 22.58 36.62
N GLN D 348 10.38 22.65 36.87
CA GLN D 348 11.03 21.74 37.80
C GLN D 348 10.48 21.88 39.21
N ASP D 349 10.26 23.12 39.67
CA ASP D 349 9.69 23.33 40.99
C ASP D 349 8.25 22.83 41.08
N ASN D 350 7.50 22.88 39.97
CA ASN D 350 6.12 22.43 40.05
C ASN D 350 6.00 20.91 40.12
N ILE D 351 7.02 20.17 39.67
CA ILE D 351 7.04 18.73 39.89
C ILE D 351 7.21 18.42 41.38
N GLN D 352 8.22 19.04 42.02
CA GLN D 352 8.40 18.90 43.46
C GLN D 352 7.12 19.24 44.20
N HIS D 353 6.47 20.34 43.82
CA HIS D 353 5.23 20.74 44.49
C HIS D 353 4.14 19.68 44.29
N LEU D 354 3.80 19.38 43.02
CA LEU D 354 2.67 18.49 42.75
C LEU D 354 2.88 17.11 43.34
N VAL D 355 4.12 16.60 43.31
CA VAL D 355 4.39 15.29 43.88
C VAL D 355 4.15 15.31 45.39
N LYS D 356 4.71 16.31 46.09
CA LYS D 356 4.43 16.45 47.51
C LYS D 356 2.95 16.67 47.76
N TYR D 357 2.28 17.39 46.86
CA TYR D 357 0.85 17.60 46.98
C TYR D 357 0.10 16.27 46.90
N PHE D 358 0.49 15.41 45.96
CA PHE D 358 -0.13 14.09 45.87
C PHE D 358 0.11 13.28 47.14
N PHE D 359 1.36 13.22 47.60
CA PHE D 359 1.66 12.46 48.82
C PHE D 359 0.86 12.97 50.00
N GLU D 360 0.92 14.29 50.26
CA GLU D 360 0.14 14.88 51.34
C GLU D 360 -1.34 14.55 51.22
N SER D 361 -1.88 14.63 50.00
CA SER D 361 -3.31 14.38 49.82
C SER D 361 -3.66 12.92 50.07
N ILE D 362 -2.95 11.98 49.42
CA ILE D 362 -3.36 10.58 49.48
C ILE D 362 -3.09 9.99 50.87
N THR D 363 -2.03 10.42 51.55
CA THR D 363 -1.73 9.87 52.87
C THR D 363 -2.67 10.41 53.94
N SER D 364 -3.20 11.62 53.75
CA SER D 364 -4.19 12.16 54.69
C SER D 364 -5.55 11.51 54.54
N SER D 365 -5.78 10.79 53.44
CA SER D 365 -7.07 10.16 53.20
C SER D 365 -7.41 9.19 54.32
N ASN D 366 -8.71 9.07 54.62
CA ASN D 366 -9.14 8.21 55.71
C ASN D 366 -8.91 6.73 55.38
N ILE D 367 -9.16 6.33 54.14
CA ILE D 367 -8.98 4.95 53.72
C ILE D 367 -7.52 4.55 53.73
N TRP D 368 -6.60 5.53 53.74
CA TRP D 368 -5.19 5.24 53.48
C TRP D 368 -4.64 4.18 54.42
N ASP D 369 -4.80 4.39 55.73
CA ASP D 369 -4.33 3.40 56.70
C ASP D 369 -4.96 2.05 56.42
N LYS D 370 -6.29 2.01 56.30
CA LYS D 370 -7.00 0.75 56.13
C LYS D 370 -6.60 0.07 54.83
N ALA D 371 -6.49 0.83 53.74
CA ALA D 371 -6.07 0.25 52.47
C ALA D 371 -4.66 -0.32 52.57
N THR D 372 -3.72 0.47 53.11
CA THR D 372 -2.35 -0.01 53.24
C THR D 372 -2.22 -1.06 54.34
N ASP D 373 -3.06 -0.98 55.39
CA ASP D 373 -3.09 -2.03 56.39
C ASP D 373 -3.50 -3.36 55.78
N LEU D 374 -4.66 -3.39 55.12
CA LEU D 374 -5.17 -4.64 54.57
C LEU D 374 -4.35 -5.14 53.38
N GLY D 375 -3.51 -4.29 52.79
CA GLY D 375 -2.75 -4.68 51.62
C GLY D 375 -3.43 -4.42 50.29
N ILE D 376 -4.45 -3.56 50.27
CA ILE D 376 -5.15 -3.29 49.01
C ILE D 376 -4.42 -2.24 48.18
N LEU D 377 -3.81 -1.24 48.84
CA LEU D 377 -2.99 -0.25 48.17
C LEU D 377 -1.65 -0.16 48.86
N SER D 378 -0.63 0.16 48.07
CA SER D 378 0.71 0.42 48.59
C SER D 378 1.39 1.42 47.66
N ILE D 379 1.94 2.47 48.25
CA ILE D 379 2.72 3.47 47.51
C ILE D 379 4.07 3.64 48.19
N PRO D 380 5.00 2.69 47.98
CA PRO D 380 6.29 2.73 48.70
C PRO D 380 7.09 4.02 48.59
N VAL D 381 7.03 4.74 47.46
CA VAL D 381 7.87 5.93 47.34
C VAL D 381 7.38 7.05 48.26
N ALA D 382 6.16 6.95 48.78
CA ALA D 382 5.58 7.96 49.64
C ALA D 382 5.92 7.76 51.11
N GLU D 383 6.60 6.68 51.46
CA GLU D 383 7.03 6.49 52.83
C GLU D 383 7.99 7.61 53.25
N ASP D 384 7.64 8.28 54.35
CA ASP D 384 8.49 9.31 54.95
C ASP D 384 8.98 10.32 53.90
N TYR D 385 8.08 10.72 53.00
CA TYR D 385 8.42 11.70 51.97
C TYR D 385 8.85 13.04 52.57
N GLU D 386 8.39 13.34 53.79
CA GLU D 386 8.73 14.60 54.44
C GLU D 386 10.22 14.71 54.76
N SER D 387 10.92 13.59 54.91
CA SER D 387 12.35 13.62 55.20
C SER D 387 13.20 13.74 53.94
N LEU D 388 12.63 13.44 52.77
CA LEU D 388 13.39 13.50 51.53
C LEU D 388 13.84 14.92 51.23
N ASP D 389 15.09 15.06 50.78
CA ASP D 389 15.54 16.37 50.32
C ASP D 389 14.75 16.81 49.09
N PHE D 390 14.48 15.89 48.17
CA PHE D 390 13.65 16.18 47.01
C PHE D 390 12.88 14.92 46.68
N VAL D 391 11.90 15.06 45.78
CA VAL D 391 11.09 13.95 45.33
C VAL D 391 11.26 13.81 43.82
N THR D 392 10.75 12.71 43.29
CA THR D 392 10.77 12.49 41.85
C THR D 392 9.35 12.38 41.33
N HIS D 393 9.27 12.45 40.01
CA HIS D 393 8.03 12.39 39.24
C HIS D 393 7.44 10.99 39.14
N ILE D 394 8.18 9.96 39.56
CA ILE D 394 7.75 8.57 39.37
C ILE D 394 7.04 8.10 40.64
N VAL D 395 5.77 7.73 40.50
CA VAL D 395 4.96 7.27 41.64
C VAL D 395 4.33 5.92 41.33
N PRO D 396 5.01 4.82 41.65
CA PRO D 396 4.45 3.49 41.40
C PRO D 396 3.41 3.12 42.46
N ILE D 397 2.26 2.64 42.01
CA ILE D 397 1.17 2.27 42.92
C ILE D 397 0.93 0.77 42.79
N TRP D 398 0.95 0.08 43.92
CA TRP D 398 0.76 -1.36 43.97
C TRP D 398 -0.59 -1.69 44.59
N THR D 399 -1.24 -2.73 44.05
CA THR D 399 -2.40 -3.31 44.71
C THR D 399 -2.09 -4.81 44.82
N ARG D 400 -3.12 -5.60 45.11
CA ARG D 400 -2.95 -7.05 45.01
C ARG D 400 -2.84 -7.42 43.54
N GLN D 401 -1.91 -8.33 43.23
CA GLN D 401 -1.70 -8.75 41.84
C GLN D 401 -3.02 -9.11 41.16
N LYS D 402 -3.93 -9.75 41.90
CA LYS D 402 -5.23 -10.11 41.36
C LYS D 402 -6.12 -8.91 41.12
N TYR D 403 -5.74 -7.73 41.61
CA TYR D 403 -6.51 -6.51 41.40
C TYR D 403 -5.83 -5.55 40.44
N ASN D 404 -4.64 -5.87 39.93
CA ASN D 404 -3.82 -4.86 39.27
C ASN D 404 -4.48 -4.31 38.02
N TRP D 405 -4.94 -5.19 37.13
CA TRP D 405 -5.61 -4.74 35.91
C TRP D 405 -6.91 -4.01 36.25
N TRP D 406 -7.58 -4.43 37.33
CA TRP D 406 -8.76 -3.71 37.80
C TRP D 406 -8.41 -2.28 38.18
N LEU D 407 -7.33 -2.10 38.96
CA LEU D 407 -6.87 -0.77 39.30
C LEU D 407 -6.57 0.03 38.04
N PHE D 408 -5.91 -0.59 37.07
CA PHE D 408 -5.53 0.13 35.86
C PHE D 408 -6.76 0.58 35.07
N PHE D 409 -7.74 -0.32 34.90
CA PHE D 409 -8.85 0.14 34.07
C PHE D 409 -9.83 0.99 34.84
N HIS D 410 -9.86 0.86 36.18
CA HIS D 410 -10.60 1.80 37.01
C HIS D 410 -10.15 3.23 36.73
N LEU D 411 -8.83 3.47 36.76
CA LEU D 411 -8.30 4.78 36.39
C LEU D 411 -8.66 5.14 34.95
N GLN D 412 -8.43 4.21 34.03
CA GLN D 412 -8.72 4.48 32.62
C GLN D 412 -10.17 4.89 32.42
N LEU D 413 -11.10 4.13 33.01
CA LEU D 413 -12.51 4.48 32.90
C LEU D 413 -12.79 5.84 33.51
N ALA D 414 -12.01 6.25 34.51
CA ALA D 414 -12.11 7.59 35.08
C ALA D 414 -11.36 8.63 34.24
N LYS D 415 -10.88 8.24 33.06
CA LYS D 415 -10.19 9.15 32.13
C LYS D 415 -8.89 9.67 32.73
N ILE D 416 -8.14 8.77 33.38
CA ILE D 416 -6.82 9.07 33.94
C ILE D 416 -5.83 8.10 33.30
N ALA D 417 -4.95 8.62 32.45
CA ALA D 417 -3.93 7.80 31.83
C ALA D 417 -2.78 7.63 32.81
N VAL D 418 -2.54 6.39 33.24
CA VAL D 418 -1.33 5.99 33.96
C VAL D 418 -0.71 4.86 33.13
N VAL D 419 0.52 4.50 33.44
CA VAL D 419 1.23 3.48 32.65
C VAL D 419 1.07 2.14 33.33
N PRO D 420 0.71 1.08 32.58
CA PRO D 420 0.66 -0.27 33.16
C PRO D 420 2.04 -0.91 33.11
N ILE D 421 2.46 -1.48 34.23
CA ILE D 421 3.74 -2.14 34.35
C ILE D 421 3.46 -3.62 34.54
N ASP D 422 3.72 -4.42 33.51
CA ASP D 422 3.46 -5.85 33.58
C ASP D 422 4.40 -6.57 32.62
N TYR D 423 4.37 -7.89 32.68
CA TYR D 423 5.03 -8.75 31.68
C TYR D 423 4.65 -8.32 30.25
N PRO D 424 5.60 -8.28 29.33
CA PRO D 424 6.97 -8.77 29.40
C PRO D 424 7.98 -7.78 30.00
N GLN D 425 7.56 -6.61 30.50
CA GLN D 425 8.52 -5.66 31.06
C GLN D 425 9.02 -6.05 32.45
N VAL D 426 8.18 -6.69 33.25
CA VAL D 426 8.61 -7.14 34.58
C VAL D 426 8.13 -8.58 34.74
N PRO D 427 8.65 -9.32 35.73
CA PRO D 427 8.19 -10.69 35.93
C PRO D 427 6.68 -10.75 36.14
N LYS D 428 6.08 -11.86 35.71
CA LYS D 428 4.68 -12.10 36.04
C LYS D 428 4.53 -12.12 37.56
N GLY D 429 3.42 -11.58 38.05
CA GLY D 429 3.22 -11.50 39.48
C GLY D 429 3.91 -10.34 40.14
N LYS D 430 4.59 -9.50 39.37
CA LYS D 430 5.16 -8.26 39.89
C LYS D 430 4.61 -7.05 39.13
N SER D 431 3.32 -7.07 38.79
CA SER D 431 2.73 -5.96 38.05
C SER D 431 2.27 -4.85 39.00
N ARG D 432 2.35 -3.61 38.51
CA ARG D 432 2.00 -2.42 39.29
C ARG D 432 1.52 -1.38 38.30
N VAL D 433 1.21 -0.17 38.78
CA VAL D 433 1.00 0.95 37.86
C VAL D 433 1.94 2.06 38.25
N ARG D 434 2.38 2.81 37.25
CA ARG D 434 3.28 3.94 37.42
C ARG D 434 2.55 5.23 37.09
N VAL D 435 2.22 5.99 38.12
CA VAL D 435 1.74 7.35 37.92
C VAL D 435 2.93 8.25 37.65
N MET D 436 2.85 9.05 36.59
CA MET D 436 3.89 10.02 36.24
C MET D 436 3.32 11.42 36.41
N ILE D 437 3.94 12.22 37.27
CA ILE D 437 3.49 13.58 37.55
C ILE D 437 4.39 14.55 36.79
N HIS D 438 3.77 15.41 35.98
CA HIS D 438 4.50 16.33 35.11
C HIS D 438 4.32 17.78 35.58
N ALA D 439 5.17 18.65 35.03
CA ALA D 439 5.09 20.06 35.35
C ALA D 439 3.71 20.62 35.05
N GLY D 440 3.17 20.30 33.87
CA GLY D 440 1.90 20.79 33.39
C GLY D 440 0.66 20.11 33.93
N ASN D 441 0.79 19.28 34.96
CA ASN D 441 -0.39 18.80 35.66
C ASN D 441 -0.83 19.86 36.68
N THR D 442 -2.06 19.69 37.18
CA THR D 442 -2.65 20.65 38.11
C THR D 442 -3.09 19.98 39.40
N GLU D 443 -3.28 20.80 40.44
CA GLU D 443 -3.77 20.30 41.71
C GLU D 443 -5.19 19.73 41.56
N GLU D 444 -5.99 20.32 40.68
CA GLU D 444 -7.30 19.74 40.38
C GLU D 444 -7.16 18.30 39.90
N GLN D 445 -6.30 18.08 38.91
CA GLN D 445 -6.08 16.73 38.40
C GLN D 445 -5.55 15.80 39.49
N VAL D 446 -4.59 16.28 40.29
CA VAL D 446 -4.08 15.48 41.39
C VAL D 446 -5.20 15.11 42.36
N ASP D 447 -6.02 16.11 42.72
CA ASP D 447 -7.16 15.84 43.58
C ASP D 447 -8.08 14.80 42.96
N TYR D 448 -8.34 14.90 41.66
CA TYR D 448 -9.19 13.92 41.01
C TYR D 448 -8.56 12.54 41.06
N LEU D 449 -7.23 12.47 40.90
CA LEU D 449 -6.55 11.19 40.97
C LEU D 449 -6.68 10.59 42.36
N VAL D 450 -6.38 11.38 43.39
CA VAL D 450 -6.52 10.92 44.77
C VAL D 450 -7.95 10.45 45.03
N ALA D 451 -8.93 11.23 44.59
CA ALA D 451 -10.32 10.84 44.78
C ALA D 451 -10.63 9.54 44.05
N THR D 452 -10.09 9.38 42.84
CA THR D 452 -10.35 8.15 42.10
C THR D 452 -9.68 6.95 42.77
N LEU D 453 -8.48 7.13 43.31
CA LEU D 453 -7.79 6.03 43.97
C LEU D 453 -8.49 5.64 45.25
N CYS D 454 -8.93 6.63 46.04
CA CYS D 454 -9.64 6.35 47.28
C CYS D 454 -10.96 5.66 47.02
N ASP D 455 -11.60 5.98 45.89
CA ASP D 455 -12.83 5.28 45.53
C ASP D 455 -12.57 3.83 45.17
N PHE D 456 -11.46 3.57 44.46
CA PHE D 456 -11.11 2.18 44.19
C PHE D 456 -10.77 1.44 45.49
N ALA D 457 -10.00 2.08 46.36
CA ALA D 457 -9.63 1.45 47.64
C ALA D 457 -10.87 1.14 48.46
N ASN D 458 -11.77 2.11 48.60
CA ASN D 458 -13.02 1.89 49.31
C ASN D 458 -13.75 0.67 48.76
N GLU D 459 -13.85 0.59 47.43
CA GLU D 459 -14.65 -0.48 46.84
C GLU D 459 -14.05 -1.84 47.13
N MET D 460 -12.72 -1.96 47.13
CA MET D 460 -12.12 -3.24 47.39
C MET D 460 -12.26 -3.61 48.86
N ILE D 461 -12.19 -2.60 49.75
CA ILE D 461 -12.43 -2.83 51.18
C ILE D 461 -13.80 -3.47 51.39
N ASP D 462 -14.84 -2.85 50.82
CA ASP D 462 -16.20 -3.38 50.99
C ASP D 462 -16.35 -4.77 50.41
N ILE D 463 -15.71 -5.04 49.27
CA ILE D 463 -15.74 -6.38 48.70
C ILE D 463 -15.10 -7.38 49.65
N GLU D 464 -13.96 -7.02 50.23
CA GLU D 464 -13.22 -7.97 51.06
C GLU D 464 -13.92 -8.20 52.40
N GLU D 465 -14.69 -7.23 52.88
CA GLU D 465 -15.31 -7.33 54.19
C GLU D 465 -16.74 -7.88 54.14
N GLY D 466 -17.34 -8.01 52.96
CA GLY D 466 -18.66 -8.58 52.81
C GLY D 466 -18.70 -10.09 52.78
N GLY D 470 -18.00 -13.94 45.24
CA GLY D 470 -17.39 -13.73 43.93
C GLY D 470 -17.65 -12.36 43.32
N LYS D 471 -17.75 -11.34 44.17
CA LYS D 471 -17.98 -9.99 43.70
C LYS D 471 -16.72 -9.42 43.04
N ILE D 472 -16.90 -8.72 41.93
CA ILE D 472 -15.81 -8.03 41.24
C ILE D 472 -16.11 -6.54 41.23
N PRO D 473 -15.07 -5.68 41.17
CA PRO D 473 -15.31 -4.24 41.17
C PRO D 473 -15.94 -3.76 39.87
N LYS D 474 -16.45 -2.52 39.93
CA LYS D 474 -17.15 -1.94 38.78
C LYS D 474 -16.26 -1.94 37.54
N ALA D 475 -14.99 -1.55 37.71
CA ALA D 475 -14.08 -1.54 36.56
C ALA D 475 -13.94 -2.93 35.96
N ALA D 476 -13.90 -3.95 36.81
CA ALA D 476 -13.80 -5.33 36.35
C ALA D 476 -15.06 -5.77 35.60
N GLN D 477 -16.25 -5.41 36.11
CA GLN D 477 -17.48 -5.73 35.38
C GLN D 477 -17.42 -5.16 33.98
N GLU D 478 -16.98 -3.90 33.85
CA GLU D 478 -16.92 -3.25 32.55
C GLU D 478 -15.95 -3.96 31.61
N ILE D 479 -14.77 -4.35 32.09
CA ILE D 479 -13.86 -5.09 31.22
C ILE D 479 -14.45 -6.45 30.87
N TYR D 480 -15.06 -7.13 31.85
CA TYR D 480 -15.59 -8.46 31.57
C TYR D 480 -16.74 -8.39 30.59
N ALA D 481 -17.58 -7.34 30.67
CA ALA D 481 -18.64 -7.14 29.69
C ALA D 481 -18.06 -6.87 28.31
N LEU D 482 -17.02 -6.03 28.21
CA LEU D 482 -16.39 -5.80 26.90
C LEU D 482 -15.77 -7.08 26.37
N MET D 483 -15.20 -7.90 27.25
CA MET D 483 -14.61 -9.16 26.83
C MET D 483 -15.65 -10.16 26.37
N ALA D 484 -16.81 -10.21 27.04
CA ALA D 484 -17.88 -11.07 26.56
C ALA D 484 -18.31 -10.68 25.16
N ALA D 485 -18.36 -9.38 24.89
CA ALA D 485 -18.80 -8.90 23.58
C ALA D 485 -17.73 -9.01 22.50
N HIS D 486 -16.45 -9.12 22.86
CA HIS D 486 -15.36 -8.94 21.87
C HIS D 486 -14.20 -9.96 21.94
OAL A1BDC E . -14.84 -7.51 -21.78
PAK A1BDC E . -14.38 -8.41 -23.04
OAN A1BDC E . -15.81 -8.55 -23.78
OAM A1BDC E . -13.57 -7.55 -23.97
OAJ A1BDC E . -13.73 -9.81 -22.62
CAI A1BDC E . -12.94 -9.96 -21.44
CAA A1BDC E . -12.12 -11.24 -21.55
CAB A1BDC E . -12.58 -12.32 -20.87
NAC A1BDC E . -11.97 -13.42 -20.95
CAD A1BDC E . -10.90 -13.62 -21.62
CAH A1BDC E . -10.25 -14.97 -21.63
CAE A1BDC E . -10.39 -12.59 -22.36
OAG A1BDC E . -9.26 -12.85 -23.07
CAF A1BDC E . -11.01 -11.38 -22.32
CAO A1BDC E . -10.50 -10.33 -23.04
NAP A1BDC E . -9.43 -10.38 -23.74
CAQ A1BDC E . -8.75 -9.49 -24.31
CAR A1BDC E . -7.59 -9.89 -24.97
OAU A1BDC E . -6.96 -11.07 -24.87
OAT A1BDC E . -6.96 -9.14 -25.71
CAS A1BDC E . -9.11 -8.20 -24.29
CAV A1BDC E . -9.45 -7.46 -25.34
CAW A1BDC E . -9.84 -6.03 -25.19
C ACY F . -36.05 -16.53 -21.47
O ACY F . -35.33 -17.47 -21.05
OXT ACY F . -36.37 -15.50 -20.82
CH3 ACY F . -36.63 -16.63 -22.89
OAL A1BDC G . -27.70 1.98 -16.85
PAK A1BDC G . -26.30 2.70 -16.47
OAN A1BDC G . -25.34 1.46 -16.11
OAM A1BDC G . -25.90 3.24 -17.80
OAJ A1BDC G . -26.33 3.75 -15.28
CAI A1BDC G . -26.26 3.37 -13.92
CAA A1BDC G . -26.78 4.52 -13.06
CAB A1BDC G . -25.88 5.37 -12.54
NAC A1BDC G . -26.24 6.36 -11.83
CAD A1BDC G . -27.45 6.66 -11.59
CAH A1BDC G . -27.84 7.84 -10.74
CAE A1BDC G . -28.43 5.87 -12.08
OAG A1BDC G . -29.69 6.28 -11.76
CAF A1BDC G . -28.11 4.78 -12.84
CAO A1BDC G . -29.07 3.97 -13.37
NAP A1BDC G . -30.33 4.13 -13.20
CAQ A1BDC G . -31.33 3.39 -13.44
CAR A1BDC G . -32.57 3.87 -13.12
OAU A1BDC G . -33.71 3.25 -13.50
OAT A1BDC G . -32.76 4.89 -12.47
CAS A1BDC G . -31.20 2.16 -13.96
CAV A1BDC G . -31.47 1.66 -15.16
CAW A1BDC G . -31.17 0.20 -15.33
C TRS H . -13.81 5.89 -40.97
C1 TRS H . -13.43 4.71 -40.06
C2 TRS H . -13.32 5.73 -42.40
C3 TRS H . -13.30 7.20 -40.40
N TRS H . -15.30 5.99 -41.06
O1 TRS H . -14.56 3.92 -39.80
O2 TRS H . -12.34 6.68 -42.68
O3 TRS H . -13.11 7.03 -39.02
C1 PEG I . -30.14 23.07 -6.09
O1 PEG I . -29.53 23.59 -7.26
C2 PEG I . -31.55 22.60 -6.36
O2 PEG I . -32.44 23.68 -6.48
C3 PEG I . -33.69 23.49 -5.89
C4 PEG I . -34.73 23.26 -6.97
O4 PEG I . -34.54 21.99 -7.52
C1 EDO J . -0.13 9.06 -2.70
O1 EDO J . -0.57 10.41 -2.67
C2 EDO J . -0.85 8.42 -3.83
O2 EDO J . -0.38 9.11 -4.97
OAL A1BDC K . 22.86 3.09 11.07
PAK A1BDC K . 22.82 3.40 9.47
OAN A1BDC K . 21.45 4.28 9.38
OAM A1BDC K . 23.89 4.39 9.18
OAJ A1BDC K . 22.81 2.07 8.59
CAI A1BDC K . 23.76 1.03 8.81
CAA A1BDC K . 24.05 0.30 7.50
CAB A1BDC K . 23.26 -0.77 7.20
NAC A1BDC K . 23.42 -1.44 6.13
CAD A1BDC K . 24.31 -1.16 5.25
CAH A1BDC K . 24.46 -1.98 3.99
CAE A1BDC K . 25.15 -0.10 5.46
OAG A1BDC K . 26.07 0.13 4.47
CAF A1BDC K . 25.03 0.65 6.59
CAO A1BDC K . 25.86 1.73 6.80
NAP A1BDC K . 26.82 2.13 6.04
CAQ A1BDC K . 27.57 3.18 6.02
CAR A1BDC K . 28.56 3.29 5.05
OAU A1BDC K . 28.88 2.40 4.09
OAT A1BDC K . 29.27 4.27 5.00
CAS A1BDC K . 27.49 4.19 6.87
CAV A1BDC K . 28.15 4.40 8.01
CAW A1BDC K . 27.85 5.65 8.76
C1 EDO L . 14.74 1.27 18.57
O1 EDO L . 15.67 0.24 18.32
C2 EDO L . 15.37 2.59 18.23
O2 EDO L . 15.43 2.67 16.84
C1 EDO M . -2.15 10.76 18.37
O1 EDO M . -3.38 10.07 18.34
C2 EDO M . -2.35 11.63 17.20
O2 EDO M . -3.77 11.72 17.21
C TRS N . -0.52 17.36 14.44
C1 TRS N . 0.19 17.51 15.78
C2 TRS N . -0.91 15.91 14.18
C3 TRS N . 0.35 17.88 13.31
N TRS N . -1.78 18.18 14.48
O1 TRS N . 1.52 17.02 15.75
O2 TRS N . 0.06 15.25 13.38
O3 TRS N . 0.23 19.28 13.13
OAL A1BDC O . 16.59 4.97 24.45
PAK A1BDC O . 15.95 6.07 25.45
OAN A1BDC O . 16.60 7.42 24.86
OAM A1BDC O . 14.49 6.20 25.15
OAJ A1BDC O . 16.35 5.84 26.99
CAI A1BDC O . 16.51 4.53 27.54
CAA A1BDC O . 16.47 4.60 29.06
CAB A1BDC O . 17.66 4.56 29.70
NAC A1BDC O . 17.71 4.62 30.96
CAD A1BDC O . 16.69 4.71 31.72
CAH A1BDC O . 16.82 4.80 33.22
CAE A1BDC O . 15.45 4.77 31.15
OAG A1BDC O . 14.41 4.86 32.02
CAF A1BDC O . 15.33 4.70 29.80
CAO A1BDC O . 14.10 4.73 29.20
NAP A1BDC O . 12.98 4.82 29.83
CAQ A1BDC O . 11.77 5.03 29.48
CAR A1BDC O . 10.84 5.05 30.51
OAU A1BDC O . 11.09 5.05 31.83
OAT A1BDC O . 9.64 5.05 30.28
CAS A1BDC O . 11.36 5.23 28.21
CAV A1BDC O . 10.77 4.40 27.37
CAW A1BDC O . 10.42 4.86 25.98
NA NA P . 2.53 -5.43 -1.22
CL CL Q . 10.53 -8.20 24.34
K K R . 4.81 -9.28 1.67
K K S . -7.48 5.46 -36.54
K K T . -22.65 -0.81 -24.80
#